data_2CQI
#
_entry.id   2CQI
#
_cell.length_a   1.000
_cell.length_b   1.000
_cell.length_c   1.000
_cell.angle_alpha   90.00
_cell.angle_beta   90.00
_cell.angle_gamma   90.00
#
_symmetry.space_group_name_H-M   'P 1'
#
_entity_poly.entity_id   1
_entity_poly.type   'polypeptide(L)'
_entity_poly.pdbx_seq_one_letter_code
;GSSGSSGMMEDDGQPRTLYVGNLSRDVTEVLILQLFSQIGPCKSCKMITEHTSNDPYCFVEFYEHRDAAAALAAMNGRKI
LGKEVKVNWATTPSSQKSGPSSG
;
_entity_poly.pdbx_strand_id   A
#
# COMPACT_ATOMS: atom_id res chain seq x y z
N GLY A 1 -11.41 25.22 15.04
CA GLY A 1 -11.55 25.71 16.40
C GLY A 1 -11.46 24.61 17.43
N SER A 2 -10.25 24.41 17.97
CA SER A 2 -10.02 23.37 18.97
C SER A 2 -11.21 23.27 19.92
N SER A 3 -11.90 22.14 19.89
CA SER A 3 -13.06 21.91 20.74
C SER A 3 -13.34 20.42 20.89
N GLY A 4 -14.28 20.09 21.77
CA GLY A 4 -14.63 18.70 22.00
C GLY A 4 -16.02 18.36 21.48
N SER A 5 -16.07 17.77 20.30
CA SER A 5 -17.35 17.39 19.69
C SER A 5 -17.17 16.25 18.70
N SER A 6 -18.27 15.62 18.31
CA SER A 6 -18.24 14.50 17.38
C SER A 6 -17.50 14.89 16.10
N GLY A 7 -16.54 14.06 15.70
CA GLY A 7 -15.77 14.33 14.51
C GLY A 7 -16.60 14.20 13.24
N MET A 8 -16.04 14.60 12.12
CA MET A 8 -16.73 14.53 10.84
C MET A 8 -15.84 13.91 9.76
N MET A 9 -16.47 13.34 8.74
CA MET A 9 -15.73 12.70 7.65
C MET A 9 -16.39 12.99 6.31
N GLU A 10 -15.62 13.48 5.36
CA GLU A 10 -16.13 13.79 4.03
C GLU A 10 -15.56 12.85 2.98
N ASP A 11 -16.24 12.74 1.85
CA ASP A 11 -15.79 11.87 0.77
C ASP A 11 -14.77 12.58 -0.12
N ASP A 12 -13.52 12.12 -0.04
CA ASP A 12 -12.46 12.72 -0.84
C ASP A 12 -11.89 11.70 -1.83
N GLY A 13 -11.34 10.60 -1.29
CA GLY A 13 -10.78 9.57 -2.14
C GLY A 13 -10.06 8.50 -1.34
N GLN A 14 -10.82 7.48 -0.92
CA GLN A 14 -10.25 6.39 -0.14
C GLN A 14 -8.98 5.84 -0.80
N PRO A 15 -7.98 5.50 0.03
CA PRO A 15 -6.71 4.96 -0.46
C PRO A 15 -6.86 3.56 -1.03
N ARG A 16 -6.13 3.28 -2.12
CA ARG A 16 -6.18 1.97 -2.75
C ARG A 16 -4.78 1.45 -3.03
N THR A 17 -3.77 2.11 -2.45
CA THR A 17 -2.39 1.72 -2.65
C THR A 17 -1.70 1.47 -1.32
N LEU A 18 -0.90 0.40 -1.26
CA LEU A 18 -0.18 0.05 -0.04
C LEU A 18 1.31 -0.13 -0.32
N TYR A 19 2.14 0.20 0.67
CA TYR A 19 3.58 0.08 0.53
C TYR A 19 4.09 -1.18 1.23
N VAL A 20 4.73 -2.06 0.46
CA VAL A 20 5.27 -3.30 1.01
C VAL A 20 6.78 -3.22 1.18
N GLY A 21 7.24 -3.38 2.42
CA GLY A 21 8.67 -3.31 2.70
C GLY A 21 9.18 -4.56 3.39
N ASN A 22 10.49 -4.66 3.52
CA ASN A 22 11.11 -5.82 4.18
C ASN A 22 10.85 -7.09 3.38
N LEU A 23 11.01 -7.00 2.06
CA LEU A 23 10.79 -8.15 1.19
C LEU A 23 12.10 -8.89 0.91
N SER A 24 12.06 -10.21 0.99
CA SER A 24 13.25 -11.02 0.75
C SER A 24 13.67 -10.94 -0.71
N ARG A 25 14.97 -11.08 -0.95
CA ARG A 25 15.52 -11.02 -2.31
C ARG A 25 14.84 -12.06 -3.21
N ASP A 26 14.15 -13.02 -2.59
CA ASP A 26 13.46 -14.07 -3.33
C ASP A 26 12.09 -13.61 -3.75
N VAL A 27 11.50 -12.69 -2.99
CA VAL A 27 10.18 -12.16 -3.29
C VAL A 27 10.14 -11.52 -4.67
N THR A 28 9.02 -11.70 -5.37
CA THR A 28 8.87 -11.13 -6.70
C THR A 28 7.51 -10.46 -6.85
N GLU A 29 7.34 -9.70 -7.94
CA GLU A 29 6.09 -8.99 -8.19
C GLU A 29 4.93 -9.98 -8.32
N VAL A 30 5.17 -11.09 -9.02
CA VAL A 30 4.15 -12.10 -9.22
C VAL A 30 3.79 -12.78 -7.90
N LEU A 31 4.80 -13.04 -7.09
CA LEU A 31 4.59 -13.69 -5.79
C LEU A 31 3.66 -12.85 -4.91
N ILE A 32 3.96 -11.57 -4.79
CA ILE A 32 3.16 -10.66 -3.98
C ILE A 32 1.72 -10.63 -4.47
N LEU A 33 1.55 -10.47 -5.77
CA LEU A 33 0.22 -10.43 -6.38
C LEU A 33 -0.55 -11.70 -6.08
N GLN A 34 0.16 -12.82 -5.95
CA GLN A 34 -0.46 -14.10 -5.66
C GLN A 34 -1.03 -14.13 -4.25
N LEU A 35 -0.21 -13.75 -3.28
CA LEU A 35 -0.64 -13.73 -1.88
C LEU A 35 -1.75 -12.71 -1.67
N PHE A 36 -1.56 -11.51 -2.21
CA PHE A 36 -2.55 -10.44 -2.08
C PHE A 36 -3.81 -10.77 -2.86
N SER A 37 -3.64 -11.47 -3.98
CA SER A 37 -4.76 -11.85 -4.83
C SER A 37 -5.74 -12.74 -4.06
N GLN A 38 -5.20 -13.60 -3.21
CA GLN A 38 -6.03 -14.51 -2.42
C GLN A 38 -7.07 -13.74 -1.62
N ILE A 39 -6.71 -12.52 -1.21
CA ILE A 39 -7.62 -11.69 -0.44
C ILE A 39 -8.53 -10.87 -1.36
N GLY A 40 -7.93 -10.14 -2.29
CA GLY A 40 -8.71 -9.33 -3.21
C GLY A 40 -7.98 -9.09 -4.52
N PRO A 41 -8.68 -8.49 -5.49
CA PRO A 41 -8.12 -8.19 -6.81
C PRO A 41 -7.07 -7.09 -6.75
N CYS A 42 -5.94 -7.34 -7.39
CA CYS A 42 -4.85 -6.35 -7.41
C CYS A 42 -4.78 -5.65 -8.77
N LYS A 43 -4.95 -4.34 -8.76
CA LYS A 43 -4.91 -3.55 -9.98
C LYS A 43 -3.54 -3.66 -10.65
N SER A 44 -2.49 -3.44 -9.87
CA SER A 44 -1.14 -3.52 -10.39
C SER A 44 -0.12 -3.48 -9.26
N CYS A 45 1.01 -4.16 -9.46
CA CYS A 45 2.06 -4.20 -8.45
C CYS A 45 3.41 -3.81 -9.06
N LYS A 46 4.12 -2.90 -8.38
CA LYS A 46 5.42 -2.45 -8.86
C LYS A 46 6.49 -2.68 -7.80
N MET A 47 7.41 -3.61 -8.08
CA MET A 47 8.48 -3.92 -7.16
C MET A 47 9.70 -3.03 -7.41
N ILE A 48 10.05 -2.23 -6.41
CA ILE A 48 11.18 -1.32 -6.52
C ILE A 48 12.34 -1.79 -5.66
N THR A 49 13.50 -2.00 -6.28
CA THR A 49 14.68 -2.44 -5.56
C THR A 49 15.87 -1.51 -5.81
N GLU A 50 15.57 -0.23 -5.97
CA GLU A 50 16.60 0.77 -6.20
C GLU A 50 17.56 0.86 -5.02
N HIS A 51 17.01 0.85 -3.82
CA HIS A 51 17.81 0.93 -2.60
C HIS A 51 18.33 -0.46 -2.20
N THR A 52 19.64 -0.66 -2.34
CA THR A 52 20.26 -1.92 -1.99
C THR A 52 20.60 -1.99 -0.51
N SER A 53 21.10 -0.88 0.03
CA SER A 53 21.47 -0.81 1.44
C SER A 53 20.42 -1.51 2.31
N ASN A 54 19.16 -1.12 2.13
CA ASN A 54 18.07 -1.71 2.89
C ASN A 54 17.25 -2.67 2.03
N ASP A 55 16.41 -3.47 2.68
CA ASP A 55 15.58 -4.43 1.98
C ASP A 55 14.72 -3.74 0.91
N PRO A 56 14.36 -4.50 -0.12
CA PRO A 56 13.53 -3.98 -1.23
C PRO A 56 12.10 -3.69 -0.80
N TYR A 57 11.32 -3.11 -1.70
CA TYR A 57 9.94 -2.78 -1.42
C TYR A 57 9.11 -2.74 -2.70
N CYS A 58 7.82 -3.07 -2.58
CA CYS A 58 6.92 -3.08 -3.72
C CYS A 58 5.59 -2.43 -3.37
N PHE A 59 4.89 -1.92 -4.39
CA PHE A 59 3.61 -1.27 -4.19
C PHE A 59 2.46 -2.15 -4.68
N VAL A 60 1.39 -2.19 -3.92
CA VAL A 60 0.22 -3.00 -4.27
C VAL A 60 -1.05 -2.15 -4.31
N GLU A 61 -1.62 -2.00 -5.49
CA GLU A 61 -2.84 -1.22 -5.65
C GLU A 61 -4.05 -2.13 -5.85
N PHE A 62 -5.10 -1.87 -5.06
CA PHE A 62 -6.31 -2.68 -5.14
C PHE A 62 -7.41 -1.92 -5.89
N TYR A 63 -8.47 -2.64 -6.28
CA TYR A 63 -9.58 -2.04 -7.00
C TYR A 63 -10.43 -1.19 -6.07
N GLU A 64 -10.66 -1.68 -4.86
CA GLU A 64 -11.47 -0.96 -3.88
C GLU A 64 -10.68 -0.75 -2.59
N HIS A 65 -11.20 0.12 -1.72
CA HIS A 65 -10.56 0.40 -0.45
C HIS A 65 -10.74 -0.76 0.53
N ARG A 66 -11.88 -1.43 0.44
CA ARG A 66 -12.17 -2.56 1.32
C ARG A 66 -11.13 -3.66 1.16
N ASP A 67 -10.72 -3.90 -0.09
CA ASP A 67 -9.72 -4.92 -0.37
C ASP A 67 -8.35 -4.49 0.12
N ALA A 68 -7.96 -3.26 -0.18
CA ALA A 68 -6.67 -2.72 0.23
C ALA A 68 -6.52 -2.78 1.75
N ALA A 69 -7.57 -2.41 2.46
CA ALA A 69 -7.55 -2.43 3.92
C ALA A 69 -7.45 -3.86 4.45
N ALA A 70 -8.23 -4.75 3.86
CA ALA A 70 -8.23 -6.16 4.27
C ALA A 70 -6.87 -6.80 4.02
N ALA A 71 -6.33 -6.59 2.82
CA ALA A 71 -5.04 -7.16 2.46
C ALA A 71 -3.91 -6.49 3.24
N LEU A 72 -4.08 -5.20 3.50
CA LEU A 72 -3.07 -4.43 4.23
C LEU A 72 -2.86 -5.01 5.63
N ALA A 73 -3.96 -5.19 6.35
CA ALA A 73 -3.90 -5.74 7.70
C ALA A 73 -3.46 -7.20 7.69
N ALA A 74 -3.99 -7.96 6.75
CA ALA A 74 -3.65 -9.38 6.62
C ALA A 74 -2.18 -9.55 6.24
N MET A 75 -1.68 -8.67 5.38
CA MET A 75 -0.29 -8.74 4.95
C MET A 75 0.59 -7.90 5.86
N ASN A 76 -0.02 -7.02 6.63
CA ASN A 76 0.72 -6.16 7.55
C ASN A 76 1.59 -6.98 8.49
N GLY A 77 2.89 -7.04 8.19
CA GLY A 77 3.81 -7.79 9.01
C GLY A 77 3.61 -9.29 8.90
N ARG A 78 3.27 -9.74 7.69
CA ARG A 78 3.04 -11.16 7.46
C ARG A 78 4.35 -11.89 7.16
N LYS A 79 4.37 -13.19 7.39
CA LYS A 79 5.55 -14.00 7.17
C LYS A 79 5.57 -14.56 5.74
N ILE A 80 6.55 -14.13 4.96
CA ILE A 80 6.68 -14.60 3.58
C ILE A 80 8.12 -15.02 3.26
N LEU A 81 8.28 -16.26 2.86
CA LEU A 81 9.61 -16.78 2.52
C LEU A 81 10.55 -16.71 3.73
N GLY A 82 9.98 -16.84 4.93
CA GLY A 82 10.78 -16.79 6.14
C GLY A 82 11.12 -15.36 6.54
N LYS A 83 10.62 -14.40 5.78
CA LYS A 83 10.87 -13.00 6.06
C LYS A 83 9.57 -12.24 6.28
N GLU A 84 9.47 -11.53 7.41
CA GLU A 84 8.27 -10.76 7.73
C GLU A 84 8.21 -9.48 6.91
N VAL A 85 7.15 -9.34 6.11
CA VAL A 85 6.98 -8.16 5.28
C VAL A 85 6.06 -7.14 5.95
N LYS A 86 6.44 -5.87 5.86
CA LYS A 86 5.64 -4.80 6.46
C LYS A 86 4.78 -4.12 5.41
N VAL A 87 3.49 -3.96 5.72
CA VAL A 87 2.56 -3.32 4.80
C VAL A 87 1.85 -2.15 5.47
N ASN A 88 1.93 -0.98 4.85
CA ASN A 88 1.30 0.22 5.39
C ASN A 88 0.68 1.05 4.28
N TRP A 89 -0.23 1.95 4.66
CA TRP A 89 -0.90 2.81 3.68
C TRP A 89 0.10 3.75 3.01
N ALA A 90 0.20 3.64 1.68
CA ALA A 90 1.11 4.47 0.92
C ALA A 90 0.56 5.89 0.79
N THR A 91 0.98 6.77 1.71
CA THR A 91 0.53 8.15 1.68
C THR A 91 1.19 8.93 0.55
N THR A 92 0.50 9.97 0.08
CA THR A 92 1.02 10.80 -1.01
C THR A 92 0.73 12.27 -0.76
N PRO A 93 1.64 13.14 -1.25
CA PRO A 93 1.49 14.59 -1.08
C PRO A 93 0.36 15.15 -1.93
N SER A 94 -0.12 14.36 -2.89
CA SER A 94 -1.20 14.78 -3.77
C SER A 94 -2.23 15.61 -3.00
N SER A 95 -2.76 15.03 -1.92
CA SER A 95 -3.75 15.72 -1.10
C SER A 95 -3.25 17.09 -0.65
N GLN A 96 -4.13 18.08 -0.70
CA GLN A 96 -3.78 19.44 -0.31
C GLN A 96 -4.19 19.71 1.13
N LYS A 97 -5.40 19.28 1.48
CA LYS A 97 -5.92 19.48 2.83
C LYS A 97 -5.13 18.67 3.84
N SER A 98 -4.50 19.36 4.78
CA SER A 98 -3.70 18.70 5.81
C SER A 98 -4.07 19.21 7.20
N GLY A 99 -4.33 18.29 8.12
CA GLY A 99 -4.69 18.67 9.48
C GLY A 99 -4.51 17.53 10.47
N PRO A 100 -3.27 17.37 10.96
CA PRO A 100 -2.92 16.32 11.91
C PRO A 100 -3.54 16.57 13.29
N SER A 101 -3.30 15.65 14.21
CA SER A 101 -3.83 15.78 15.57
C SER A 101 -2.72 16.03 16.57
N SER A 102 -3.09 16.24 17.83
CA SER A 102 -2.11 16.49 18.88
C SER A 102 -2.35 15.57 20.08
N GLY A 103 -1.28 14.92 20.54
CA GLY A 103 -1.39 14.02 21.67
C GLY A 103 -0.29 14.23 22.69
N GLY A 1 -12.35 16.20 26.64
CA GLY A 1 -12.57 15.30 25.54
C GLY A 1 -13.06 13.93 25.98
N SER A 2 -13.51 13.12 25.02
CA SER A 2 -14.02 11.80 25.34
C SER A 2 -14.27 11.00 24.05
N SER A 3 -14.63 9.73 24.21
CA SER A 3 -14.88 8.86 23.07
C SER A 3 -15.78 7.69 23.46
N GLY A 4 -16.88 7.53 22.74
CA GLY A 4 -17.81 6.45 23.04
C GLY A 4 -18.13 5.62 21.81
N SER A 5 -18.90 6.19 20.89
CA SER A 5 -19.28 5.48 19.67
C SER A 5 -18.91 6.30 18.44
N SER A 6 -17.99 5.77 17.65
CA SER A 6 -17.53 6.44 16.44
C SER A 6 -18.16 5.81 15.19
N GLY A 7 -18.14 6.55 14.09
CA GLY A 7 -18.70 6.05 12.85
C GLY A 7 -19.07 7.15 11.89
N MET A 8 -18.54 7.10 10.67
CA MET A 8 -18.81 8.11 9.67
C MET A 8 -18.35 7.64 8.29
N MET A 9 -19.15 7.92 7.27
CA MET A 9 -18.83 7.53 5.90
C MET A 9 -18.41 8.74 5.07
N GLU A 10 -17.12 9.03 5.08
CA GLU A 10 -16.59 10.17 4.32
C GLU A 10 -16.09 9.72 2.95
N ASP A 11 -16.42 10.49 1.93
CA ASP A 11 -16.01 10.19 0.56
C ASP A 11 -14.86 11.09 0.13
N ASP A 12 -13.64 10.73 0.52
CA ASP A 12 -12.46 11.52 0.17
C ASP A 12 -11.41 10.63 -0.50
N GLY A 13 -11.62 10.30 -1.77
CA GLY A 13 -10.69 9.47 -2.50
C GLY A 13 -10.03 8.42 -1.61
N GLN A 14 -10.83 7.54 -1.05
CA GLN A 14 -10.32 6.48 -0.17
C GLN A 14 -9.03 5.89 -0.73
N PRO A 15 -8.09 5.55 0.17
CA PRO A 15 -6.81 4.97 -0.22
C PRO A 15 -6.94 3.56 -0.75
N ARG A 16 -6.24 3.27 -1.84
CA ARG A 16 -6.29 1.94 -2.45
C ARG A 16 -4.89 1.43 -2.74
N THR A 17 -3.89 2.15 -2.26
CA THR A 17 -2.49 1.76 -2.46
C THR A 17 -1.81 1.42 -1.15
N LEU A 18 -1.01 0.35 -1.17
CA LEU A 18 -0.30 -0.09 0.04
C LEU A 18 1.18 -0.30 -0.26
N TYR A 19 2.03 0.19 0.63
CA TYR A 19 3.47 0.05 0.47
C TYR A 19 3.98 -1.21 1.17
N VAL A 20 4.69 -2.05 0.43
CA VAL A 20 5.24 -3.28 0.97
C VAL A 20 6.75 -3.19 1.12
N GLY A 21 7.24 -3.34 2.35
CA GLY A 21 8.66 -3.27 2.60
C GLY A 21 9.18 -4.50 3.31
N ASN A 22 10.50 -4.60 3.43
CA ASN A 22 11.12 -5.75 4.09
C ASN A 22 10.84 -7.03 3.32
N LEU A 23 11.04 -7.00 2.01
CA LEU A 23 10.80 -8.15 1.16
C LEU A 23 12.10 -8.91 0.91
N SER A 24 12.06 -10.23 1.08
CA SER A 24 13.23 -11.07 0.88
C SER A 24 13.76 -10.93 -0.55
N ARG A 25 14.98 -11.42 -0.77
CA ARG A 25 15.60 -11.35 -2.09
C ARG A 25 14.90 -12.29 -3.07
N ASP A 26 14.18 -13.27 -2.54
CA ASP A 26 13.48 -14.23 -3.36
C ASP A 26 12.12 -13.68 -3.80
N VAL A 27 11.56 -12.78 -2.99
CA VAL A 27 10.27 -12.18 -3.29
C VAL A 27 10.24 -11.61 -4.71
N THR A 28 9.11 -11.79 -5.39
CA THR A 28 8.96 -11.30 -6.75
C THR A 28 7.60 -10.62 -6.94
N GLU A 29 7.51 -9.78 -7.97
CA GLU A 29 6.27 -9.07 -8.25
C GLU A 29 5.10 -10.04 -8.37
N VAL A 30 5.32 -11.14 -9.09
CA VAL A 30 4.28 -12.15 -9.29
C VAL A 30 3.92 -12.83 -7.98
N LEU A 31 4.92 -13.05 -7.14
CA LEU A 31 4.73 -13.70 -5.84
C LEU A 31 3.81 -12.85 -4.96
N ILE A 32 4.13 -11.58 -4.82
CA ILE A 32 3.34 -10.67 -4.01
C ILE A 32 1.90 -10.61 -4.49
N LEU A 33 1.73 -10.47 -5.80
CA LEU A 33 0.40 -10.40 -6.40
C LEU A 33 -0.39 -11.67 -6.10
N GLN A 34 0.31 -12.79 -6.02
CA GLN A 34 -0.33 -14.08 -5.74
C GLN A 34 -0.88 -14.12 -4.33
N LEU A 35 -0.05 -13.72 -3.36
CA LEU A 35 -0.46 -13.72 -1.96
C LEU A 35 -1.57 -12.68 -1.72
N PHE A 36 -1.39 -11.50 -2.28
CA PHE A 36 -2.38 -10.43 -2.13
C PHE A 36 -3.65 -10.76 -2.91
N SER A 37 -3.48 -11.38 -4.06
CA SER A 37 -4.62 -11.75 -4.91
C SER A 37 -5.60 -12.64 -4.14
N GLN A 38 -5.06 -13.53 -3.32
CA GLN A 38 -5.88 -14.44 -2.53
C GLN A 38 -6.91 -13.67 -1.72
N ILE A 39 -6.54 -12.48 -1.27
CA ILE A 39 -7.44 -11.64 -0.49
C ILE A 39 -8.40 -10.86 -1.38
N GLY A 40 -7.84 -10.15 -2.35
CA GLY A 40 -8.67 -9.38 -3.27
C GLY A 40 -7.96 -9.08 -4.57
N PRO A 41 -8.68 -8.45 -5.51
CA PRO A 41 -8.14 -8.10 -6.82
C PRO A 41 -7.11 -6.98 -6.74
N CYS A 42 -5.93 -7.22 -7.31
CA CYS A 42 -4.86 -6.23 -7.30
C CYS A 42 -4.77 -5.51 -8.64
N LYS A 43 -5.02 -4.21 -8.62
CA LYS A 43 -4.98 -3.39 -9.84
C LYS A 43 -3.62 -3.51 -10.51
N SER A 44 -2.56 -3.30 -9.73
CA SER A 44 -1.20 -3.38 -10.27
C SER A 44 -0.18 -3.40 -9.14
N CYS A 45 0.96 -4.05 -9.39
CA CYS A 45 2.02 -4.15 -8.39
C CYS A 45 3.35 -3.71 -8.97
N LYS A 46 4.05 -2.84 -8.25
CA LYS A 46 5.35 -2.33 -8.68
C LYS A 46 6.44 -2.69 -7.68
N MET A 47 7.35 -3.57 -8.09
CA MET A 47 8.45 -3.99 -7.22
C MET A 47 9.70 -3.17 -7.50
N ILE A 48 10.15 -2.42 -6.50
CA ILE A 48 11.35 -1.60 -6.64
C ILE A 48 12.48 -2.12 -5.76
N THR A 49 13.66 -2.28 -6.36
CA THR A 49 14.83 -2.77 -5.63
C THR A 49 16.04 -1.87 -5.88
N GLU A 50 15.79 -0.59 -6.11
CA GLU A 50 16.86 0.37 -6.36
C GLU A 50 17.80 0.46 -5.16
N HIS A 51 17.22 0.44 -3.96
CA HIS A 51 18.00 0.52 -2.74
C HIS A 51 18.51 -0.86 -2.32
N THR A 52 19.44 -1.40 -3.10
CA THR A 52 20.01 -2.71 -2.82
C THR A 52 20.52 -2.80 -1.38
N SER A 53 21.28 -1.79 -0.98
CA SER A 53 21.84 -1.75 0.38
C SER A 53 20.82 -2.26 1.39
N ASN A 54 19.59 -1.79 1.27
CA ASN A 54 18.52 -2.18 2.18
C ASN A 54 17.50 -3.07 1.47
N ASP A 55 16.63 -3.72 2.24
CA ASP A 55 15.61 -4.59 1.69
C ASP A 55 14.76 -3.84 0.66
N PRO A 56 14.35 -4.55 -0.39
CA PRO A 56 13.52 -3.98 -1.46
C PRO A 56 12.11 -3.67 -1.00
N TYR A 57 11.33 -3.01 -1.86
CA TYR A 57 9.95 -2.66 -1.53
C TYR A 57 9.10 -2.59 -2.79
N CYS A 58 7.84 -2.99 -2.66
CA CYS A 58 6.92 -2.97 -3.79
C CYS A 58 5.59 -2.32 -3.40
N PHE A 59 4.87 -1.81 -4.40
CA PHE A 59 3.59 -1.17 -4.15
C PHE A 59 2.43 -2.07 -4.60
N VAL A 60 1.36 -2.08 -3.81
CA VAL A 60 0.19 -2.90 -4.12
C VAL A 60 -1.07 -2.05 -4.14
N GLU A 61 -1.68 -1.92 -5.32
CA GLU A 61 -2.91 -1.15 -5.47
C GLU A 61 -4.10 -2.05 -5.73
N PHE A 62 -5.20 -1.76 -5.03
CA PHE A 62 -6.42 -2.56 -5.17
C PHE A 62 -7.52 -1.75 -5.87
N TYR A 63 -8.53 -2.44 -6.36
CA TYR A 63 -9.64 -1.79 -7.05
C TYR A 63 -10.59 -1.13 -6.05
N GLU A 64 -10.82 -1.81 -4.93
CA GLU A 64 -11.70 -1.29 -3.89
C GLU A 64 -10.92 -0.95 -2.64
N HIS A 65 -11.48 -0.05 -1.82
CA HIS A 65 -10.82 0.36 -0.58
C HIS A 65 -10.91 -0.75 0.47
N ARG A 66 -12.02 -1.47 0.48
CA ARG A 66 -12.22 -2.56 1.43
C ARG A 66 -11.14 -3.64 1.25
N ASP A 67 -10.84 -3.96 0.01
CA ASP A 67 -9.83 -4.97 -0.30
C ASP A 67 -8.45 -4.52 0.15
N ALA A 68 -8.10 -3.27 -0.17
CA ALA A 68 -6.81 -2.73 0.21
C ALA A 68 -6.60 -2.79 1.72
N ALA A 69 -7.64 -2.42 2.47
CA ALA A 69 -7.57 -2.44 3.92
C ALA A 69 -7.49 -3.87 4.46
N ALA A 70 -8.27 -4.77 3.84
CA ALA A 70 -8.28 -6.16 4.25
C ALA A 70 -6.93 -6.83 4.02
N ALA A 71 -6.37 -6.61 2.82
CA ALA A 71 -5.08 -7.18 2.46
C ALA A 71 -3.96 -6.52 3.24
N LEU A 72 -4.11 -5.23 3.50
CA LEU A 72 -3.10 -4.46 4.25
C LEU A 72 -2.88 -5.06 5.63
N ALA A 73 -3.97 -5.27 6.36
CA ALA A 73 -3.89 -5.84 7.70
C ALA A 73 -3.44 -7.30 7.66
N ALA A 74 -3.98 -8.04 6.70
CA ALA A 74 -3.64 -9.45 6.55
C ALA A 74 -2.16 -9.63 6.18
N MET A 75 -1.66 -8.73 5.34
CA MET A 75 -0.27 -8.78 4.91
C MET A 75 0.62 -7.95 5.84
N ASN A 76 0.00 -7.01 6.56
CA ASN A 76 0.73 -6.16 7.49
C ASN A 76 1.61 -6.99 8.41
N GLY A 77 2.93 -6.92 8.21
CA GLY A 77 3.85 -7.67 9.04
C GLY A 77 3.65 -9.17 8.92
N ARG A 78 3.19 -9.61 7.75
CA ARG A 78 2.96 -11.03 7.50
C ARG A 78 4.25 -11.74 7.15
N LYS A 79 4.35 -13.02 7.50
CA LYS A 79 5.53 -13.81 7.21
C LYS A 79 5.50 -14.33 5.79
N ILE A 80 6.52 -13.98 5.01
CA ILE A 80 6.61 -14.43 3.63
C ILE A 80 8.02 -14.91 3.29
N LEU A 81 8.13 -16.18 2.93
CA LEU A 81 9.42 -16.78 2.59
C LEU A 81 10.37 -16.73 3.79
N GLY A 82 9.82 -16.77 4.98
CA GLY A 82 10.63 -16.73 6.19
C GLY A 82 10.98 -15.32 6.60
N LYS A 83 10.58 -14.35 5.79
CA LYS A 83 10.85 -12.94 6.08
C LYS A 83 9.55 -12.17 6.29
N GLU A 84 9.46 -11.48 7.42
CA GLU A 84 8.27 -10.69 7.74
C GLU A 84 8.22 -9.41 6.92
N VAL A 85 7.18 -9.25 6.11
CA VAL A 85 7.02 -8.06 5.28
C VAL A 85 6.13 -7.03 5.94
N LYS A 86 6.51 -5.76 5.84
CA LYS A 86 5.74 -4.67 6.43
C LYS A 86 4.84 -4.00 5.39
N VAL A 87 3.54 -3.95 5.68
CA VAL A 87 2.59 -3.34 4.77
C VAL A 87 1.85 -2.20 5.44
N ASN A 88 1.83 -1.04 4.78
CA ASN A 88 1.15 0.14 5.32
C ASN A 88 0.54 0.97 4.20
N TRP A 89 -0.36 1.88 4.56
CA TRP A 89 -1.01 2.74 3.59
C TRP A 89 0.00 3.65 2.90
N ALA A 90 0.11 3.51 1.58
CA ALA A 90 1.03 4.32 0.80
C ALA A 90 0.40 5.67 0.42
N THR A 91 1.14 6.75 0.67
CA THR A 91 0.66 8.08 0.35
C THR A 91 1.43 8.69 -0.82
N THR A 92 1.03 9.88 -1.22
CA THR A 92 1.68 10.57 -2.33
C THR A 92 1.48 12.08 -2.24
N PRO A 93 2.52 12.85 -2.63
CA PRO A 93 2.47 14.31 -2.60
C PRO A 93 1.54 14.88 -3.66
N SER A 94 0.32 15.21 -3.25
CA SER A 94 -0.67 15.77 -4.16
C SER A 94 -1.84 16.38 -3.40
N SER A 95 -1.97 17.70 -3.48
CA SER A 95 -3.04 18.40 -2.79
C SER A 95 -4.16 18.78 -3.76
N GLN A 96 -5.22 17.98 -3.76
CA GLN A 96 -6.36 18.23 -4.64
C GLN A 96 -7.02 19.57 -4.32
N LYS A 97 -7.64 20.17 -5.32
CA LYS A 97 -8.31 21.46 -5.14
C LYS A 97 -9.76 21.25 -4.73
N SER A 98 -10.00 20.26 -3.88
CA SER A 98 -11.35 19.97 -3.41
C SER A 98 -11.84 21.06 -2.46
N GLY A 99 -13.16 21.28 -2.46
CA GLY A 99 -13.74 22.29 -1.60
C GLY A 99 -15.25 22.36 -1.73
N PRO A 100 -15.82 23.52 -1.35
CA PRO A 100 -17.27 23.74 -1.41
C PRO A 100 -17.78 23.83 -2.84
N SER A 101 -18.44 22.78 -3.30
CA SER A 101 -18.98 22.75 -4.65
C SER A 101 -20.42 23.25 -4.68
N SER A 102 -20.90 23.61 -5.87
CA SER A 102 -22.26 24.10 -6.03
C SER A 102 -23.28 22.99 -5.80
N GLY A 103 -24.49 23.37 -5.44
CA GLY A 103 -25.54 22.40 -5.20
C GLY A 103 -25.62 21.98 -3.75
N GLY A 1 -1.98 18.32 -31.79
CA GLY A 1 -2.12 18.17 -30.34
C GLY A 1 -3.58 18.01 -29.92
N SER A 2 -3.81 17.07 -29.02
CA SER A 2 -5.17 16.81 -28.53
C SER A 2 -5.15 16.30 -27.10
N SER A 3 -5.85 16.99 -26.21
CA SER A 3 -5.91 16.62 -24.80
C SER A 3 -7.33 16.23 -24.40
N GLY A 4 -7.45 15.47 -23.31
CA GLY A 4 -8.75 15.06 -22.84
C GLY A 4 -8.68 14.35 -21.49
N SER A 5 -9.76 14.42 -20.74
CA SER A 5 -9.82 13.79 -19.42
C SER A 5 -11.07 12.92 -19.29
N SER A 6 -10.86 11.64 -19.03
CA SER A 6 -11.97 10.70 -18.88
C SER A 6 -13.03 11.26 -17.93
N GLY A 7 -14.21 10.64 -17.95
CA GLY A 7 -15.29 11.08 -17.10
C GLY A 7 -14.82 11.38 -15.68
N MET A 8 -15.40 12.41 -15.08
CA MET A 8 -15.03 12.80 -13.72
C MET A 8 -15.64 11.83 -12.70
N MET A 9 -15.03 11.77 -11.51
CA MET A 9 -15.50 10.88 -10.45
C MET A 9 -15.80 11.68 -9.18
N GLU A 10 -17.06 11.64 -8.75
CA GLU A 10 -17.47 12.36 -7.54
C GLU A 10 -17.39 11.45 -6.32
N ASP A 11 -16.38 11.67 -5.49
CA ASP A 11 -16.19 10.88 -4.28
C ASP A 11 -15.11 11.48 -3.39
N ASP A 12 -14.91 10.89 -2.22
CA ASP A 12 -13.91 11.37 -1.28
C ASP A 12 -12.49 11.11 -1.80
N GLY A 13 -12.18 9.83 -2.02
CA GLY A 13 -10.87 9.46 -2.51
C GLY A 13 -10.16 8.49 -1.59
N GLN A 14 -10.89 7.49 -1.11
CA GLN A 14 -10.32 6.49 -0.22
C GLN A 14 -9.04 5.90 -0.80
N PRO A 15 -8.07 5.62 0.08
CA PRO A 15 -6.78 5.05 -0.33
C PRO A 15 -6.90 3.61 -0.81
N ARG A 16 -6.20 3.30 -1.90
CA ARG A 16 -6.24 1.95 -2.46
C ARG A 16 -4.83 1.45 -2.78
N THR A 17 -3.83 2.11 -2.20
CA THR A 17 -2.44 1.75 -2.41
C THR A 17 -1.76 1.38 -1.09
N LEU A 18 -0.96 0.31 -1.12
CA LEU A 18 -0.25 -0.13 0.08
C LEU A 18 1.23 -0.37 -0.23
N TYR A 19 2.09 0.12 0.66
CA TYR A 19 3.53 -0.03 0.48
C TYR A 19 4.03 -1.27 1.20
N VAL A 20 4.71 -2.15 0.45
CA VAL A 20 5.24 -3.38 1.02
C VAL A 20 6.75 -3.30 1.17
N GLY A 21 7.22 -3.39 2.41
CA GLY A 21 8.65 -3.33 2.68
C GLY A 21 9.14 -4.53 3.46
N ASN A 22 10.47 -4.66 3.55
CA ASN A 22 11.07 -5.78 4.26
C ASN A 22 10.84 -7.10 3.54
N LEU A 23 10.98 -7.07 2.21
CA LEU A 23 10.77 -8.25 1.39
C LEU A 23 12.10 -8.96 1.13
N SER A 24 12.07 -10.28 1.09
CA SER A 24 13.27 -11.07 0.85
C SER A 24 13.75 -10.91 -0.59
N ARG A 25 15.06 -10.78 -0.75
CA ARG A 25 15.65 -10.62 -2.07
C ARG A 25 15.06 -11.60 -3.07
N ASP A 26 14.48 -12.68 -2.55
CA ASP A 26 13.86 -13.70 -3.39
C ASP A 26 12.47 -13.27 -3.85
N VAL A 27 11.76 -12.59 -2.96
CA VAL A 27 10.41 -12.12 -3.26
C VAL A 27 10.33 -11.56 -4.67
N THR A 28 9.22 -11.83 -5.36
CA THR A 28 9.02 -11.36 -6.72
C THR A 28 7.68 -10.63 -6.86
N GLU A 29 7.59 -9.77 -7.85
CA GLU A 29 6.37 -9.01 -8.10
C GLU A 29 5.17 -9.94 -8.25
N VAL A 30 5.36 -11.02 -9.00
CA VAL A 30 4.30 -12.00 -9.23
C VAL A 30 3.91 -12.69 -7.93
N LEU A 31 4.90 -12.96 -7.08
CA LEU A 31 4.66 -13.63 -5.81
C LEU A 31 3.72 -12.80 -4.93
N ILE A 32 4.04 -11.51 -4.77
CA ILE A 32 3.23 -10.61 -3.96
C ILE A 32 1.80 -10.55 -4.48
N LEU A 33 1.66 -10.37 -5.79
CA LEU A 33 0.34 -10.30 -6.41
C LEU A 33 -0.46 -11.57 -6.15
N GLN A 34 0.24 -12.69 -6.03
CA GLN A 34 -0.41 -13.97 -5.78
C GLN A 34 -0.99 -14.01 -4.37
N LEU A 35 -0.19 -13.63 -3.39
CA LEU A 35 -0.62 -13.63 -2.00
C LEU A 35 -1.74 -12.62 -1.78
N PHE A 36 -1.55 -11.42 -2.30
CA PHE A 36 -2.55 -10.35 -2.17
C PHE A 36 -3.79 -10.68 -2.99
N SER A 37 -3.59 -11.31 -4.14
CA SER A 37 -4.69 -11.67 -5.02
C SER A 37 -5.68 -12.60 -4.31
N GLN A 38 -5.15 -13.46 -3.45
CA GLN A 38 -5.98 -14.39 -2.71
C GLN A 38 -7.01 -13.66 -1.86
N ILE A 39 -6.65 -12.46 -1.42
CA ILE A 39 -7.54 -11.66 -0.59
C ILE A 39 -8.48 -10.82 -1.45
N GLY A 40 -7.90 -10.08 -2.40
CA GLY A 40 -8.69 -9.25 -3.28
C GLY A 40 -8.01 -8.97 -4.60
N PRO A 41 -8.74 -8.36 -5.54
CA PRO A 41 -8.22 -8.02 -6.87
C PRO A 41 -7.18 -6.91 -6.81
N CYS A 42 -5.99 -7.19 -7.34
CA CYS A 42 -4.91 -6.21 -7.35
C CYS A 42 -4.87 -5.46 -8.68
N LYS A 43 -5.03 -4.15 -8.62
CA LYS A 43 -5.01 -3.32 -9.82
C LYS A 43 -3.65 -3.39 -10.50
N SER A 44 -2.59 -3.18 -9.73
CA SER A 44 -1.23 -3.21 -10.27
C SER A 44 -0.21 -3.29 -9.13
N CYS A 45 0.90 -3.98 -9.39
CA CYS A 45 1.96 -4.15 -8.40
C CYS A 45 3.30 -3.70 -8.96
N LYS A 46 4.01 -2.87 -8.20
CA LYS A 46 5.32 -2.37 -8.63
C LYS A 46 6.40 -2.77 -7.64
N MET A 47 7.33 -3.60 -8.08
CA MET A 47 8.43 -4.05 -7.22
C MET A 47 9.69 -3.25 -7.49
N ILE A 48 10.16 -2.53 -6.48
CA ILE A 48 11.37 -1.72 -6.60
C ILE A 48 12.52 -2.34 -5.85
N THR A 49 13.63 -2.59 -6.55
CA THR A 49 14.81 -3.17 -5.94
C THR A 49 16.08 -2.44 -6.37
N GLU A 50 15.98 -1.12 -6.49
CA GLU A 50 17.11 -0.30 -6.89
C GLU A 50 17.31 0.87 -5.92
N HIS A 51 16.66 0.77 -4.76
CA HIS A 51 16.77 1.82 -3.75
C HIS A 51 17.69 1.39 -2.61
N THR A 52 18.72 2.19 -2.34
CA THR A 52 19.67 1.89 -1.29
C THR A 52 18.96 1.48 -0.01
N SER A 53 18.89 0.18 0.24
CA SER A 53 18.23 -0.34 1.43
C SER A 53 18.56 -1.82 1.64
N ASN A 54 18.44 -2.28 2.88
CA ASN A 54 18.72 -3.67 3.21
C ASN A 54 17.84 -4.62 2.40
N ASP A 55 16.56 -4.30 2.31
CA ASP A 55 15.62 -5.13 1.55
C ASP A 55 14.78 -4.27 0.62
N PRO A 56 14.38 -4.85 -0.52
CA PRO A 56 13.57 -4.16 -1.53
C PRO A 56 12.14 -3.91 -1.05
N TYR A 57 11.36 -3.20 -1.86
CA TYR A 57 9.98 -2.89 -1.51
C TYR A 57 9.12 -2.80 -2.76
N CYS A 58 7.84 -3.17 -2.63
CA CYS A 58 6.91 -3.12 -3.74
C CYS A 58 5.58 -2.53 -3.31
N PHE A 59 4.88 -1.89 -4.24
CA PHE A 59 3.59 -1.28 -3.96
C PHE A 59 2.45 -2.16 -4.47
N VAL A 60 1.35 -2.19 -3.72
CA VAL A 60 0.19 -2.99 -4.09
C VAL A 60 -1.08 -2.15 -4.10
N GLU A 61 -1.69 -2.03 -5.28
CA GLU A 61 -2.92 -1.25 -5.41
C GLU A 61 -4.12 -2.16 -5.66
N PHE A 62 -5.21 -1.87 -4.96
CA PHE A 62 -6.44 -2.66 -5.09
C PHE A 62 -7.51 -1.88 -5.85
N TYR A 63 -8.53 -2.60 -6.31
CA TYR A 63 -9.62 -1.98 -7.05
C TYR A 63 -10.54 -1.20 -6.11
N GLU A 64 -10.75 -1.74 -4.92
CA GLU A 64 -11.61 -1.10 -3.93
C GLU A 64 -10.83 -0.80 -2.65
N HIS A 65 -11.37 0.11 -1.84
CA HIS A 65 -10.73 0.48 -0.57
C HIS A 65 -10.89 -0.63 0.45
N ARG A 66 -12.01 -1.34 0.40
CA ARG A 66 -12.27 -2.42 1.34
C ARG A 66 -11.23 -3.53 1.20
N ASP A 67 -10.87 -3.83 -0.04
CA ASP A 67 -9.88 -4.87 -0.32
C ASP A 67 -8.50 -4.45 0.17
N ALA A 68 -8.12 -3.21 -0.15
CA ALA A 68 -6.82 -2.69 0.25
C ALA A 68 -6.65 -2.76 1.76
N ALA A 69 -7.69 -2.41 2.50
CA ALA A 69 -7.66 -2.43 3.95
C ALA A 69 -7.57 -3.86 4.47
N ALA A 70 -8.32 -4.76 3.85
CA ALA A 70 -8.32 -6.16 4.26
C ALA A 70 -6.96 -6.80 4.01
N ALA A 71 -6.41 -6.59 2.82
CA ALA A 71 -5.12 -7.15 2.46
C ALA A 71 -4.01 -6.49 3.27
N LEU A 72 -4.16 -5.21 3.55
CA LEU A 72 -3.17 -4.45 4.31
C LEU A 72 -2.96 -5.06 5.69
N ALA A 73 -4.06 -5.27 6.41
CA ALA A 73 -4.01 -5.85 7.74
C ALA A 73 -3.57 -7.31 7.70
N ALA A 74 -4.09 -8.05 6.73
CA ALA A 74 -3.75 -9.46 6.57
C ALA A 74 -2.28 -9.63 6.18
N MET A 75 -1.78 -8.69 5.37
CA MET A 75 -0.39 -8.75 4.93
C MET A 75 0.50 -7.90 5.84
N ASN A 76 -0.13 -7.07 6.67
CA ASN A 76 0.60 -6.22 7.60
C ASN A 76 1.50 -7.04 8.51
N GLY A 77 2.79 -7.09 8.19
CA GLY A 77 3.72 -7.85 9.00
C GLY A 77 3.55 -9.34 8.85
N ARG A 78 3.21 -9.78 7.63
CA ARG A 78 3.02 -11.19 7.35
C ARG A 78 4.35 -11.89 7.10
N LYS A 79 4.41 -13.18 7.41
CA LYS A 79 5.62 -13.96 7.22
C LYS A 79 5.68 -14.54 5.81
N ILE A 80 6.67 -14.09 5.03
CA ILE A 80 6.84 -14.57 3.67
C ILE A 80 8.30 -14.93 3.39
N LEU A 81 8.51 -16.18 2.99
CA LEU A 81 9.87 -16.64 2.69
C LEU A 81 10.78 -16.51 3.91
N GLY A 82 10.19 -16.68 5.09
CA GLY A 82 10.96 -16.58 6.31
C GLY A 82 11.27 -15.15 6.70
N LYS A 83 10.77 -14.20 5.90
CA LYS A 83 10.99 -12.79 6.15
C LYS A 83 9.66 -12.05 6.35
N GLU A 84 9.51 -11.39 7.49
CA GLU A 84 8.30 -10.65 7.79
C GLU A 84 8.22 -9.38 6.95
N VAL A 85 7.16 -9.28 6.14
CA VAL A 85 6.95 -8.11 5.29
C VAL A 85 6.05 -7.09 5.96
N LYS A 86 6.43 -5.83 5.90
CA LYS A 86 5.66 -4.75 6.50
C LYS A 86 4.79 -4.06 5.45
N VAL A 87 3.48 -4.08 5.66
CA VAL A 87 2.55 -3.45 4.72
C VAL A 87 1.80 -2.30 5.39
N ASN A 88 1.78 -1.15 4.72
CA ASN A 88 1.10 0.03 5.25
C ASN A 88 0.46 0.84 4.13
N TRP A 89 -0.41 1.76 4.49
CA TRP A 89 -1.09 2.61 3.51
C TRP A 89 -0.10 3.51 2.79
N ALA A 90 -0.03 3.38 1.47
CA ALA A 90 0.87 4.19 0.67
C ALA A 90 0.30 5.58 0.43
N THR A 91 1.03 6.59 0.87
CA THR A 91 0.60 7.98 0.71
C THR A 91 1.69 8.83 0.08
N THR A 92 1.34 10.04 -0.32
CA THR A 92 2.28 10.96 -0.95
C THR A 92 3.34 11.41 0.05
N PRO A 93 4.58 11.58 -0.43
CA PRO A 93 5.70 12.02 0.40
C PRO A 93 5.57 13.47 0.84
N SER A 94 5.56 13.69 2.15
CA SER A 94 5.43 15.04 2.70
C SER A 94 6.75 15.78 2.63
N SER A 95 6.69 17.11 2.55
CA SER A 95 7.89 17.94 2.47
C SER A 95 8.72 17.81 3.75
N GLN A 96 10.02 18.04 3.63
CA GLN A 96 10.91 17.96 4.77
C GLN A 96 10.38 18.77 5.95
N LYS A 97 10.71 18.33 7.16
CA LYS A 97 10.27 19.02 8.37
C LYS A 97 11.24 20.13 8.74
N SER A 98 10.88 21.36 8.41
CA SER A 98 11.71 22.51 8.72
C SER A 98 11.90 22.66 10.22
N GLY A 99 13.13 22.46 10.68
CA GLY A 99 13.41 22.58 12.10
C GLY A 99 14.61 21.75 12.52
N PRO A 100 14.93 21.76 13.82
CA PRO A 100 16.05 21.01 14.38
C PRO A 100 15.82 19.51 14.35
N SER A 101 16.90 18.75 14.27
CA SER A 101 16.81 17.29 14.23
C SER A 101 17.71 16.67 15.29
N SER A 102 18.95 17.16 15.38
CA SER A 102 19.91 16.66 16.35
C SER A 102 19.52 17.06 17.77
N GLY A 103 20.00 16.29 18.75
CA GLY A 103 19.69 16.59 20.13
C GLY A 103 18.23 16.93 20.34
N GLY A 1 -32.29 5.45 22.15
CA GLY A 1 -31.67 4.68 21.10
C GLY A 1 -30.20 5.02 20.92
N SER A 2 -29.90 5.79 19.87
CA SER A 2 -28.52 6.20 19.59
C SER A 2 -28.49 7.43 18.69
N SER A 3 -27.45 8.24 18.85
CA SER A 3 -27.30 9.45 18.05
C SER A 3 -25.83 9.81 17.88
N GLY A 4 -25.46 10.22 16.67
CA GLY A 4 -24.08 10.59 16.40
C GLY A 4 -23.56 10.00 15.11
N SER A 5 -23.13 8.73 15.16
CA SER A 5 -22.60 8.05 14.00
C SER A 5 -23.52 8.26 12.79
N SER A 6 -23.04 9.05 11.83
CA SER A 6 -23.82 9.33 10.62
C SER A 6 -23.37 8.43 9.47
N GLY A 7 -22.06 8.31 9.30
CA GLY A 7 -21.53 7.48 8.23
C GLY A 7 -21.94 7.97 6.85
N MET A 8 -21.08 8.76 6.22
CA MET A 8 -21.36 9.29 4.90
C MET A 8 -20.31 8.83 3.89
N MET A 9 -20.61 7.72 3.20
CA MET A 9 -19.71 7.17 2.20
C MET A 9 -19.91 7.84 0.85
N GLU A 10 -18.91 8.56 0.38
CA GLU A 10 -18.98 9.24 -0.90
C GLU A 10 -17.60 9.30 -1.58
N ASP A 11 -17.61 9.50 -2.89
CA ASP A 11 -16.36 9.58 -3.65
C ASP A 11 -15.56 10.80 -3.25
N ASP A 12 -14.75 10.66 -2.20
CA ASP A 12 -13.92 11.76 -1.71
C ASP A 12 -12.45 11.52 -2.05
N GLY A 13 -11.91 10.41 -1.55
CA GLY A 13 -10.52 10.10 -1.80
C GLY A 13 -9.99 9.01 -0.88
N GLN A 14 -10.39 7.77 -1.14
CA GLN A 14 -9.96 6.64 -0.33
C GLN A 14 -8.69 6.02 -0.89
N PRO A 15 -7.78 5.60 0.00
CA PRO A 15 -6.51 4.98 -0.39
C PRO A 15 -6.71 3.60 -0.97
N ARG A 16 -6.03 3.33 -2.09
CA ARG A 16 -6.13 2.03 -2.76
C ARG A 16 -4.75 1.45 -3.02
N THR A 17 -3.72 2.14 -2.53
CA THR A 17 -2.34 1.70 -2.71
C THR A 17 -1.68 1.39 -1.38
N LEU A 18 -0.97 0.27 -1.32
CA LEU A 18 -0.29 -0.14 -0.10
C LEU A 18 1.20 -0.34 -0.35
N TYR A 19 2.03 0.09 0.60
CA TYR A 19 3.47 -0.04 0.48
C TYR A 19 3.97 -1.27 1.22
N VAL A 20 4.70 -2.12 0.50
CA VAL A 20 5.23 -3.35 1.07
C VAL A 20 6.75 -3.27 1.22
N GLY A 21 7.23 -3.37 2.46
CA GLY A 21 8.65 -3.31 2.72
C GLY A 21 9.18 -4.57 3.38
N ASN A 22 10.49 -4.67 3.48
CA ASN A 22 11.13 -5.84 4.11
C ASN A 22 10.85 -7.10 3.29
N LEU A 23 11.11 -7.02 2.00
CA LEU A 23 10.90 -8.15 1.10
C LEU A 23 12.20 -8.92 0.87
N SER A 24 12.11 -10.24 0.82
CA SER A 24 13.27 -11.08 0.60
C SER A 24 13.72 -11.04 -0.87
N ARG A 25 15.02 -11.09 -1.09
CA ARG A 25 15.56 -11.07 -2.45
C ARG A 25 14.85 -12.08 -3.34
N ASP A 26 14.22 -13.07 -2.71
CA ASP A 26 13.50 -14.10 -3.45
C ASP A 26 12.11 -13.62 -3.86
N VAL A 27 11.52 -12.76 -3.02
CA VAL A 27 10.19 -12.23 -3.29
C VAL A 27 10.14 -11.52 -4.64
N THR A 28 9.09 -11.77 -5.40
CA THR A 28 8.92 -11.16 -6.71
C THR A 28 7.55 -10.49 -6.83
N GLU A 29 7.35 -9.77 -7.93
CA GLU A 29 6.09 -9.09 -8.17
C GLU A 29 4.95 -10.09 -8.28
N VAL A 30 5.20 -11.20 -8.95
CA VAL A 30 4.18 -12.24 -9.13
C VAL A 30 3.83 -12.88 -7.79
N LEU A 31 4.84 -13.15 -6.98
CA LEU A 31 4.63 -13.76 -5.66
C LEU A 31 3.74 -12.89 -4.79
N ILE A 32 4.09 -11.61 -4.68
CA ILE A 32 3.32 -10.67 -3.89
C ILE A 32 1.87 -10.60 -4.35
N LEU A 33 1.68 -10.47 -5.66
CA LEU A 33 0.35 -10.39 -6.24
C LEU A 33 -0.44 -11.67 -5.94
N GLN A 34 0.26 -12.78 -5.85
CA GLN A 34 -0.38 -14.07 -5.56
C GLN A 34 -0.94 -14.10 -4.15
N LEU A 35 -0.12 -13.72 -3.18
CA LEU A 35 -0.54 -13.70 -1.78
C LEU A 35 -1.65 -12.68 -1.56
N PHE A 36 -1.47 -11.49 -2.10
CA PHE A 36 -2.47 -10.42 -1.97
C PHE A 36 -3.73 -10.76 -2.75
N SER A 37 -3.54 -11.42 -3.90
CA SER A 37 -4.67 -11.78 -4.75
C SER A 37 -5.68 -12.64 -3.98
N GLN A 38 -5.16 -13.54 -3.15
CA GLN A 38 -6.01 -14.42 -2.35
C GLN A 38 -7.02 -13.62 -1.54
N ILE A 39 -6.63 -12.40 -1.15
CA ILE A 39 -7.50 -11.53 -0.37
C ILE A 39 -8.44 -10.74 -1.28
N GLY A 40 -7.86 -10.10 -2.30
CA GLY A 40 -8.66 -9.32 -3.23
C GLY A 40 -7.94 -9.06 -4.53
N PRO A 41 -8.66 -8.45 -5.49
CA PRO A 41 -8.11 -8.13 -6.81
C PRO A 41 -7.07 -7.02 -6.75
N CYS A 42 -5.89 -7.29 -7.28
CA CYS A 42 -4.80 -6.31 -7.29
C CYS A 42 -4.73 -5.59 -8.63
N LYS A 43 -5.02 -4.29 -8.62
CA LYS A 43 -5.00 -3.49 -9.82
C LYS A 43 -3.64 -3.59 -10.51
N SER A 44 -2.57 -3.38 -9.74
CA SER A 44 -1.22 -3.45 -10.28
C SER A 44 -0.19 -3.43 -9.16
N CYS A 45 0.92 -4.13 -9.37
CA CYS A 45 1.98 -4.18 -8.38
C CYS A 45 3.33 -3.80 -8.99
N LYS A 46 4.03 -2.89 -8.32
CA LYS A 46 5.33 -2.43 -8.81
C LYS A 46 6.40 -2.64 -7.75
N MET A 47 7.31 -3.57 -8.00
CA MET A 47 8.40 -3.86 -7.07
C MET A 47 9.61 -3.00 -7.36
N ILE A 48 10.00 -2.19 -6.38
CA ILE A 48 11.14 -1.30 -6.52
C ILE A 48 12.30 -1.75 -5.64
N THR A 49 13.48 -1.90 -6.24
CA THR A 49 14.67 -2.33 -5.51
C THR A 49 15.84 -1.38 -5.77
N GLU A 50 15.52 -0.13 -6.09
CA GLU A 50 16.55 0.86 -6.36
C GLU A 50 16.99 1.56 -5.08
N HIS A 51 16.61 0.99 -3.94
CA HIS A 51 16.96 1.56 -2.64
C HIS A 51 17.99 0.69 -1.93
N THR A 52 19.06 1.32 -1.45
CA THR A 52 20.12 0.60 -0.75
C THR A 52 19.76 0.41 0.72
N SER A 53 18.55 -0.06 0.99
CA SER A 53 18.09 -0.28 2.34
C SER A 53 18.26 -1.75 2.74
N ASN A 54 17.91 -2.07 3.98
CA ASN A 54 18.03 -3.43 4.49
C ASN A 54 17.36 -4.42 3.54
N ASP A 55 16.32 -3.96 2.84
CA ASP A 55 15.59 -4.80 1.90
C ASP A 55 14.76 -3.96 0.95
N PRO A 56 14.45 -4.52 -0.23
CA PRO A 56 13.65 -3.83 -1.25
C PRO A 56 12.19 -3.67 -0.83
N TYR A 57 11.43 -2.96 -1.65
CA TYR A 57 10.01 -2.72 -1.36
C TYR A 57 9.19 -2.74 -2.64
N CYS A 58 7.91 -3.05 -2.51
CA CYS A 58 7.00 -3.10 -3.65
C CYS A 58 5.67 -2.43 -3.33
N PHE A 59 4.96 -2.01 -4.37
CA PHE A 59 3.67 -1.35 -4.20
C PHE A 59 2.53 -2.26 -4.65
N VAL A 60 1.41 -2.18 -3.94
CA VAL A 60 0.25 -3.00 -4.26
C VAL A 60 -1.03 -2.15 -4.27
N GLU A 61 -1.66 -2.05 -5.45
CA GLU A 61 -2.88 -1.29 -5.59
C GLU A 61 -4.09 -2.20 -5.78
N PHE A 62 -5.18 -1.88 -5.09
CA PHE A 62 -6.40 -2.68 -5.19
C PHE A 62 -7.50 -1.91 -5.91
N TYR A 63 -8.50 -2.64 -6.39
CA TYR A 63 -9.61 -2.02 -7.10
C TYR A 63 -10.47 -1.19 -6.16
N GLU A 64 -10.75 -1.73 -4.98
CA GLU A 64 -11.56 -1.03 -3.99
C GLU A 64 -10.75 -0.76 -2.72
N HIS A 65 -11.24 0.17 -1.91
CA HIS A 65 -10.57 0.53 -0.66
C HIS A 65 -10.73 -0.57 0.38
N ARG A 66 -11.89 -1.21 0.36
CA ARG A 66 -12.18 -2.29 1.31
C ARG A 66 -11.17 -3.42 1.18
N ASP A 67 -10.83 -3.76 -0.06
CA ASP A 67 -9.88 -4.83 -0.33
C ASP A 67 -8.48 -4.42 0.12
N ALA A 68 -8.10 -3.19 -0.18
CA ALA A 68 -6.78 -2.68 0.19
C ALA A 68 -6.58 -2.75 1.71
N ALA A 69 -7.60 -2.35 2.45
CA ALA A 69 -7.53 -2.37 3.90
C ALA A 69 -7.50 -3.80 4.44
N ALA A 70 -8.31 -4.66 3.84
CA ALA A 70 -8.37 -6.07 4.24
C ALA A 70 -7.05 -6.77 3.99
N ALA A 71 -6.49 -6.57 2.80
CA ALA A 71 -5.22 -7.19 2.44
C ALA A 71 -4.06 -6.54 3.17
N LEU A 72 -4.15 -5.24 3.40
CA LEU A 72 -3.12 -4.49 4.10
C LEU A 72 -2.89 -5.06 5.50
N ALA A 73 -3.97 -5.20 6.24
CA ALA A 73 -3.90 -5.74 7.60
C ALA A 73 -3.50 -7.21 7.58
N ALA A 74 -4.06 -7.96 6.65
CA ALA A 74 -3.75 -9.38 6.52
C ALA A 74 -2.32 -9.61 6.08
N MET A 75 -1.76 -8.62 5.37
CA MET A 75 -0.38 -8.71 4.89
C MET A 75 0.55 -7.90 5.77
N ASN A 76 -0.01 -6.99 6.55
CA ASN A 76 0.78 -6.15 7.44
C ASN A 76 1.62 -7.00 8.39
N GLY A 77 2.93 -7.04 8.13
CA GLY A 77 3.83 -7.81 8.97
C GLY A 77 3.61 -9.31 8.81
N ARG A 78 3.25 -9.73 7.62
CA ARG A 78 3.01 -11.15 7.34
C ARG A 78 4.32 -11.89 7.12
N LYS A 79 4.29 -13.20 7.30
CA LYS A 79 5.48 -14.03 7.12
C LYS A 79 5.54 -14.61 5.71
N ILE A 80 6.54 -14.21 4.95
CA ILE A 80 6.71 -14.69 3.59
C ILE A 80 8.16 -15.08 3.31
N LEU A 81 8.37 -16.34 2.96
CA LEU A 81 9.70 -16.84 2.66
C LEU A 81 10.62 -16.72 3.88
N GLY A 82 10.06 -16.97 5.06
CA GLY A 82 10.83 -16.87 6.29
C GLY A 82 11.14 -15.43 6.67
N LYS A 83 10.73 -14.50 5.82
CA LYS A 83 10.96 -13.09 6.07
C LYS A 83 9.64 -12.34 6.26
N GLU A 84 9.51 -11.66 7.39
CA GLU A 84 8.29 -10.90 7.69
C GLU A 84 8.25 -9.60 6.90
N VAL A 85 7.21 -9.44 6.07
CA VAL A 85 7.05 -8.25 5.27
C VAL A 85 6.11 -7.25 5.93
N LYS A 86 6.45 -5.98 5.85
CA LYS A 86 5.64 -4.92 6.44
C LYS A 86 4.77 -4.25 5.38
N VAL A 87 3.50 -4.01 5.72
CA VAL A 87 2.57 -3.37 4.80
C VAL A 87 1.86 -2.20 5.47
N ASN A 88 1.88 -1.04 4.82
CA ASN A 88 1.23 0.15 5.34
C ASN A 88 0.57 0.95 4.23
N TRP A 89 -0.31 1.87 4.62
CA TRP A 89 -1.01 2.71 3.64
C TRP A 89 -0.05 3.67 2.96
N ALA A 90 0.00 3.61 1.64
CA ALA A 90 0.88 4.47 0.86
C ALA A 90 0.23 5.83 0.62
N THR A 91 0.33 6.71 1.62
CA THR A 91 -0.25 8.04 1.51
C THR A 91 0.14 8.90 2.72
N THR A 92 -0.14 10.20 2.62
CA THR A 92 0.18 11.13 3.69
C THR A 92 -0.96 11.21 4.71
N PRO A 93 -0.61 11.47 5.97
CA PRO A 93 -1.59 11.58 7.06
C PRO A 93 -2.45 12.84 6.93
N SER A 94 -1.90 13.87 6.30
CA SER A 94 -2.61 15.13 6.12
C SER A 94 -4.07 14.88 5.79
N SER A 95 -4.95 15.67 6.40
CA SER A 95 -6.39 15.54 6.17
C SER A 95 -7.09 16.88 6.37
N GLN A 96 -8.26 17.02 5.75
CA GLN A 96 -9.03 18.25 5.85
C GLN A 96 -9.95 18.21 7.06
N LYS A 97 -9.60 18.98 8.09
CA LYS A 97 -10.40 19.03 9.32
C LYS A 97 -10.31 20.41 9.97
N SER A 98 -11.38 20.81 10.65
CA SER A 98 -11.42 22.10 11.31
C SER A 98 -11.15 23.23 10.32
N GLY A 99 -11.76 23.14 9.14
CA GLY A 99 -11.57 24.16 8.12
C GLY A 99 -12.72 25.15 8.07
N PRO A 100 -13.75 24.81 7.28
CA PRO A 100 -14.94 25.66 7.12
C PRO A 100 -15.78 25.72 8.38
N SER A 101 -16.70 26.67 8.43
CA SER A 101 -17.58 26.83 9.59
C SER A 101 -18.69 27.84 9.30
N SER A 102 -19.93 27.41 9.45
CA SER A 102 -21.07 28.27 9.19
C SER A 102 -21.50 28.99 10.48
N GLY A 103 -22.22 30.10 10.31
CA GLY A 103 -22.68 30.86 11.46
C GLY A 103 -23.38 29.99 12.49
N GLY A 1 -4.00 18.24 15.42
CA GLY A 1 -3.48 16.93 15.74
C GLY A 1 -4.06 16.37 17.02
N SER A 2 -5.35 16.05 16.99
CA SER A 2 -6.05 15.50 18.15
C SER A 2 -6.63 14.13 17.84
N SER A 3 -6.30 13.15 18.69
CA SER A 3 -6.79 11.79 18.51
C SER A 3 -8.27 11.70 18.86
N GLY A 4 -9.13 11.93 17.88
CA GLY A 4 -10.56 11.85 18.10
C GLY A 4 -11.20 10.65 17.45
N SER A 5 -12.10 9.99 18.17
CA SER A 5 -12.79 8.82 17.65
C SER A 5 -13.96 9.21 16.75
N SER A 6 -14.90 9.97 17.32
CA SER A 6 -16.07 10.41 16.57
C SER A 6 -15.70 11.54 15.61
N GLY A 7 -15.55 11.20 14.33
CA GLY A 7 -15.20 12.20 13.34
C GLY A 7 -16.18 12.23 12.18
N MET A 8 -15.77 12.81 11.06
CA MET A 8 -16.61 12.90 9.88
C MET A 8 -16.16 11.92 8.80
N MET A 9 -17.08 11.54 7.92
CA MET A 9 -16.76 10.61 6.85
C MET A 9 -16.79 11.31 5.50
N GLU A 10 -15.72 11.16 4.72
CA GLU A 10 -15.62 11.78 3.41
C GLU A 10 -15.08 10.78 2.39
N ASP A 11 -15.87 10.53 1.35
CA ASP A 11 -15.46 9.61 0.29
C ASP A 11 -14.77 10.35 -0.84
N ASP A 12 -13.90 11.29 -0.48
CA ASP A 12 -13.15 12.08 -1.46
C ASP A 12 -12.35 11.16 -2.38
N GLY A 13 -11.76 10.13 -1.80
CA GLY A 13 -10.96 9.19 -2.59
C GLY A 13 -10.23 8.19 -1.72
N GLN A 14 -10.99 7.34 -1.04
CA GLN A 14 -10.41 6.32 -0.17
C GLN A 14 -9.12 5.76 -0.77
N PRO A 15 -8.14 5.46 0.10
CA PRO A 15 -6.85 4.91 -0.33
C PRO A 15 -6.96 3.48 -0.85
N ARG A 16 -6.25 3.20 -1.94
CA ARG A 16 -6.27 1.88 -2.54
C ARG A 16 -4.87 1.39 -2.83
N THR A 17 -3.88 2.08 -2.28
CA THR A 17 -2.48 1.73 -2.48
C THR A 17 -1.80 1.39 -1.15
N LEU A 18 -1.03 0.31 -1.14
CA LEU A 18 -0.33 -0.12 0.06
C LEU A 18 1.16 -0.32 -0.22
N TYR A 19 2.00 0.13 0.71
CA TYR A 19 3.44 -0.01 0.56
C TYR A 19 3.95 -1.26 1.26
N VAL A 20 4.65 -2.10 0.52
CA VAL A 20 5.20 -3.34 1.07
C VAL A 20 6.71 -3.27 1.22
N GLY A 21 7.19 -3.40 2.44
CA GLY A 21 8.62 -3.34 2.70
C GLY A 21 9.14 -4.57 3.41
N ASN A 22 10.45 -4.71 3.48
CA ASN A 22 11.07 -5.86 4.15
C ASN A 22 10.81 -7.14 3.37
N LEU A 23 11.13 -7.11 2.08
CA LEU A 23 10.93 -8.28 1.22
C LEU A 23 12.26 -8.99 0.97
N SER A 24 12.18 -10.30 0.77
CA SER A 24 13.37 -11.11 0.52
C SER A 24 13.79 -11.03 -0.94
N ARG A 25 15.09 -11.01 -1.18
CA ARG A 25 15.62 -10.93 -2.54
C ARG A 25 14.97 -11.99 -3.42
N ASP A 26 14.43 -13.03 -2.81
CA ASP A 26 13.78 -14.11 -3.54
C ASP A 26 12.39 -13.69 -4.00
N VAL A 27 11.70 -12.93 -3.15
CA VAL A 27 10.36 -12.47 -3.46
C VAL A 27 10.30 -11.83 -4.84
N THR A 28 9.14 -11.93 -5.50
CA THR A 28 8.96 -11.36 -6.82
C THR A 28 7.60 -10.68 -6.95
N GLU A 29 7.40 -9.98 -8.06
CA GLU A 29 6.15 -9.27 -8.30
C GLU A 29 4.97 -10.25 -8.35
N VAL A 30 5.20 -11.39 -9.02
CA VAL A 30 4.17 -12.41 -9.14
C VAL A 30 3.82 -13.01 -7.80
N LEU A 31 4.83 -13.22 -6.96
CA LEU A 31 4.63 -13.79 -5.63
C LEU A 31 3.76 -12.87 -4.77
N ILE A 32 4.13 -11.60 -4.72
CA ILE A 32 3.39 -10.62 -3.93
C ILE A 32 1.94 -10.53 -4.40
N LEU A 33 1.75 -10.41 -5.70
CA LEU A 33 0.41 -10.32 -6.28
C LEU A 33 -0.40 -11.58 -5.98
N GLN A 34 0.28 -12.71 -5.86
CA GLN A 34 -0.37 -13.98 -5.58
C GLN A 34 -0.95 -13.98 -4.16
N LEU A 35 -0.12 -13.61 -3.19
CA LEU A 35 -0.54 -13.57 -1.80
C LEU A 35 -1.67 -12.57 -1.60
N PHE A 36 -1.51 -11.39 -2.17
CA PHE A 36 -2.52 -10.34 -2.07
C PHE A 36 -3.75 -10.68 -2.90
N SER A 37 -3.53 -11.34 -4.03
CA SER A 37 -4.61 -11.72 -4.92
C SER A 37 -5.62 -12.62 -4.20
N GLN A 38 -5.11 -13.44 -3.28
CA GLN A 38 -5.96 -14.36 -2.53
C GLN A 38 -7.01 -13.59 -1.73
N ILE A 39 -6.64 -12.40 -1.26
CA ILE A 39 -7.55 -11.57 -0.49
C ILE A 39 -8.46 -10.75 -1.40
N GLY A 40 -7.87 -10.12 -2.40
CA GLY A 40 -8.64 -9.31 -3.33
C GLY A 40 -7.88 -9.01 -4.62
N PRO A 41 -8.60 -8.49 -5.61
CA PRO A 41 -8.01 -8.15 -6.91
C PRO A 41 -7.06 -6.96 -6.83
N CYS A 42 -5.85 -7.13 -7.33
CA CYS A 42 -4.86 -6.07 -7.32
C CYS A 42 -4.78 -5.37 -8.66
N LYS A 43 -5.05 -4.07 -8.67
CA LYS A 43 -5.02 -3.28 -9.89
C LYS A 43 -3.65 -3.40 -10.58
N SER A 44 -2.59 -3.18 -9.81
CA SER A 44 -1.23 -3.26 -10.34
C SER A 44 -0.21 -3.29 -9.22
N CYS A 45 0.90 -3.98 -9.46
CA CYS A 45 1.95 -4.10 -8.47
C CYS A 45 3.31 -3.73 -9.06
N LYS A 46 4.02 -2.84 -8.38
CA LYS A 46 5.34 -2.40 -8.85
C LYS A 46 6.40 -2.65 -7.79
N MET A 47 7.30 -3.59 -8.07
CA MET A 47 8.37 -3.93 -7.15
C MET A 47 9.62 -3.09 -7.43
N ILE A 48 10.03 -2.31 -6.44
CA ILE A 48 11.21 -1.46 -6.57
C ILE A 48 12.35 -1.95 -5.68
N THR A 49 13.48 -2.28 -6.31
CA THR A 49 14.64 -2.75 -5.57
C THR A 49 15.86 -1.88 -5.84
N GLU A 50 15.63 -0.58 -5.97
CA GLU A 50 16.71 0.37 -6.23
C GLU A 50 17.59 0.53 -4.99
N HIS A 51 16.96 0.87 -3.87
CA HIS A 51 17.69 1.07 -2.62
C HIS A 51 18.02 -0.28 -1.97
N THR A 52 19.04 -0.95 -2.50
CA THR A 52 19.46 -2.23 -1.97
C THR A 52 20.38 -2.07 -0.76
N SER A 53 20.01 -1.15 0.13
CA SER A 53 20.79 -0.89 1.33
C SER A 53 20.40 -1.85 2.46
N ASN A 54 19.10 -2.07 2.61
CA ASN A 54 18.61 -2.96 3.65
C ASN A 54 17.71 -4.04 3.05
N ASP A 55 16.56 -3.62 2.53
CA ASP A 55 15.62 -4.55 1.92
C ASP A 55 14.75 -3.85 0.87
N PRO A 56 14.40 -4.58 -0.20
CA PRO A 56 13.57 -4.04 -1.28
C PRO A 56 12.14 -3.80 -0.84
N TYR A 57 11.36 -3.17 -1.72
CA TYR A 57 9.96 -2.87 -1.43
C TYR A 57 9.13 -2.83 -2.71
N CYS A 58 7.85 -3.14 -2.59
CA CYS A 58 6.94 -3.13 -3.73
C CYS A 58 5.62 -2.47 -3.38
N PHE A 59 4.93 -1.96 -4.39
CA PHE A 59 3.65 -1.29 -4.18
C PHE A 59 2.50 -2.17 -4.66
N VAL A 60 1.39 -2.13 -3.92
CA VAL A 60 0.22 -2.93 -4.27
C VAL A 60 -1.05 -2.08 -4.26
N GLU A 61 -1.70 -2.01 -5.41
CA GLU A 61 -2.93 -1.22 -5.54
C GLU A 61 -4.13 -2.12 -5.75
N PHE A 62 -5.21 -1.87 -5.00
CA PHE A 62 -6.43 -2.66 -5.11
C PHE A 62 -7.51 -1.90 -5.85
N TYR A 63 -8.49 -2.63 -6.37
CA TYR A 63 -9.59 -2.02 -7.12
C TYR A 63 -10.51 -1.26 -6.18
N GLU A 64 -10.71 -1.79 -4.99
CA GLU A 64 -11.58 -1.15 -4.00
C GLU A 64 -10.79 -0.79 -2.74
N HIS A 65 -11.38 0.07 -1.92
CA HIS A 65 -10.74 0.50 -0.68
C HIS A 65 -10.79 -0.61 0.37
N ARG A 66 -11.90 -1.34 0.41
CA ARG A 66 -12.07 -2.42 1.37
C ARG A 66 -11.00 -3.50 1.17
N ASP A 67 -10.72 -3.82 -0.09
CA ASP A 67 -9.72 -4.83 -0.41
C ASP A 67 -8.34 -4.40 0.10
N ALA A 68 -7.97 -3.16 -0.17
CA ALA A 68 -6.69 -2.63 0.26
C ALA A 68 -6.54 -2.70 1.76
N ALA A 69 -7.60 -2.35 2.48
CA ALA A 69 -7.60 -2.38 3.94
C ALA A 69 -7.54 -3.81 4.46
N ALA A 70 -8.31 -4.69 3.84
CA ALA A 70 -8.36 -6.09 4.24
C ALA A 70 -7.01 -6.76 4.00
N ALA A 71 -6.44 -6.55 2.83
CA ALA A 71 -5.15 -7.13 2.48
C ALA A 71 -4.03 -6.49 3.27
N LEU A 72 -4.16 -5.20 3.55
CA LEU A 72 -3.15 -4.46 4.30
C LEU A 72 -2.96 -5.06 5.69
N ALA A 73 -4.07 -5.25 6.40
CA ALA A 73 -4.03 -5.82 7.75
C ALA A 73 -3.61 -7.29 7.70
N ALA A 74 -4.15 -8.03 6.73
CA ALA A 74 -3.82 -9.44 6.59
C ALA A 74 -2.36 -9.63 6.20
N MET A 75 -1.84 -8.71 5.40
CA MET A 75 -0.47 -8.79 4.95
C MET A 75 0.44 -7.93 5.83
N ASN A 76 -0.17 -7.11 6.68
CA ASN A 76 0.58 -6.24 7.58
C ASN A 76 1.48 -7.06 8.49
N GLY A 77 2.78 -7.04 8.21
CA GLY A 77 3.73 -7.78 9.03
C GLY A 77 3.55 -9.28 8.89
N ARG A 78 3.25 -9.74 7.68
CA ARG A 78 3.06 -11.16 7.43
C ARG A 78 4.39 -11.86 7.17
N LYS A 79 4.43 -13.15 7.45
CA LYS A 79 5.64 -13.94 7.24
C LYS A 79 5.68 -14.53 5.84
N ILE A 80 6.66 -14.11 5.04
CA ILE A 80 6.80 -14.60 3.69
C ILE A 80 8.25 -14.98 3.39
N LEU A 81 8.45 -16.23 2.95
CA LEU A 81 9.78 -16.72 2.63
C LEU A 81 10.71 -16.61 3.83
N GLY A 82 10.12 -16.62 5.03
CA GLY A 82 10.90 -16.52 6.25
C GLY A 82 11.17 -15.08 6.65
N LYS A 83 10.82 -14.15 5.77
CA LYS A 83 11.01 -12.73 6.05
C LYS A 83 9.67 -12.02 6.25
N GLU A 84 9.53 -11.36 7.39
CA GLU A 84 8.29 -10.64 7.70
C GLU A 84 8.19 -9.36 6.87
N VAL A 85 7.14 -9.27 6.08
CA VAL A 85 6.92 -8.10 5.23
C VAL A 85 6.01 -7.08 5.94
N LYS A 86 6.40 -5.81 5.87
CA LYS A 86 5.63 -4.75 6.49
C LYS A 86 4.76 -4.03 5.47
N VAL A 87 3.46 -4.01 5.70
CA VAL A 87 2.52 -3.35 4.80
C VAL A 87 1.81 -2.18 5.48
N ASN A 88 1.83 -1.03 4.83
CA ASN A 88 1.19 0.16 5.38
C ASN A 88 0.54 0.98 4.27
N TRP A 89 -0.29 1.94 4.67
CA TRP A 89 -0.99 2.80 3.71
C TRP A 89 -0.01 3.73 3.02
N ALA A 90 0.07 3.63 1.69
CA ALA A 90 0.97 4.47 0.91
C ALA A 90 0.36 5.85 0.69
N THR A 91 1.18 6.77 0.19
CA THR A 91 0.73 8.14 -0.07
C THR A 91 0.83 8.48 -1.56
N THR A 92 -0.21 9.14 -2.07
CA THR A 92 -0.24 9.53 -3.48
C THR A 92 0.75 10.65 -3.77
N PRO A 93 1.23 10.69 -5.02
CA PRO A 93 2.20 11.70 -5.45
C PRO A 93 1.59 13.10 -5.53
N SER A 94 0.26 13.15 -5.54
CA SER A 94 -0.45 14.43 -5.62
C SER A 94 -1.35 14.61 -4.39
N SER A 95 -1.04 15.64 -3.60
CA SER A 95 -1.82 15.93 -2.39
C SER A 95 -3.02 16.82 -2.73
N GLN A 96 -4.13 16.56 -2.06
CA GLN A 96 -5.34 17.33 -2.27
C GLN A 96 -5.35 18.60 -1.43
N LYS A 97 -5.44 19.75 -2.08
CA LYS A 97 -5.45 21.03 -1.39
C LYS A 97 -6.87 21.38 -0.92
N SER A 98 -6.98 22.43 -0.10
CA SER A 98 -8.27 22.86 0.42
C SER A 98 -8.58 24.28 -0.05
N GLY A 99 -9.87 24.60 -0.09
CA GLY A 99 -10.29 25.92 -0.53
C GLY A 99 -11.20 25.89 -1.73
N PRO A 100 -12.15 26.83 -1.79
CA PRO A 100 -13.12 26.91 -2.89
C PRO A 100 -12.47 27.36 -4.19
N SER A 101 -11.15 27.57 -4.15
CA SER A 101 -10.41 28.00 -5.33
C SER A 101 -10.92 29.34 -5.84
N SER A 102 -10.95 30.33 -4.95
CA SER A 102 -11.42 31.67 -5.30
C SER A 102 -10.38 32.73 -4.93
N GLY A 103 -9.70 33.25 -5.94
CA GLY A 103 -8.68 34.26 -5.71
C GLY A 103 -9.28 35.62 -5.44
N GLY A 1 -5.32 21.10 -14.71
CA GLY A 1 -4.51 20.19 -13.92
C GLY A 1 -4.54 20.51 -12.44
N SER A 2 -3.37 20.47 -11.80
CA SER A 2 -3.26 20.76 -10.38
C SER A 2 -2.88 22.22 -10.15
N SER A 3 -3.48 23.12 -10.91
CA SER A 3 -3.20 24.54 -10.80
C SER A 3 -4.27 25.37 -11.50
N GLY A 4 -4.79 26.37 -10.80
CA GLY A 4 -5.81 27.22 -11.38
C GLY A 4 -7.05 27.33 -10.51
N SER A 5 -7.94 26.34 -10.62
CA SER A 5 -9.17 26.33 -9.84
C SER A 5 -8.85 26.30 -8.34
N SER A 6 -9.85 26.69 -7.54
CA SER A 6 -9.68 26.71 -6.09
C SER A 6 -10.54 25.64 -5.43
N GLY A 7 -11.80 25.55 -5.85
CA GLY A 7 -12.70 24.56 -5.28
C GLY A 7 -12.63 23.23 -6.00
N MET A 8 -11.60 22.45 -5.71
CA MET A 8 -11.42 21.14 -6.32
C MET A 8 -12.71 20.34 -6.27
N MET A 9 -13.35 20.32 -5.11
CA MET A 9 -14.60 19.59 -4.93
C MET A 9 -14.47 18.16 -5.47
N GLU A 10 -13.39 17.48 -5.09
CA GLU A 10 -13.15 16.11 -5.53
C GLU A 10 -12.84 15.21 -4.34
N ASP A 11 -13.89 14.70 -3.69
CA ASP A 11 -13.72 13.82 -2.54
C ASP A 11 -13.09 12.50 -2.96
N ASP A 12 -11.83 12.29 -2.58
CA ASP A 12 -11.12 11.06 -2.92
C ASP A 12 -10.38 10.52 -1.70
N GLY A 13 -11.06 10.53 -0.55
CA GLY A 13 -10.44 10.03 0.67
C GLY A 13 -10.50 8.52 0.77
N GLN A 14 -10.31 7.84 -0.36
CA GLN A 14 -10.35 6.39 -0.39
C GLN A 14 -9.08 5.83 -1.02
N PRO A 15 -8.03 5.67 -0.21
CA PRO A 15 -6.74 5.14 -0.66
C PRO A 15 -6.82 3.66 -1.02
N ARG A 16 -6.22 3.30 -2.15
CA ARG A 16 -6.22 1.91 -2.61
C ARG A 16 -4.79 1.42 -2.86
N THR A 17 -3.83 2.13 -2.29
CA THR A 17 -2.42 1.77 -2.46
C THR A 17 -1.77 1.47 -1.13
N LEU A 18 -0.99 0.39 -1.08
CA LEU A 18 -0.31 -0.01 0.14
C LEU A 18 1.19 -0.20 -0.11
N TYR A 19 2.00 0.26 0.84
CA TYR A 19 3.45 0.13 0.71
C TYR A 19 3.95 -1.13 1.41
N VAL A 20 4.68 -1.95 0.67
CA VAL A 20 5.22 -3.20 1.21
C VAL A 20 6.74 -3.12 1.35
N GLY A 21 7.22 -3.38 2.56
CA GLY A 21 8.65 -3.34 2.81
C GLY A 21 9.14 -4.56 3.58
N ASN A 22 10.46 -4.66 3.74
CA ASN A 22 11.06 -5.78 4.45
C ASN A 22 10.81 -7.09 3.72
N LEU A 23 11.02 -7.08 2.41
CA LEU A 23 10.81 -8.27 1.59
C LEU A 23 12.13 -9.01 1.39
N SER A 24 12.04 -10.33 1.17
CA SER A 24 13.22 -11.16 0.96
C SER A 24 13.81 -10.91 -0.43
N ARG A 25 15.04 -11.38 -0.63
CA ARG A 25 15.71 -11.21 -1.92
C ARG A 25 15.23 -12.25 -2.93
N ASP A 26 14.15 -12.93 -2.58
CA ASP A 26 13.59 -13.96 -3.45
C ASP A 26 12.19 -13.57 -3.91
N VAL A 27 11.53 -12.74 -3.12
CA VAL A 27 10.17 -12.28 -3.45
C VAL A 27 10.11 -11.71 -4.86
N THR A 28 9.02 -12.01 -5.57
CA THR A 28 8.83 -11.52 -6.93
C THR A 28 7.51 -10.80 -7.08
N GLU A 29 7.39 -10.02 -8.15
CA GLU A 29 6.16 -9.27 -8.41
C GLU A 29 4.96 -10.19 -8.52
N VAL A 30 5.14 -11.30 -9.24
CA VAL A 30 4.08 -12.27 -9.42
C VAL A 30 3.70 -12.95 -8.10
N LEU A 31 4.72 -13.21 -7.28
CA LEU A 31 4.51 -13.86 -5.99
C LEU A 31 3.62 -13.00 -5.10
N ILE A 32 3.97 -11.72 -4.96
CA ILE A 32 3.20 -10.80 -4.14
C ILE A 32 1.75 -10.72 -4.61
N LEU A 33 1.58 -10.54 -5.92
CA LEU A 33 0.24 -10.45 -6.50
C LEU A 33 -0.57 -11.72 -6.23
N GLN A 34 0.13 -12.84 -6.14
CA GLN A 34 -0.52 -14.12 -5.88
C GLN A 34 -1.08 -14.17 -4.47
N LEU A 35 -0.27 -13.77 -3.49
CA LEU A 35 -0.67 -13.76 -2.10
C LEU A 35 -1.77 -12.73 -1.85
N PHE A 36 -1.56 -11.51 -2.37
CA PHE A 36 -2.53 -10.43 -2.21
C PHE A 36 -3.81 -10.74 -2.98
N SER A 37 -3.66 -11.36 -4.14
CA SER A 37 -4.81 -11.70 -4.98
C SER A 37 -5.78 -12.60 -4.22
N GLN A 38 -5.25 -13.47 -3.38
CA GLN A 38 -6.06 -14.38 -2.59
C GLN A 38 -7.09 -13.61 -1.76
N ILE A 39 -6.74 -12.40 -1.37
CA ILE A 39 -7.63 -11.56 -0.57
C ILE A 39 -8.56 -10.75 -1.47
N GLY A 40 -7.97 -10.02 -2.42
CA GLY A 40 -8.76 -9.21 -3.32
C GLY A 40 -8.06 -8.94 -4.63
N PRO A 41 -8.76 -8.30 -5.57
CA PRO A 41 -8.21 -7.97 -6.89
C PRO A 41 -7.14 -6.89 -6.82
N CYS A 42 -5.98 -7.18 -7.40
CA CYS A 42 -4.88 -6.22 -7.40
C CYS A 42 -4.79 -5.49 -8.74
N LYS A 43 -4.97 -4.18 -8.71
CA LYS A 43 -4.91 -3.37 -9.92
C LYS A 43 -3.55 -3.50 -10.59
N SER A 44 -2.49 -3.33 -9.82
CA SER A 44 -1.14 -3.43 -10.34
C SER A 44 -0.11 -3.46 -9.21
N CYS A 45 1.00 -4.15 -9.44
CA CYS A 45 2.06 -4.24 -8.43
C CYS A 45 3.41 -3.86 -9.02
N LYS A 46 4.13 -2.99 -8.33
CA LYS A 46 5.44 -2.55 -8.78
C LYS A 46 6.50 -2.77 -7.72
N MET A 47 7.48 -3.61 -8.02
CA MET A 47 8.56 -3.92 -7.09
C MET A 47 9.78 -3.04 -7.35
N ILE A 48 10.12 -2.21 -6.38
CA ILE A 48 11.27 -1.32 -6.51
C ILE A 48 12.44 -1.79 -5.66
N THR A 49 13.59 -2.01 -6.30
CA THR A 49 14.78 -2.46 -5.58
C THR A 49 15.95 -1.51 -5.83
N GLU A 50 15.79 -0.61 -6.79
CA GLU A 50 16.84 0.35 -7.12
C GLU A 50 16.66 1.65 -6.34
N HIS A 51 16.35 1.51 -5.05
CA HIS A 51 16.14 2.67 -4.19
C HIS A 51 17.16 2.69 -3.05
N THR A 52 17.23 1.59 -2.32
CA THR A 52 18.16 1.47 -1.20
C THR A 52 18.78 0.08 -1.14
N SER A 53 19.89 -0.04 -0.42
CA SER A 53 20.59 -1.31 -0.30
C SER A 53 19.80 -2.28 0.56
N ASN A 54 19.23 -1.77 1.65
CA ASN A 54 18.43 -2.61 2.56
C ASN A 54 17.37 -3.38 1.78
N ASP A 55 16.62 -4.21 2.50
CA ASP A 55 15.56 -5.01 1.89
C ASP A 55 14.77 -4.19 0.89
N PRO A 56 14.35 -4.83 -0.21
CA PRO A 56 13.58 -4.17 -1.27
C PRO A 56 12.16 -3.83 -0.83
N TYR A 57 11.38 -3.24 -1.73
CA TYR A 57 10.01 -2.87 -1.43
C TYR A 57 9.17 -2.80 -2.69
N CYS A 58 7.88 -3.10 -2.57
CA CYS A 58 6.98 -3.07 -3.71
C CYS A 58 5.63 -2.46 -3.32
N PHE A 59 4.91 -1.95 -4.31
CA PHE A 59 3.61 -1.34 -4.07
C PHE A 59 2.48 -2.22 -4.61
N VAL A 60 1.36 -2.21 -3.89
CA VAL A 60 0.21 -3.01 -4.30
C VAL A 60 -1.07 -2.18 -4.29
N GLU A 61 -1.67 -2.00 -5.46
CA GLU A 61 -2.90 -1.24 -5.58
C GLU A 61 -4.11 -2.15 -5.78
N PHE A 62 -5.19 -1.86 -5.06
CA PHE A 62 -6.41 -2.66 -5.15
C PHE A 62 -7.50 -1.89 -5.88
N TYR A 63 -8.51 -2.61 -6.35
CA TYR A 63 -9.62 -2.00 -7.07
C TYR A 63 -10.51 -1.20 -6.11
N GLU A 64 -10.78 -1.77 -4.94
CA GLU A 64 -11.61 -1.10 -3.94
C GLU A 64 -10.81 -0.79 -2.69
N HIS A 65 -11.34 0.11 -1.86
CA HIS A 65 -10.67 0.50 -0.63
C HIS A 65 -10.76 -0.61 0.42
N ARG A 66 -11.90 -1.29 0.46
CA ARG A 66 -12.12 -2.36 1.41
C ARG A 66 -11.08 -3.47 1.22
N ASP A 67 -10.80 -3.81 -0.04
CA ASP A 67 -9.84 -4.85 -0.36
C ASP A 67 -8.44 -4.45 0.10
N ALA A 68 -8.05 -3.21 -0.21
CA ALA A 68 -6.74 -2.71 0.17
C ALA A 68 -6.53 -2.80 1.68
N ALA A 69 -7.57 -2.45 2.44
CA ALA A 69 -7.50 -2.49 3.89
C ALA A 69 -7.41 -3.92 4.39
N ALA A 70 -8.18 -4.82 3.79
CA ALA A 70 -8.17 -6.22 4.18
C ALA A 70 -6.80 -6.84 3.97
N ALA A 71 -6.22 -6.61 2.79
CA ALA A 71 -4.91 -7.15 2.47
C ALA A 71 -3.82 -6.50 3.31
N LEU A 72 -4.01 -5.22 3.63
CA LEU A 72 -3.04 -4.49 4.45
C LEU A 72 -2.86 -5.15 5.81
N ALA A 73 -3.98 -5.41 6.48
CA ALA A 73 -3.94 -6.04 7.80
C ALA A 73 -3.46 -7.48 7.70
N ALA A 74 -3.96 -8.20 6.68
CA ALA A 74 -3.57 -9.59 6.48
C ALA A 74 -2.10 -9.71 6.10
N MET A 75 -1.60 -8.71 5.39
CA MET A 75 -0.20 -8.70 4.96
C MET A 75 0.65 -7.83 5.89
N ASN A 76 -0.02 -7.09 6.78
CA ASN A 76 0.68 -6.22 7.72
C ASN A 76 1.59 -7.03 8.63
N GLY A 77 2.89 -7.04 8.31
CA GLY A 77 3.84 -7.78 9.11
C GLY A 77 3.68 -9.28 8.99
N ARG A 78 3.29 -9.73 7.79
CA ARG A 78 3.09 -11.15 7.55
C ARG A 78 4.41 -11.83 7.19
N LYS A 79 4.54 -13.10 7.56
CA LYS A 79 5.75 -13.87 7.27
C LYS A 79 5.72 -14.42 5.86
N ILE A 80 6.71 -14.00 5.06
CA ILE A 80 6.80 -14.46 3.67
C ILE A 80 8.22 -14.90 3.33
N LEU A 81 8.37 -16.17 2.98
CA LEU A 81 9.68 -16.72 2.63
C LEU A 81 10.64 -16.63 3.81
N GLY A 82 10.09 -16.59 5.02
CA GLY A 82 10.90 -16.50 6.20
C GLY A 82 11.21 -15.06 6.60
N LYS A 83 10.78 -14.12 5.77
CA LYS A 83 11.00 -12.71 6.03
C LYS A 83 9.68 -11.99 6.24
N GLU A 84 9.52 -11.37 7.42
CA GLU A 84 8.31 -10.64 7.75
C GLU A 84 8.21 -9.35 6.94
N VAL A 85 7.16 -9.24 6.14
CA VAL A 85 6.95 -8.05 5.31
C VAL A 85 6.06 -7.04 6.03
N LYS A 86 6.46 -5.77 5.97
CA LYS A 86 5.70 -4.70 6.61
C LYS A 86 4.84 -3.96 5.58
N VAL A 87 3.53 -3.96 5.82
CA VAL A 87 2.60 -3.28 4.91
C VAL A 87 1.88 -2.14 5.63
N ASN A 88 1.83 -0.98 4.96
CA ASN A 88 1.18 0.19 5.53
C ASN A 88 0.50 1.02 4.43
N TRP A 89 -0.42 1.88 4.83
CA TRP A 89 -1.13 2.73 3.89
C TRP A 89 -0.18 3.70 3.20
N ALA A 90 -0.11 3.62 1.88
CA ALA A 90 0.75 4.49 1.09
C ALA A 90 0.11 5.86 0.89
N THR A 91 0.43 6.80 1.78
CA THR A 91 -0.12 8.15 1.69
C THR A 91 0.99 9.19 1.58
N THR A 92 0.80 10.16 0.69
CA THR A 92 1.78 11.21 0.48
C THR A 92 1.67 12.29 1.56
N PRO A 93 2.80 12.97 1.83
CA PRO A 93 2.85 14.04 2.83
C PRO A 93 2.08 15.28 2.40
N SER A 94 1.73 15.34 1.12
CA SER A 94 1.00 16.48 0.58
C SER A 94 -0.50 16.31 0.80
N SER A 95 -1.11 17.28 1.47
CA SER A 95 -2.55 17.23 1.75
C SER A 95 -2.86 16.22 2.84
N GLN A 96 -2.03 16.22 3.88
CA GLN A 96 -2.22 15.28 5.00
C GLN A 96 -3.36 15.74 5.90
N LYS A 97 -3.62 14.97 6.94
CA LYS A 97 -4.69 15.29 7.88
C LYS A 97 -4.35 14.78 9.29
N SER A 98 -4.43 15.67 10.27
CA SER A 98 -4.13 15.31 11.66
C SER A 98 -5.34 15.58 12.55
N GLY A 99 -5.85 16.80 12.50
CA GLY A 99 -7.00 17.16 13.32
C GLY A 99 -6.67 18.23 14.35
N PRO A 100 -6.73 19.49 13.93
CA PRO A 100 -6.44 20.63 14.80
C PRO A 100 -7.51 20.83 15.88
N SER A 101 -8.73 20.41 15.57
CA SER A 101 -9.84 20.55 16.51
C SER A 101 -10.35 19.17 16.94
N SER A 102 -10.56 19.01 18.24
CA SER A 102 -11.05 17.75 18.78
C SER A 102 -12.51 17.87 19.20
N GLY A 103 -13.28 16.81 18.96
CA GLY A 103 -14.69 16.82 19.32
C GLY A 103 -15.30 15.43 19.28
N GLY A 1 0.52 17.57 11.55
CA GLY A 1 0.08 18.48 12.59
C GLY A 1 -0.47 19.78 12.03
N SER A 2 -1.31 19.67 11.00
CA SER A 2 -1.89 20.84 10.37
C SER A 2 -3.32 21.06 10.85
N SER A 3 -3.69 22.33 11.02
CA SER A 3 -5.03 22.68 11.48
C SER A 3 -6.09 21.86 10.75
N GLY A 4 -7.21 21.63 11.41
CA GLY A 4 -8.29 20.87 10.81
C GLY A 4 -9.60 21.01 11.57
N SER A 5 -10.32 22.10 11.29
CA SER A 5 -11.59 22.36 11.95
C SER A 5 -12.75 21.87 11.09
N SER A 6 -13.77 21.31 11.74
CA SER A 6 -14.94 20.80 11.04
C SER A 6 -14.53 19.79 9.96
N GLY A 7 -13.58 18.93 10.30
CA GLY A 7 -13.12 17.93 9.37
C GLY A 7 -12.17 16.93 10.00
N MET A 8 -12.63 16.30 11.09
CA MET A 8 -11.81 15.32 11.80
C MET A 8 -11.26 14.26 10.83
N MET A 9 -12.15 13.72 10.00
CA MET A 9 -11.75 12.71 9.02
C MET A 9 -12.54 12.85 7.73
N GLU A 10 -11.86 12.72 6.60
CA GLU A 10 -12.51 12.83 5.30
C GLU A 10 -12.51 11.49 4.58
N ASP A 11 -13.67 11.13 4.02
CA ASP A 11 -13.81 9.88 3.29
C ASP A 11 -14.35 10.12 1.89
N ASP A 12 -13.55 10.74 1.05
CA ASP A 12 -13.96 11.04 -0.32
C ASP A 12 -13.17 10.17 -1.31
N GLY A 13 -11.87 10.06 -1.09
CA GLY A 13 -11.03 9.27 -1.97
C GLY A 13 -10.29 8.18 -1.24
N GLN A 14 -11.03 7.29 -0.58
CA GLN A 14 -10.43 6.20 0.17
C GLN A 14 -9.18 5.68 -0.53
N PRO A 15 -8.14 5.37 0.27
CA PRO A 15 -6.87 4.86 -0.26
C PRO A 15 -6.99 3.45 -0.81
N ARG A 16 -6.27 3.17 -1.89
CA ARG A 16 -6.30 1.86 -2.51
C ARG A 16 -4.88 1.37 -2.82
N THR A 17 -3.88 2.08 -2.29
CA THR A 17 -2.49 1.71 -2.50
C THR A 17 -1.80 1.36 -1.19
N LEU A 18 -0.98 0.31 -1.22
CA LEU A 18 -0.26 -0.13 -0.04
C LEU A 18 1.22 -0.32 -0.34
N TYR A 19 2.07 0.02 0.62
CA TYR A 19 3.51 -0.12 0.47
C TYR A 19 4.02 -1.35 1.20
N VAL A 20 4.73 -2.21 0.47
CA VAL A 20 5.28 -3.44 1.04
C VAL A 20 6.79 -3.33 1.20
N GLY A 21 7.26 -3.46 2.44
CA GLY A 21 8.69 -3.37 2.70
C GLY A 21 9.22 -4.60 3.42
N ASN A 22 10.53 -4.69 3.55
CA ASN A 22 11.16 -5.81 4.23
C ASN A 22 10.93 -7.10 3.45
N LEU A 23 11.01 -7.02 2.13
CA LEU A 23 10.80 -8.18 1.27
C LEU A 23 12.13 -8.86 0.95
N SER A 24 12.15 -10.18 1.04
CA SER A 24 13.35 -10.95 0.76
C SER A 24 13.75 -10.83 -0.71
N ARG A 25 15.05 -10.91 -0.98
CA ARG A 25 15.54 -10.81 -2.35
C ARG A 25 14.85 -11.81 -3.26
N ASP A 26 14.32 -12.88 -2.66
CA ASP A 26 13.62 -13.91 -3.42
C ASP A 26 12.24 -13.43 -3.83
N VAL A 27 11.59 -12.67 -2.96
CA VAL A 27 10.25 -12.15 -3.24
C VAL A 27 10.21 -11.47 -4.60
N THR A 28 9.14 -11.73 -5.34
CA THR A 28 8.96 -11.14 -6.67
C THR A 28 7.60 -10.47 -6.80
N GLU A 29 7.43 -9.69 -7.86
CA GLU A 29 6.18 -8.99 -8.10
C GLU A 29 5.01 -9.97 -8.23
N VAL A 30 5.24 -11.04 -8.98
CA VAL A 30 4.22 -12.07 -9.18
C VAL A 30 3.86 -12.75 -7.87
N LEU A 31 4.86 -12.96 -7.02
CA LEU A 31 4.65 -13.60 -5.74
C LEU A 31 3.74 -12.77 -4.84
N ILE A 32 4.06 -11.49 -4.71
CA ILE A 32 3.26 -10.58 -3.89
C ILE A 32 1.82 -10.52 -4.39
N LEU A 33 1.67 -10.36 -5.70
CA LEU A 33 0.34 -10.28 -6.31
C LEU A 33 -0.45 -11.57 -6.06
N GLN A 34 0.27 -12.69 -5.98
CA GLN A 34 -0.36 -13.98 -5.75
C GLN A 34 -0.96 -14.06 -4.34
N LEU A 35 -0.16 -13.70 -3.35
CA LEU A 35 -0.61 -13.72 -1.96
C LEU A 35 -1.70 -12.68 -1.72
N PHE A 36 -1.47 -11.46 -2.21
CA PHE A 36 -2.43 -10.38 -2.06
C PHE A 36 -3.70 -10.67 -2.84
N SER A 37 -3.54 -11.29 -4.02
CA SER A 37 -4.67 -11.61 -4.87
C SER A 37 -5.66 -12.52 -4.14
N GLN A 38 -5.12 -13.43 -3.34
CA GLN A 38 -5.96 -14.37 -2.59
C GLN A 38 -7.00 -13.62 -1.75
N ILE A 39 -6.66 -12.41 -1.35
CA ILE A 39 -7.56 -11.59 -0.54
C ILE A 39 -8.50 -10.78 -1.42
N GLY A 40 -7.92 -10.02 -2.36
CA GLY A 40 -8.71 -9.21 -3.26
C GLY A 40 -8.03 -8.97 -4.59
N PRO A 41 -8.77 -8.40 -5.54
CA PRO A 41 -8.25 -8.10 -6.88
C PRO A 41 -7.22 -6.97 -6.86
N CYS A 42 -6.06 -7.22 -7.45
CA CYS A 42 -5.01 -6.21 -7.50
C CYS A 42 -4.98 -5.52 -8.86
N LYS A 43 -5.04 -4.19 -8.85
CA LYS A 43 -5.03 -3.41 -10.07
C LYS A 43 -3.65 -3.47 -10.73
N SER A 44 -2.61 -3.26 -9.94
CA SER A 44 -1.25 -3.28 -10.45
C SER A 44 -0.23 -3.26 -9.30
N CYS A 45 0.86 -3.99 -9.48
CA CYS A 45 1.91 -4.06 -8.46
C CYS A 45 3.27 -3.71 -9.06
N LYS A 46 3.96 -2.78 -8.42
CA LYS A 46 5.28 -2.35 -8.89
C LYS A 46 6.35 -2.65 -7.84
N MET A 47 7.21 -3.62 -8.15
CA MET A 47 8.29 -4.00 -7.24
C MET A 47 9.55 -3.19 -7.51
N ILE A 48 9.99 -2.44 -6.50
CA ILE A 48 11.19 -1.62 -6.64
C ILE A 48 12.34 -2.18 -5.81
N THR A 49 13.44 -2.50 -6.48
CA THR A 49 14.61 -3.04 -5.80
C THR A 49 15.87 -2.27 -6.17
N GLU A 50 15.80 -0.96 -6.05
CA GLU A 50 16.94 -0.10 -6.37
C GLU A 50 17.68 0.32 -5.11
N HIS A 51 17.68 -0.55 -4.11
CA HIS A 51 18.34 -0.27 -2.84
C HIS A 51 19.28 -1.42 -2.45
N THR A 52 20.36 -1.08 -1.76
CA THR A 52 21.33 -2.09 -1.34
C THR A 52 21.56 -2.03 0.17
N SER A 53 21.18 -0.91 0.78
CA SER A 53 21.34 -0.73 2.22
C SER A 53 20.11 -1.22 2.97
N ASN A 54 18.93 -0.88 2.45
CA ASN A 54 17.67 -1.29 3.07
C ASN A 54 16.91 -2.23 2.16
N ASP A 55 16.31 -3.26 2.75
CA ASP A 55 15.53 -4.24 2.00
C ASP A 55 14.67 -3.56 0.95
N PRO A 56 14.32 -4.30 -0.11
CA PRO A 56 13.49 -3.78 -1.20
C PRO A 56 12.05 -3.55 -0.78
N TYR A 57 11.25 -2.99 -1.68
CA TYR A 57 9.85 -2.70 -1.38
C TYR A 57 9.02 -2.65 -2.67
N CYS A 58 7.79 -3.12 -2.59
CA CYS A 58 6.90 -3.13 -3.76
C CYS A 58 5.56 -2.48 -3.42
N PHE A 59 4.91 -1.93 -4.43
CA PHE A 59 3.62 -1.27 -4.25
C PHE A 59 2.48 -2.16 -4.72
N VAL A 60 1.38 -2.16 -3.96
CA VAL A 60 0.22 -2.97 -4.30
C VAL A 60 -1.05 -2.12 -4.34
N GLU A 61 -1.66 -2.04 -5.52
CA GLU A 61 -2.89 -1.26 -5.68
C GLU A 61 -4.09 -2.18 -5.88
N PHE A 62 -5.18 -1.86 -5.20
CA PHE A 62 -6.40 -2.65 -5.29
C PHE A 62 -7.50 -1.88 -6.03
N TYR A 63 -8.58 -2.57 -6.37
CA TYR A 63 -9.70 -1.95 -7.06
C TYR A 63 -10.54 -1.13 -6.10
N GLU A 64 -10.70 -1.62 -4.89
CA GLU A 64 -11.49 -0.93 -3.87
C GLU A 64 -10.70 -0.77 -2.57
N HIS A 65 -11.18 0.11 -1.70
CA HIS A 65 -10.52 0.36 -0.43
C HIS A 65 -10.72 -0.81 0.53
N ARG A 66 -11.87 -1.47 0.40
CA ARG A 66 -12.19 -2.61 1.27
C ARG A 66 -11.15 -3.71 1.10
N ASP A 67 -10.69 -3.92 -0.13
CA ASP A 67 -9.69 -4.95 -0.41
C ASP A 67 -8.31 -4.52 0.09
N ALA A 68 -7.95 -3.27 -0.21
CA ALA A 68 -6.66 -2.73 0.19
C ALA A 68 -6.49 -2.78 1.71
N ALA A 69 -7.56 -2.40 2.42
CA ALA A 69 -7.54 -2.40 3.87
C ALA A 69 -7.49 -3.82 4.43
N ALA A 70 -8.27 -4.71 3.83
CA ALA A 70 -8.32 -6.10 4.26
C ALA A 70 -6.97 -6.80 4.03
N ALA A 71 -6.39 -6.57 2.84
CA ALA A 71 -5.11 -7.16 2.50
C ALA A 71 -3.97 -6.51 3.28
N LEU A 72 -4.11 -5.21 3.53
CA LEU A 72 -3.09 -4.47 4.26
C LEU A 72 -2.88 -5.06 5.65
N ALA A 73 -3.98 -5.24 6.39
CA ALA A 73 -3.91 -5.79 7.73
C ALA A 73 -3.48 -7.27 7.69
N ALA A 74 -4.03 -8.01 6.74
CA ALA A 74 -3.70 -9.42 6.60
C ALA A 74 -2.25 -9.61 6.20
N MET A 75 -1.73 -8.69 5.39
CA MET A 75 -0.34 -8.76 4.94
C MET A 75 0.56 -7.93 5.84
N ASN A 76 -0.04 -7.07 6.65
CA ASN A 76 0.71 -6.21 7.56
C ASN A 76 1.59 -7.04 8.48
N GLY A 77 2.89 -7.03 8.23
CA GLY A 77 3.81 -7.80 9.06
C GLY A 77 3.61 -9.29 8.92
N ARG A 78 3.22 -9.72 7.72
CA ARG A 78 3.00 -11.14 7.46
C ARG A 78 4.32 -11.87 7.26
N LYS A 79 4.29 -13.19 7.39
CA LYS A 79 5.49 -14.00 7.22
C LYS A 79 5.56 -14.58 5.81
N ILE A 80 6.56 -14.14 5.05
CA ILE A 80 6.74 -14.61 3.68
C ILE A 80 8.20 -14.94 3.41
N LEU A 81 8.46 -16.19 2.99
CA LEU A 81 9.81 -16.63 2.69
C LEU A 81 10.71 -16.51 3.91
N GLY A 82 10.13 -16.76 5.09
CA GLY A 82 10.89 -16.68 6.33
C GLY A 82 11.18 -15.25 6.75
N LYS A 83 10.80 -14.30 5.89
CA LYS A 83 11.03 -12.89 6.18
C LYS A 83 9.70 -12.16 6.36
N GLU A 84 9.54 -11.51 7.51
CA GLU A 84 8.32 -10.78 7.80
C GLU A 84 8.23 -9.51 6.96
N VAL A 85 7.16 -9.38 6.18
CA VAL A 85 6.96 -8.23 5.33
C VAL A 85 6.05 -7.20 6.00
N LYS A 86 6.44 -5.94 5.93
CA LYS A 86 5.66 -4.85 6.53
C LYS A 86 4.81 -4.14 5.48
N VAL A 87 3.52 -4.04 5.75
CA VAL A 87 2.60 -3.38 4.82
C VAL A 87 1.91 -2.20 5.49
N ASN A 88 1.93 -1.05 4.82
CA ASN A 88 1.30 0.16 5.36
C ASN A 88 0.67 0.98 4.24
N TRP A 89 -0.23 1.89 4.61
CA TRP A 89 -0.91 2.73 3.63
C TRP A 89 0.08 3.63 2.91
N ALA A 90 0.12 3.52 1.59
CA ALA A 90 1.02 4.33 0.77
C ALA A 90 0.51 5.76 0.67
N THR A 91 -0.62 5.94 0.00
CA THR A 91 -1.21 7.26 -0.19
C THR A 91 -2.06 7.65 1.02
N THR A 92 -1.74 8.79 1.62
CA THR A 92 -2.48 9.28 2.77
C THR A 92 -3.47 10.37 2.38
N PRO A 93 -4.59 10.46 3.10
CA PRO A 93 -5.62 11.46 2.85
C PRO A 93 -5.18 12.88 3.20
N SER A 94 -4.17 12.96 4.06
CA SER A 94 -3.64 14.26 4.48
C SER A 94 -3.60 15.24 3.31
N SER A 95 -3.96 16.49 3.60
CA SER A 95 -3.98 17.53 2.57
C SER A 95 -4.14 18.90 3.19
N GLN A 96 -3.83 19.95 2.42
CA GLN A 96 -3.94 21.32 2.90
C GLN A 96 -5.41 21.74 2.98
N LYS A 97 -6.07 21.37 4.07
CA LYS A 97 -7.46 21.71 4.28
C LYS A 97 -7.71 23.19 4.01
N SER A 98 -8.61 23.49 3.08
CA SER A 98 -8.92 24.87 2.72
C SER A 98 -9.53 25.60 3.92
N GLY A 99 -10.65 25.09 4.42
CA GLY A 99 -11.32 25.71 5.55
C GLY A 99 -12.65 26.33 5.18
N PRO A 100 -13.42 26.74 6.19
CA PRO A 100 -14.74 27.36 5.99
C PRO A 100 -14.63 28.75 5.38
N SER A 101 -15.73 29.22 4.80
CA SER A 101 -15.77 30.54 4.18
C SER A 101 -17.19 31.04 4.05
N SER A 102 -17.36 32.36 4.03
CA SER A 102 -18.67 32.97 3.92
C SER A 102 -19.57 32.18 2.97
N GLY A 103 -19.14 32.09 1.70
CA GLY A 103 -19.91 31.36 0.72
C GLY A 103 -20.83 32.25 -0.08
N GLY A 1 -4.65 23.27 12.41
CA GLY A 1 -5.75 23.85 13.16
C GLY A 1 -7.06 23.81 12.42
N SER A 2 -7.85 24.86 12.56
CA SER A 2 -9.16 24.94 11.90
C SER A 2 -9.02 25.63 10.54
N SER A 3 -9.26 24.86 9.49
CA SER A 3 -9.17 25.39 8.12
C SER A 3 -10.39 24.99 7.31
N GLY A 4 -11.48 25.73 7.48
CA GLY A 4 -12.70 25.44 6.74
C GLY A 4 -13.64 24.53 7.51
N SER A 5 -13.86 23.32 6.98
CA SER A 5 -14.74 22.35 7.62
C SER A 5 -14.04 21.67 8.79
N SER A 6 -14.72 21.61 9.93
CA SER A 6 -14.16 20.98 11.12
C SER A 6 -15.03 19.81 11.58
N GLY A 7 -14.39 18.75 12.08
CA GLY A 7 -15.12 17.59 12.54
C GLY A 7 -16.03 17.02 11.48
N MET A 8 -15.43 16.50 10.41
CA MET A 8 -16.21 15.91 9.32
C MET A 8 -15.41 14.81 8.62
N MET A 9 -16.10 13.74 8.25
CA MET A 9 -15.46 12.62 7.58
C MET A 9 -16.15 12.30 6.26
N GLU A 10 -15.81 13.05 5.22
CA GLU A 10 -16.41 12.85 3.91
C GLU A 10 -15.49 12.01 3.02
N ASP A 11 -16.02 10.90 2.51
CA ASP A 11 -15.25 10.02 1.66
C ASP A 11 -14.56 10.80 0.54
N ASP A 12 -13.25 10.98 0.66
CA ASP A 12 -12.49 11.71 -0.34
C ASP A 12 -11.49 10.78 -1.04
N GLY A 13 -11.99 10.05 -2.03
CA GLY A 13 -11.14 9.14 -2.78
C GLY A 13 -10.38 8.19 -1.86
N GLN A 14 -11.08 7.26 -1.25
CA GLN A 14 -10.47 6.29 -0.35
C GLN A 14 -9.16 5.77 -0.93
N PRO A 15 -8.19 5.47 -0.05
CA PRO A 15 -6.88 4.95 -0.47
C PRO A 15 -6.97 3.52 -1.00
N ARG A 16 -6.22 3.25 -2.07
CA ARG A 16 -6.20 1.93 -2.69
C ARG A 16 -4.77 1.48 -2.98
N THR A 17 -3.81 2.13 -2.33
CA THR A 17 -2.41 1.80 -2.53
C THR A 17 -1.73 1.47 -1.21
N LEU A 18 -0.95 0.39 -1.20
CA LEU A 18 -0.24 -0.04 0.00
C LEU A 18 1.24 -0.23 -0.28
N TYR A 19 2.08 0.15 0.69
CA TYR A 19 3.53 0.01 0.54
C TYR A 19 4.03 -1.23 1.26
N VAL A 20 4.69 -2.11 0.52
CA VAL A 20 5.23 -3.34 1.09
C VAL A 20 6.74 -3.26 1.24
N GLY A 21 7.21 -3.38 2.49
CA GLY A 21 8.64 -3.31 2.75
C GLY A 21 9.15 -4.54 3.48
N ASN A 22 10.46 -4.67 3.56
CA ASN A 22 11.09 -5.81 4.23
C ASN A 22 10.81 -7.10 3.47
N LEU A 23 11.13 -7.10 2.18
CA LEU A 23 10.92 -8.27 1.33
C LEU A 23 12.25 -8.95 1.02
N SER A 24 12.25 -10.28 1.08
CA SER A 24 13.46 -11.06 0.80
C SER A 24 13.89 -10.88 -0.65
N ARG A 25 15.16 -11.15 -0.92
CA ARG A 25 15.71 -11.02 -2.26
C ARG A 25 15.13 -12.08 -3.19
N ASP A 26 14.41 -13.02 -2.61
CA ASP A 26 13.80 -14.10 -3.39
C ASP A 26 12.40 -13.71 -3.86
N VAL A 27 11.73 -12.87 -3.08
CA VAL A 27 10.39 -12.41 -3.42
C VAL A 27 10.35 -11.81 -4.82
N THR A 28 9.17 -11.85 -5.44
CA THR A 28 9.00 -11.30 -6.78
C THR A 28 7.67 -10.59 -6.92
N GLU A 29 7.57 -9.71 -7.92
CA GLU A 29 6.34 -8.97 -8.15
C GLU A 29 5.13 -9.91 -8.27
N VAL A 30 5.31 -10.99 -9.03
CA VAL A 30 4.25 -11.97 -9.22
C VAL A 30 3.89 -12.65 -7.91
N LEU A 31 4.90 -12.97 -7.11
CA LEU A 31 4.69 -13.63 -5.82
C LEU A 31 3.77 -12.79 -4.93
N ILE A 32 4.10 -11.51 -4.79
CA ILE A 32 3.30 -10.61 -3.97
C ILE A 32 1.86 -10.55 -4.46
N LEU A 33 1.69 -10.38 -5.77
CA LEU A 33 0.37 -10.31 -6.36
C LEU A 33 -0.43 -11.58 -6.08
N GLN A 34 0.27 -12.70 -6.01
CA GLN A 34 -0.37 -13.99 -5.74
C GLN A 34 -0.92 -14.04 -4.32
N LEU A 35 -0.11 -13.62 -3.35
CA LEU A 35 -0.52 -13.62 -1.96
C LEU A 35 -1.62 -12.59 -1.72
N PHE A 36 -1.44 -11.40 -2.27
CA PHE A 36 -2.43 -10.33 -2.10
C PHE A 36 -3.69 -10.64 -2.91
N SER A 37 -3.52 -11.28 -4.05
CA SER A 37 -4.64 -11.63 -4.91
C SER A 37 -5.61 -12.55 -4.18
N GLN A 38 -5.08 -13.42 -3.34
CA GLN A 38 -5.90 -14.35 -2.58
C GLN A 38 -6.94 -13.61 -1.75
N ILE A 39 -6.58 -12.43 -1.25
CA ILE A 39 -7.48 -11.62 -0.45
C ILE A 39 -8.44 -10.82 -1.33
N GLY A 40 -7.89 -10.14 -2.33
CA GLY A 40 -8.71 -9.34 -3.22
C GLY A 40 -8.02 -9.08 -4.55
N PRO A 41 -8.78 -8.55 -5.52
CA PRO A 41 -8.27 -8.24 -6.86
C PRO A 41 -7.29 -7.07 -6.83
N CYS A 42 -6.10 -7.29 -7.39
CA CYS A 42 -5.08 -6.25 -7.44
C CYS A 42 -5.08 -5.56 -8.79
N LYS A 43 -5.09 -4.22 -8.77
CA LYS A 43 -5.09 -3.43 -9.99
C LYS A 43 -3.72 -3.48 -10.67
N SER A 44 -2.67 -3.23 -9.89
CA SER A 44 -1.31 -3.25 -10.42
C SER A 44 -0.29 -3.27 -9.29
N CYS A 45 0.81 -3.99 -9.51
CA CYS A 45 1.85 -4.09 -8.51
C CYS A 45 3.21 -3.76 -9.12
N LYS A 46 3.96 -2.89 -8.44
CA LYS A 46 5.27 -2.48 -8.91
C LYS A 46 6.34 -2.72 -7.84
N MET A 47 7.26 -3.63 -8.10
CA MET A 47 8.32 -3.94 -7.16
C MET A 47 9.56 -3.10 -7.45
N ILE A 48 9.98 -2.31 -6.47
CA ILE A 48 11.16 -1.46 -6.62
C ILE A 48 12.32 -1.98 -5.78
N THR A 49 13.41 -2.34 -6.45
CA THR A 49 14.59 -2.85 -5.77
C THR A 49 15.84 -2.07 -6.17
N GLU A 50 15.71 -0.74 -6.23
CA GLU A 50 16.83 0.11 -6.59
C GLU A 50 17.35 0.88 -5.38
N HIS A 51 17.25 0.26 -4.21
CA HIS A 51 17.70 0.88 -2.97
C HIS A 51 18.82 0.07 -2.34
N THR A 52 20.05 0.54 -2.49
CA THR A 52 21.21 -0.15 -1.94
C THR A 52 21.47 0.27 -0.49
N SER A 53 20.39 0.34 0.29
CA SER A 53 20.50 0.74 1.69
C SER A 53 19.86 -0.30 2.60
N ASN A 54 18.69 -0.78 2.21
CA ASN A 54 17.97 -1.79 2.98
C ASN A 54 17.12 -2.68 2.09
N ASP A 55 16.48 -3.67 2.68
CA ASP A 55 15.63 -4.59 1.93
C ASP A 55 14.78 -3.84 0.91
N PRO A 56 14.43 -4.52 -0.18
CA PRO A 56 13.61 -3.94 -1.25
C PRO A 56 12.16 -3.70 -0.81
N TYR A 57 11.37 -3.10 -1.69
CA TYR A 57 9.97 -2.82 -1.40
C TYR A 57 9.15 -2.76 -2.67
N CYS A 58 7.87 -3.11 -2.55
CA CYS A 58 6.97 -3.11 -3.71
C CYS A 58 5.64 -2.45 -3.35
N PHE A 59 4.96 -1.91 -4.36
CA PHE A 59 3.68 -1.25 -4.15
C PHE A 59 2.53 -2.13 -4.65
N VAL A 60 1.45 -2.16 -3.89
CA VAL A 60 0.28 -2.96 -4.25
C VAL A 60 -0.98 -2.10 -4.27
N GLU A 61 -1.63 -2.03 -5.44
CA GLU A 61 -2.84 -1.24 -5.58
C GLU A 61 -4.06 -2.15 -5.78
N PHE A 62 -5.14 -1.82 -5.09
CA PHE A 62 -6.37 -2.61 -5.17
C PHE A 62 -7.46 -1.82 -5.89
N TYR A 63 -8.48 -2.54 -6.37
CA TYR A 63 -9.59 -1.91 -7.08
C TYR A 63 -10.53 -1.21 -6.11
N GLU A 64 -10.78 -1.83 -4.96
CA GLU A 64 -11.66 -1.26 -3.95
C GLU A 64 -10.87 -0.90 -2.68
N HIS A 65 -11.44 -0.01 -1.88
CA HIS A 65 -10.79 0.41 -0.64
C HIS A 65 -10.87 -0.68 0.42
N ARG A 66 -12.01 -1.39 0.44
CA ARG A 66 -12.21 -2.47 1.41
C ARG A 66 -11.15 -3.54 1.25
N ASP A 67 -10.82 -3.87 0.00
CA ASP A 67 -9.82 -4.89 -0.29
C ASP A 67 -8.44 -4.45 0.19
N ALA A 68 -8.09 -3.21 -0.13
CA ALA A 68 -6.79 -2.67 0.27
C ALA A 68 -6.60 -2.72 1.78
N ALA A 69 -7.66 -2.36 2.51
CA ALA A 69 -7.62 -2.37 3.97
C ALA A 69 -7.52 -3.80 4.50
N ALA A 70 -8.28 -4.70 3.89
CA ALA A 70 -8.28 -6.10 4.31
C ALA A 70 -6.92 -6.75 4.06
N ALA A 71 -6.38 -6.54 2.87
CA ALA A 71 -5.09 -7.11 2.51
C ALA A 71 -3.96 -6.44 3.29
N LEU A 72 -4.12 -5.16 3.58
CA LEU A 72 -3.12 -4.40 4.32
C LEU A 72 -2.91 -5.01 5.70
N ALA A 73 -4.00 -5.23 6.43
CA ALA A 73 -3.94 -5.80 7.76
C ALA A 73 -3.49 -7.27 7.70
N ALA A 74 -4.01 -8.01 6.74
CA ALA A 74 -3.68 -9.41 6.58
C ALA A 74 -2.21 -9.58 6.19
N MET A 75 -1.70 -8.65 5.39
CA MET A 75 -0.32 -8.69 4.94
C MET A 75 0.57 -7.86 5.87
N ASN A 76 -0.05 -7.02 6.70
CA ASN A 76 0.68 -6.18 7.62
C ASN A 76 1.56 -7.02 8.56
N GLY A 77 2.86 -7.04 8.27
CA GLY A 77 3.79 -7.81 9.09
C GLY A 77 3.59 -9.29 8.94
N ARG A 78 3.21 -9.73 7.74
CA ARG A 78 2.98 -11.15 7.47
C ARG A 78 4.31 -11.87 7.25
N LYS A 79 4.27 -13.19 7.36
CA LYS A 79 5.47 -14.02 7.17
C LYS A 79 5.53 -14.57 5.75
N ILE A 80 6.54 -14.15 5.00
CA ILE A 80 6.72 -14.60 3.63
C ILE A 80 8.17 -14.98 3.35
N LEU A 81 8.38 -16.22 2.93
CA LEU A 81 9.72 -16.71 2.63
C LEU A 81 10.62 -16.63 3.87
N GLY A 82 10.04 -16.88 5.04
CA GLY A 82 10.80 -16.83 6.27
C GLY A 82 11.09 -15.41 6.71
N LYS A 83 10.76 -14.45 5.87
CA LYS A 83 10.97 -13.04 6.18
C LYS A 83 9.65 -12.30 6.35
N GLU A 84 9.53 -11.57 7.45
CA GLU A 84 8.31 -10.81 7.73
C GLU A 84 8.26 -9.54 6.89
N VAL A 85 7.13 -9.33 6.22
CA VAL A 85 6.95 -8.16 5.38
C VAL A 85 6.02 -7.15 6.03
N LYS A 86 6.37 -5.88 5.95
CA LYS A 86 5.57 -4.82 6.54
C LYS A 86 4.73 -4.11 5.48
N VAL A 87 3.44 -3.96 5.75
CA VAL A 87 2.54 -3.31 4.81
C VAL A 87 1.81 -2.14 5.48
N ASN A 88 1.87 -0.97 4.85
CA ASN A 88 1.22 0.21 5.38
C ASN A 88 0.59 1.04 4.26
N TRP A 89 -0.35 1.90 4.63
CA TRP A 89 -1.03 2.74 3.66
C TRP A 89 -0.06 3.70 2.98
N ALA A 90 0.04 3.61 1.66
CA ALA A 90 0.93 4.46 0.88
C ALA A 90 0.35 5.87 0.74
N THR A 91 -0.78 5.97 0.07
CA THR A 91 -1.44 7.26 -0.14
C THR A 91 -1.57 8.03 1.16
N THR A 92 -2.20 7.41 2.15
CA THR A 92 -2.39 8.04 3.45
C THR A 92 -1.61 7.31 4.54
N PRO A 93 -1.10 8.07 5.52
CA PRO A 93 -0.33 7.53 6.64
C PRO A 93 -1.19 6.69 7.58
N SER A 94 -0.53 5.97 8.49
CA SER A 94 -1.23 5.13 9.45
C SER A 94 -1.98 5.98 10.47
N SER A 95 -3.21 6.36 10.14
CA SER A 95 -4.03 7.18 11.02
C SER A 95 -5.11 6.34 11.69
N GLN A 96 -4.75 5.10 12.04
CA GLN A 96 -5.69 4.19 12.69
C GLN A 96 -5.12 3.66 14.00
N LYS A 97 -5.98 3.47 14.99
CA LYS A 97 -5.56 2.96 16.28
C LYS A 97 -6.76 2.49 17.10
N SER A 98 -6.81 1.18 17.35
CA SER A 98 -7.91 0.60 18.11
C SER A 98 -8.37 1.55 19.21
N GLY A 99 -7.44 2.00 20.04
CA GLY A 99 -7.77 2.92 21.12
C GLY A 99 -7.11 2.52 22.43
N PRO A 100 -7.43 3.26 23.49
CA PRO A 100 -6.88 3.01 24.83
C PRO A 100 -7.40 1.72 25.44
N SER A 101 -8.70 1.48 25.30
CA SER A 101 -9.32 0.29 25.84
C SER A 101 -9.40 -0.82 24.78
N SER A 102 -8.40 -1.70 24.79
CA SER A 102 -8.35 -2.80 23.83
C SER A 102 -7.75 -4.05 24.47
N GLY A 103 -8.25 -5.22 24.06
CA GLY A 103 -7.76 -6.46 24.60
C GLY A 103 -7.90 -7.61 23.62
N GLY A 1 -15.45 42.12 -6.20
CA GLY A 1 -14.25 41.61 -5.56
C GLY A 1 -13.52 40.60 -6.41
N SER A 2 -13.10 39.50 -5.80
CA SER A 2 -12.38 38.45 -6.52
C SER A 2 -13.26 37.83 -7.60
N SER A 3 -12.65 37.48 -8.72
CA SER A 3 -13.38 36.88 -9.84
C SER A 3 -12.82 35.49 -10.14
N GLY A 4 -13.71 34.61 -10.61
CA GLY A 4 -13.30 33.26 -10.94
C GLY A 4 -13.54 32.28 -9.80
N SER A 5 -14.80 32.17 -9.38
CA SER A 5 -15.16 31.27 -8.29
C SER A 5 -15.52 29.89 -8.83
N SER A 6 -14.76 28.88 -8.40
CA SER A 6 -14.99 27.51 -8.84
C SER A 6 -14.95 26.55 -7.66
N GLY A 7 -16.04 25.81 -7.46
CA GLY A 7 -16.10 24.87 -6.36
C GLY A 7 -16.10 23.42 -6.84
N MET A 8 -14.96 22.76 -6.69
CA MET A 8 -14.83 21.37 -7.12
C MET A 8 -15.94 20.52 -6.51
N MET A 9 -16.08 20.57 -5.19
CA MET A 9 -17.10 19.81 -4.49
C MET A 9 -16.97 18.32 -4.80
N GLU A 10 -15.74 17.84 -4.85
CA GLU A 10 -15.48 16.43 -5.15
C GLU A 10 -14.22 15.95 -4.43
N ASP A 11 -14.39 15.02 -3.49
CA ASP A 11 -13.28 14.48 -2.74
C ASP A 11 -13.49 13.00 -2.43
N ASP A 12 -12.49 12.18 -2.76
CA ASP A 12 -12.58 10.74 -2.52
C ASP A 12 -11.39 10.26 -1.69
N GLY A 13 -11.53 10.38 -0.37
CA GLY A 13 -10.46 9.97 0.53
C GLY A 13 -10.42 8.46 0.70
N GLN A 14 -10.53 7.73 -0.41
CA GLN A 14 -10.51 6.28 -0.37
C GLN A 14 -9.24 5.74 -1.03
N PRO A 15 -8.16 5.63 -0.23
CA PRO A 15 -6.87 5.13 -0.72
C PRO A 15 -6.91 3.64 -1.03
N ARG A 16 -6.31 3.26 -2.16
CA ARG A 16 -6.28 1.85 -2.57
C ARG A 16 -4.85 1.42 -2.90
N THR A 17 -3.89 2.05 -2.23
CA THR A 17 -2.48 1.72 -2.45
C THR A 17 -1.79 1.36 -1.15
N LEU A 18 -1.05 0.27 -1.16
CA LEU A 18 -0.33 -0.19 0.03
C LEU A 18 1.15 -0.42 -0.28
N TYR A 19 2.01 0.02 0.64
CA TYR A 19 3.45 -0.14 0.46
C TYR A 19 3.95 -1.38 1.20
N VAL A 20 4.61 -2.27 0.46
CA VAL A 20 5.16 -3.49 1.04
C VAL A 20 6.67 -3.41 1.17
N GLY A 21 7.16 -3.53 2.41
CA GLY A 21 8.58 -3.47 2.65
C GLY A 21 9.10 -4.67 3.41
N ASN A 22 10.41 -4.79 3.52
CA ASN A 22 11.02 -5.92 4.23
C ASN A 22 10.81 -7.22 3.47
N LEU A 23 10.97 -7.17 2.16
CA LEU A 23 10.78 -8.34 1.31
C LEU A 23 12.12 -9.03 1.05
N SER A 24 12.12 -10.35 1.01
CA SER A 24 13.32 -11.12 0.76
C SER A 24 13.76 -10.99 -0.70
N ARG A 25 15.07 -11.03 -0.93
CA ARG A 25 15.61 -10.91 -2.28
C ARG A 25 14.92 -11.89 -3.24
N ASP A 26 14.39 -12.97 -2.69
CA ASP A 26 13.69 -13.97 -3.49
C ASP A 26 12.31 -13.48 -3.90
N VAL A 27 11.67 -12.72 -3.01
CA VAL A 27 10.34 -12.18 -3.28
C VAL A 27 10.28 -11.54 -4.66
N THR A 28 9.23 -11.85 -5.41
CA THR A 28 9.05 -11.32 -6.75
C THR A 28 7.70 -10.61 -6.88
N GLU A 29 7.59 -9.73 -7.88
CA GLU A 29 6.36 -8.99 -8.11
C GLU A 29 5.17 -9.95 -8.25
N VAL A 30 5.37 -11.01 -9.03
CA VAL A 30 4.32 -12.00 -9.26
C VAL A 30 3.95 -12.71 -7.96
N LEU A 31 4.95 -12.95 -7.11
CA LEU A 31 4.72 -13.62 -5.84
C LEU A 31 3.79 -12.80 -4.95
N ILE A 32 4.10 -11.53 -4.78
CA ILE A 32 3.29 -10.64 -3.96
C ILE A 32 1.86 -10.58 -4.48
N LEU A 33 1.71 -10.37 -5.78
CA LEU A 33 0.40 -10.29 -6.40
C LEU A 33 -0.39 -11.57 -6.18
N GLN A 34 0.33 -12.69 -6.09
CA GLN A 34 -0.32 -13.98 -5.88
C GLN A 34 -0.91 -14.07 -4.47
N LEU A 35 -0.11 -13.69 -3.48
CA LEU A 35 -0.56 -13.74 -2.09
C LEU A 35 -1.65 -12.71 -1.84
N PHE A 36 -1.45 -11.49 -2.32
CA PHE A 36 -2.42 -10.43 -2.15
C PHE A 36 -3.69 -10.72 -2.94
N SER A 37 -3.52 -11.35 -4.11
CA SER A 37 -4.66 -11.69 -4.96
C SER A 37 -5.66 -12.56 -4.21
N GLN A 38 -5.15 -13.46 -3.37
CA GLN A 38 -6.00 -14.36 -2.60
C GLN A 38 -7.00 -13.57 -1.76
N ILE A 39 -6.57 -12.41 -1.26
CA ILE A 39 -7.43 -11.57 -0.45
C ILE A 39 -8.39 -10.76 -1.31
N GLY A 40 -7.86 -10.10 -2.32
CA GLY A 40 -8.69 -9.29 -3.21
C GLY A 40 -8.03 -9.03 -4.54
N PRO A 41 -8.80 -8.47 -5.48
CA PRO A 41 -8.30 -8.15 -6.83
C PRO A 41 -7.30 -7.00 -6.82
N CYS A 42 -6.13 -7.25 -7.41
CA CYS A 42 -5.08 -6.23 -7.47
C CYS A 42 -5.06 -5.55 -8.83
N LYS A 43 -5.08 -4.21 -8.82
CA LYS A 43 -5.08 -3.44 -10.05
C LYS A 43 -3.70 -3.49 -10.71
N SER A 44 -2.66 -3.21 -9.94
CA SER A 44 -1.30 -3.22 -10.45
C SER A 44 -0.29 -3.24 -9.31
N CYS A 45 0.83 -3.93 -9.53
CA CYS A 45 1.88 -4.03 -8.51
C CYS A 45 3.24 -3.67 -9.10
N LYS A 46 3.95 -2.79 -8.41
CA LYS A 46 5.28 -2.36 -8.88
C LYS A 46 6.33 -2.64 -7.81
N MET A 47 7.21 -3.60 -8.09
CA MET A 47 8.27 -3.96 -7.17
C MET A 47 9.53 -3.14 -7.43
N ILE A 48 9.92 -2.35 -6.43
CA ILE A 48 11.11 -1.51 -6.56
C ILE A 48 12.26 -2.06 -5.71
N THR A 49 13.38 -2.32 -6.37
CA THR A 49 14.56 -2.84 -5.68
C THR A 49 15.81 -2.04 -6.04
N GLU A 50 15.64 -0.74 -6.22
CA GLU A 50 16.76 0.14 -6.56
C GLU A 50 17.78 0.17 -5.44
N HIS A 51 17.30 0.27 -4.20
CA HIS A 51 18.18 0.32 -3.03
C HIS A 51 18.62 -1.07 -2.63
N THR A 52 19.88 -1.19 -2.20
CA THR A 52 20.42 -2.48 -1.79
C THR A 52 20.58 -2.56 -0.28
N SER A 53 21.28 -1.57 0.29
CA SER A 53 21.50 -1.53 1.73
C SER A 53 20.29 -2.05 2.49
N ASN A 54 19.14 -1.43 2.25
CA ASN A 54 17.90 -1.82 2.92
C ASN A 54 17.08 -2.75 2.01
N ASP A 55 16.42 -3.72 2.62
CA ASP A 55 15.59 -4.66 1.88
C ASP A 55 14.73 -3.94 0.84
N PRO A 56 14.37 -4.65 -0.23
CA PRO A 56 13.54 -4.09 -1.31
C PRO A 56 12.11 -3.84 -0.86
N TYR A 57 11.32 -3.22 -1.74
CA TYR A 57 9.94 -2.91 -1.43
C TYR A 57 9.10 -2.83 -2.71
N CYS A 58 7.82 -3.17 -2.60
CA CYS A 58 6.92 -3.15 -3.75
C CYS A 58 5.59 -2.48 -3.37
N PHE A 59 4.92 -1.92 -4.37
CA PHE A 59 3.64 -1.26 -4.14
C PHE A 59 2.49 -2.12 -4.64
N VAL A 60 1.38 -2.12 -3.90
CA VAL A 60 0.20 -2.90 -4.26
C VAL A 60 -1.04 -2.02 -4.32
N GLU A 61 -1.62 -1.91 -5.52
CA GLU A 61 -2.82 -1.10 -5.70
C GLU A 61 -4.04 -1.98 -5.95
N PHE A 62 -5.08 -1.77 -5.17
CA PHE A 62 -6.31 -2.55 -5.28
C PHE A 62 -7.40 -1.75 -6.01
N TYR A 63 -8.52 -2.40 -6.28
CA TYR A 63 -9.63 -1.74 -6.96
C TYR A 63 -10.48 -0.95 -5.98
N GLU A 64 -10.72 -1.52 -4.81
CA GLU A 64 -11.52 -0.87 -3.77
C GLU A 64 -10.74 -0.72 -2.49
N HIS A 65 -11.22 0.13 -1.59
CA HIS A 65 -10.56 0.36 -0.31
C HIS A 65 -10.76 -0.83 0.62
N ARG A 66 -11.89 -1.51 0.48
CA ARG A 66 -12.19 -2.67 1.30
C ARG A 66 -11.14 -3.76 1.13
N ASP A 67 -10.68 -3.94 -0.09
CA ASP A 67 -9.67 -4.96 -0.40
C ASP A 67 -8.30 -4.53 0.12
N ALA A 68 -7.94 -3.27 -0.16
CA ALA A 68 -6.66 -2.74 0.27
C ALA A 68 -6.53 -2.77 1.79
N ALA A 69 -7.61 -2.43 2.49
CA ALA A 69 -7.62 -2.43 3.93
C ALA A 69 -7.55 -3.85 4.49
N ALA A 70 -8.29 -4.76 3.87
CA ALA A 70 -8.30 -6.16 4.31
C ALA A 70 -6.95 -6.81 4.07
N ALA A 71 -6.41 -6.63 2.88
CA ALA A 71 -5.11 -7.21 2.54
C ALA A 71 -3.98 -6.52 3.30
N LEU A 72 -4.14 -5.22 3.54
CA LEU A 72 -3.14 -4.44 4.26
C LEU A 72 -2.92 -5.01 5.67
N ALA A 73 -4.01 -5.20 6.40
CA ALA A 73 -3.94 -5.75 7.75
C ALA A 73 -3.50 -7.21 7.74
N ALA A 74 -4.03 -7.98 6.80
CA ALA A 74 -3.69 -9.38 6.68
C ALA A 74 -2.22 -9.56 6.30
N MET A 75 -1.72 -8.66 5.45
CA MET A 75 -0.33 -8.72 5.01
C MET A 75 0.56 -7.88 5.91
N ASN A 76 -0.06 -7.00 6.70
CA ASN A 76 0.68 -6.14 7.60
C ASN A 76 1.55 -6.96 8.56
N GLY A 77 2.85 -7.02 8.25
CA GLY A 77 3.76 -7.77 9.09
C GLY A 77 3.57 -9.27 8.96
N ARG A 78 3.25 -9.73 7.75
CA ARG A 78 3.03 -11.14 7.49
C ARG A 78 4.37 -11.86 7.26
N LYS A 79 4.36 -13.17 7.47
CA LYS A 79 5.56 -13.98 7.29
C LYS A 79 5.63 -14.53 5.87
N ILE A 80 6.62 -14.08 5.10
CA ILE A 80 6.80 -14.54 3.74
C ILE A 80 8.25 -14.89 3.45
N LEU A 81 8.49 -16.14 3.06
CA LEU A 81 9.85 -16.60 2.76
C LEU A 81 10.75 -16.45 3.98
N GLY A 82 10.21 -16.74 5.16
CA GLY A 82 10.99 -16.63 6.38
C GLY A 82 11.26 -15.19 6.77
N LYS A 83 10.82 -14.26 5.94
CA LYS A 83 11.03 -12.84 6.20
C LYS A 83 9.69 -12.12 6.38
N GLU A 84 9.53 -11.46 7.52
CA GLU A 84 8.30 -10.73 7.81
C GLU A 84 8.22 -9.45 6.99
N VAL A 85 7.16 -9.36 6.18
CA VAL A 85 6.97 -8.18 5.33
C VAL A 85 6.06 -7.17 6.01
N LYS A 86 6.40 -5.89 5.88
CA LYS A 86 5.60 -4.82 6.48
C LYS A 86 4.72 -4.15 5.43
N VAL A 87 3.44 -3.99 5.76
CA VAL A 87 2.49 -3.37 4.85
C VAL A 87 1.80 -2.17 5.51
N ASN A 88 1.84 -1.03 4.83
CA ASN A 88 1.21 0.18 5.35
C ASN A 88 0.55 0.98 4.23
N TRP A 89 -0.32 1.90 4.61
CA TRP A 89 -1.02 2.73 3.64
C TRP A 89 -0.05 3.64 2.90
N ALA A 90 0.02 3.49 1.58
CA ALA A 90 0.90 4.31 0.76
C ALA A 90 0.31 5.69 0.51
N THR A 91 0.57 6.62 1.41
CA THR A 91 0.05 7.98 1.29
C THR A 91 1.06 8.88 0.59
N THR A 92 0.62 9.53 -0.48
CA THR A 92 1.49 10.43 -1.24
C THR A 92 1.67 11.76 -0.52
N PRO A 93 2.86 12.35 -0.64
CA PRO A 93 3.17 13.64 -0.02
C PRO A 93 2.42 14.80 -0.67
N SER A 94 1.81 15.64 0.17
CA SER A 94 1.05 16.79 -0.33
C SER A 94 1.16 17.96 0.64
N SER A 95 1.54 19.11 0.11
CA SER A 95 1.69 20.32 0.92
C SER A 95 0.39 20.64 1.67
N GLN A 96 0.52 21.37 2.77
CA GLN A 96 -0.64 21.73 3.57
C GLN A 96 -1.57 22.65 2.79
N LYS A 97 -2.85 22.66 3.16
CA LYS A 97 -3.84 23.50 2.50
C LYS A 97 -5.13 23.57 3.33
N SER A 98 -5.53 24.78 3.69
CA SER A 98 -6.74 24.98 4.48
C SER A 98 -7.87 25.54 3.60
N GLY A 99 -9.10 25.40 4.07
CA GLY A 99 -10.25 25.89 3.33
C GLY A 99 -10.62 27.31 3.72
N PRO A 100 -11.32 28.01 2.81
CA PRO A 100 -11.75 29.38 3.05
C PRO A 100 -12.85 29.48 4.09
N SER A 101 -13.51 28.35 4.35
CA SER A 101 -14.59 28.30 5.33
C SER A 101 -14.28 29.20 6.52
N SER A 102 -15.33 29.71 7.16
CA SER A 102 -15.17 30.58 8.31
C SER A 102 -15.96 30.05 9.51
N GLY A 103 -15.50 30.40 10.71
CA GLY A 103 -16.18 29.95 11.91
C GLY A 103 -15.46 28.79 12.58
N GLY A 1 -24.38 34.93 5.25
CA GLY A 1 -25.77 35.10 4.86
C GLY A 1 -26.43 33.79 4.47
N SER A 2 -26.26 33.40 3.22
CA SER A 2 -26.85 32.16 2.72
C SER A 2 -25.87 31.42 1.81
N SER A 3 -26.06 30.12 1.69
CA SER A 3 -25.21 29.29 0.84
C SER A 3 -25.13 29.85 -0.57
N GLY A 4 -23.97 29.67 -1.21
CA GLY A 4 -23.79 30.17 -2.57
C GLY A 4 -24.43 29.26 -3.60
N SER A 5 -23.86 28.08 -3.79
CA SER A 5 -24.38 27.12 -4.76
C SER A 5 -25.25 26.08 -4.08
N SER A 6 -24.77 25.55 -2.96
CA SER A 6 -25.52 24.54 -2.21
C SER A 6 -25.82 23.32 -3.09
N GLY A 7 -24.83 22.92 -3.87
CA GLY A 7 -25.00 21.77 -4.75
C GLY A 7 -23.68 21.20 -5.23
N MET A 8 -22.84 20.79 -4.29
CA MET A 8 -21.54 20.22 -4.63
C MET A 8 -21.53 18.71 -4.40
N MET A 9 -20.66 18.01 -5.12
CA MET A 9 -20.55 16.56 -5.00
C MET A 9 -19.67 16.18 -3.82
N GLU A 10 -19.91 15.00 -3.26
CA GLU A 10 -19.14 14.53 -2.12
C GLU A 10 -18.18 13.42 -2.54
N ASP A 11 -16.89 13.63 -2.26
CA ASP A 11 -15.86 12.64 -2.61
C ASP A 11 -14.66 12.78 -1.69
N ASP A 12 -14.35 11.70 -0.96
CA ASP A 12 -13.22 11.70 -0.05
C ASP A 12 -11.95 11.24 -0.75
N GLY A 13 -12.03 10.10 -1.43
CA GLY A 13 -10.89 9.57 -2.15
C GLY A 13 -10.14 8.53 -1.34
N GLN A 14 -10.87 7.54 -0.83
CA GLN A 14 -10.26 6.47 -0.05
C GLN A 14 -9.03 5.91 -0.73
N PRO A 15 -7.99 5.62 0.05
CA PRO A 15 -6.74 5.07 -0.46
C PRO A 15 -6.89 3.63 -0.95
N ARG A 16 -6.20 3.30 -2.04
CA ARG A 16 -6.26 1.96 -2.61
C ARG A 16 -4.86 1.41 -2.86
N THR A 17 -3.85 2.11 -2.34
CA THR A 17 -2.46 1.70 -2.51
C THR A 17 -1.81 1.41 -1.16
N LEU A 18 -1.02 0.35 -1.11
CA LEU A 18 -0.32 -0.04 0.12
C LEU A 18 1.17 -0.24 -0.14
N TYR A 19 1.98 0.28 0.77
CA TYR A 19 3.43 0.15 0.65
C TYR A 19 3.94 -1.12 1.33
N VAL A 20 4.64 -1.95 0.59
CA VAL A 20 5.19 -3.19 1.12
C VAL A 20 6.70 -3.12 1.25
N GLY A 21 7.20 -3.29 2.47
CA GLY A 21 8.62 -3.25 2.72
C GLY A 21 9.13 -4.50 3.42
N ASN A 22 10.45 -4.59 3.56
CA ASN A 22 11.07 -5.73 4.22
C ASN A 22 10.77 -7.02 3.45
N LEU A 23 11.10 -7.02 2.16
CA LEU A 23 10.88 -8.19 1.32
C LEU A 23 12.20 -8.88 0.99
N SER A 24 12.21 -10.21 1.11
CA SER A 24 13.41 -10.99 0.83
C SER A 24 13.81 -10.85 -0.64
N ARG A 25 15.09 -11.05 -0.92
CA ARG A 25 15.60 -10.95 -2.29
C ARG A 25 14.96 -12.01 -3.18
N ASP A 26 14.23 -12.94 -2.56
CA ASP A 26 13.56 -14.00 -3.30
C ASP A 26 12.16 -13.57 -3.73
N VAL A 27 11.55 -12.71 -2.92
CA VAL A 27 10.21 -12.22 -3.22
C VAL A 27 10.16 -11.54 -4.59
N THR A 28 9.14 -11.88 -5.37
CA THR A 28 8.97 -11.31 -6.70
C THR A 28 7.62 -10.62 -6.84
N GLU A 29 7.44 -9.89 -7.93
CA GLU A 29 6.20 -9.17 -8.19
C GLU A 29 5.03 -10.14 -8.28
N VAL A 30 5.26 -11.27 -8.94
CA VAL A 30 4.22 -12.29 -9.11
C VAL A 30 3.83 -12.90 -7.78
N LEU A 31 4.84 -13.20 -6.96
CA LEU A 31 4.61 -13.79 -5.64
C LEU A 31 3.72 -12.89 -4.79
N ILE A 32 4.09 -11.62 -4.70
CA ILE A 32 3.33 -10.66 -3.92
C ILE A 32 1.88 -10.57 -4.40
N LEU A 33 1.71 -10.45 -5.71
CA LEU A 33 0.38 -10.36 -6.29
C LEU A 33 -0.44 -11.63 -6.00
N GLN A 34 0.27 -12.76 -5.90
CA GLN A 34 -0.39 -14.03 -5.63
C GLN A 34 -0.99 -14.04 -4.23
N LEU A 35 -0.19 -13.68 -3.24
CA LEU A 35 -0.64 -13.64 -1.86
C LEU A 35 -1.74 -12.60 -1.67
N PHE A 36 -1.51 -11.40 -2.20
CA PHE A 36 -2.47 -10.32 -2.10
C PHE A 36 -3.73 -10.63 -2.91
N SER A 37 -3.54 -11.32 -4.03
CA SER A 37 -4.67 -11.68 -4.90
C SER A 37 -5.64 -12.60 -4.18
N GLN A 38 -5.11 -13.50 -3.35
CA GLN A 38 -5.94 -14.43 -2.61
C GLN A 38 -6.99 -13.69 -1.77
N ILE A 39 -6.63 -12.50 -1.31
CA ILE A 39 -7.53 -11.69 -0.50
C ILE A 39 -8.44 -10.85 -1.38
N GLY A 40 -7.85 -10.09 -2.29
CA GLY A 40 -8.63 -9.25 -3.19
C GLY A 40 -7.95 -9.03 -4.52
N PRO A 41 -8.70 -8.50 -5.49
CA PRO A 41 -8.18 -8.23 -6.84
C PRO A 41 -7.19 -7.08 -6.85
N CYS A 42 -6.00 -7.34 -7.41
CA CYS A 42 -4.95 -6.33 -7.48
C CYS A 42 -4.98 -5.63 -8.84
N LYS A 43 -4.95 -4.30 -8.81
CA LYS A 43 -4.97 -3.51 -10.05
C LYS A 43 -3.59 -3.52 -10.72
N SER A 44 -2.55 -3.28 -9.92
CA SER A 44 -1.19 -3.26 -10.44
C SER A 44 -0.18 -3.30 -9.30
N CYS A 45 0.93 -4.00 -9.52
CA CYS A 45 1.97 -4.12 -8.51
C CYS A 45 3.33 -3.75 -9.10
N LYS A 46 4.04 -2.85 -8.41
CA LYS A 46 5.35 -2.42 -8.86
C LYS A 46 6.41 -2.69 -7.79
N MET A 47 7.37 -3.54 -8.12
CA MET A 47 8.45 -3.89 -7.20
C MET A 47 9.69 -3.06 -7.47
N ILE A 48 10.11 -2.28 -6.50
CA ILE A 48 11.29 -1.44 -6.63
C ILE A 48 12.45 -1.95 -5.77
N THR A 49 13.56 -2.28 -6.42
CA THR A 49 14.73 -2.78 -5.72
C THR A 49 16.01 -2.09 -6.19
N GLU A 50 15.97 -0.77 -6.23
CA GLU A 50 17.12 0.02 -6.68
C GLU A 50 17.42 1.15 -5.70
N HIS A 51 17.14 0.91 -4.41
CA HIS A 51 17.36 1.91 -3.38
C HIS A 51 18.70 1.67 -2.68
N THR A 52 18.99 2.48 -1.67
CA THR A 52 20.25 2.35 -0.93
C THR A 52 20.42 0.93 -0.39
N SER A 53 21.53 0.71 0.31
CA SER A 53 21.82 -0.59 0.88
C SER A 53 20.76 -0.98 1.92
N ASN A 54 19.66 -1.55 1.45
CA ASN A 54 18.57 -1.96 2.34
C ASN A 54 17.63 -2.92 1.63
N ASP A 55 16.63 -3.40 2.36
CA ASP A 55 15.65 -4.33 1.80
C ASP A 55 14.77 -3.64 0.76
N PRO A 56 14.39 -4.37 -0.29
CA PRO A 56 13.55 -3.85 -1.36
C PRO A 56 12.11 -3.59 -0.90
N TYR A 57 11.32 -3.01 -1.78
CA TYR A 57 9.92 -2.70 -1.47
C TYR A 57 9.08 -2.64 -2.74
N CYS A 58 7.82 -3.06 -2.63
CA CYS A 58 6.91 -3.05 -3.76
C CYS A 58 5.58 -2.40 -3.39
N PHE A 59 4.86 -1.93 -4.40
CA PHE A 59 3.57 -1.27 -4.18
C PHE A 59 2.42 -2.15 -4.68
N VAL A 60 1.37 -2.24 -3.88
CA VAL A 60 0.20 -3.04 -4.24
C VAL A 60 -1.06 -2.19 -4.27
N GLU A 61 -1.66 -2.07 -5.44
CA GLU A 61 -2.88 -1.28 -5.61
C GLU A 61 -4.09 -2.19 -5.78
N PHE A 62 -5.18 -1.85 -5.11
CA PHE A 62 -6.41 -2.63 -5.19
C PHE A 62 -7.50 -1.86 -5.92
N TYR A 63 -8.54 -2.57 -6.33
CA TYR A 63 -9.65 -1.95 -7.04
C TYR A 63 -10.49 -1.08 -6.10
N GLU A 64 -10.68 -1.56 -4.88
CA GLU A 64 -11.47 -0.83 -3.89
C GLU A 64 -10.67 -0.66 -2.60
N HIS A 65 -11.15 0.22 -1.72
CA HIS A 65 -10.49 0.47 -0.44
C HIS A 65 -10.71 -0.70 0.51
N ARG A 66 -11.86 -1.34 0.41
CA ARG A 66 -12.19 -2.47 1.27
C ARG A 66 -11.16 -3.59 1.11
N ASP A 67 -10.71 -3.80 -0.12
CA ASP A 67 -9.73 -4.84 -0.41
C ASP A 67 -8.35 -4.44 0.10
N ALA A 68 -7.96 -3.21 -0.18
CA ALA A 68 -6.65 -2.70 0.26
C ALA A 68 -6.52 -2.76 1.77
N ALA A 69 -7.59 -2.41 2.47
CA ALA A 69 -7.60 -2.42 3.93
C ALA A 69 -7.53 -3.85 4.46
N ALA A 70 -8.29 -4.75 3.84
CA ALA A 70 -8.31 -6.15 4.25
C ALA A 70 -6.96 -6.81 4.02
N ALA A 71 -6.40 -6.60 2.84
CA ALA A 71 -5.11 -7.17 2.48
C ALA A 71 -3.98 -6.53 3.29
N LEU A 72 -4.14 -5.24 3.57
CA LEU A 72 -3.13 -4.49 4.33
C LEU A 72 -2.94 -5.10 5.71
N ALA A 73 -4.04 -5.30 6.42
CA ALA A 73 -3.99 -5.89 7.76
C ALA A 73 -3.56 -7.35 7.71
N ALA A 74 -4.10 -8.08 6.75
CA ALA A 74 -3.77 -9.49 6.59
C ALA A 74 -2.31 -9.67 6.18
N MET A 75 -1.80 -8.72 5.40
CA MET A 75 -0.41 -8.78 4.93
C MET A 75 0.49 -7.95 5.84
N ASN A 76 -0.11 -7.09 6.66
CA ASN A 76 0.64 -6.24 7.57
C ASN A 76 1.54 -7.07 8.47
N GLY A 77 2.84 -7.04 8.19
CA GLY A 77 3.79 -7.79 8.99
C GLY A 77 3.60 -9.28 8.85
N ARG A 78 3.22 -9.73 7.66
CA ARG A 78 3.00 -11.14 7.40
C ARG A 78 4.32 -11.86 7.15
N LYS A 79 4.31 -13.18 7.30
CA LYS A 79 5.51 -13.98 7.08
C LYS A 79 5.57 -14.50 5.66
N ILE A 80 6.60 -14.11 4.92
CA ILE A 80 6.77 -14.54 3.54
C ILE A 80 8.21 -14.97 3.26
N LEU A 81 8.38 -16.23 2.90
CA LEU A 81 9.71 -16.77 2.61
C LEU A 81 10.64 -16.62 3.82
N GLY A 82 10.10 -16.87 5.01
CA GLY A 82 10.89 -16.76 6.23
C GLY A 82 11.19 -15.32 6.59
N LYS A 83 10.75 -14.39 5.75
CA LYS A 83 10.97 -12.97 5.98
C LYS A 83 9.65 -12.24 6.18
N GLU A 84 9.51 -11.57 7.32
CA GLU A 84 8.30 -10.83 7.63
C GLU A 84 8.23 -9.54 6.83
N VAL A 85 7.15 -9.37 6.06
CA VAL A 85 6.97 -8.17 5.25
C VAL A 85 6.05 -7.17 5.94
N LYS A 86 6.44 -5.90 5.90
CA LYS A 86 5.65 -4.84 6.52
C LYS A 86 4.78 -4.13 5.49
N VAL A 87 3.49 -4.02 5.77
CA VAL A 87 2.56 -3.36 4.87
C VAL A 87 1.85 -2.20 5.56
N ASN A 88 1.82 -1.05 4.90
CA ASN A 88 1.18 0.14 5.45
C ASN A 88 0.50 0.95 4.35
N TRP A 89 -0.39 1.84 4.75
CA TRP A 89 -1.10 2.68 3.79
C TRP A 89 -0.16 3.64 3.09
N ALA A 90 -0.10 3.55 1.76
CA ALA A 90 0.77 4.40 0.97
C ALA A 90 0.17 5.81 0.82
N THR A 91 0.81 6.79 1.44
CA THR A 91 0.34 8.17 1.37
C THR A 91 1.22 9.00 0.45
N THR A 92 0.60 9.62 -0.55
CA THR A 92 1.32 10.44 -1.50
C THR A 92 1.41 11.89 -1.03
N PRO A 93 2.46 12.59 -1.47
CA PRO A 93 2.70 13.99 -1.09
C PRO A 93 1.68 14.93 -1.73
N SER A 94 1.04 14.48 -2.80
CA SER A 94 0.06 15.28 -3.51
C SER A 94 -1.36 14.93 -3.05
N SER A 95 -2.33 15.68 -3.53
CA SER A 95 -3.74 15.46 -3.17
C SER A 95 -4.55 15.06 -4.40
N GLN A 96 -5.36 14.01 -4.25
CA GLN A 96 -6.20 13.53 -5.35
C GLN A 96 -7.57 14.19 -5.30
N LYS A 97 -7.60 15.47 -4.98
CA LYS A 97 -8.85 16.22 -4.91
C LYS A 97 -9.48 16.37 -6.29
N SER A 98 -10.81 16.36 -6.34
CA SER A 98 -11.53 16.50 -7.60
C SER A 98 -11.32 17.89 -8.19
N GLY A 99 -11.58 18.91 -7.38
CA GLY A 99 -11.41 20.29 -7.84
C GLY A 99 -12.35 21.25 -7.14
N PRO A 100 -12.11 21.46 -5.84
CA PRO A 100 -12.93 22.36 -5.02
C PRO A 100 -12.72 23.83 -5.40
N SER A 101 -13.78 24.47 -5.88
CA SER A 101 -13.71 25.86 -6.27
C SER A 101 -15.11 26.43 -6.52
N SER A 102 -15.49 27.42 -5.73
CA SER A 102 -16.81 28.05 -5.86
C SER A 102 -16.70 29.41 -6.53
N GLY A 103 -17.66 29.71 -7.40
CA GLY A 103 -17.65 30.98 -8.10
C GLY A 103 -18.77 31.90 -7.64
N GLY A 1 14.42 10.64 20.20
CA GLY A 1 14.65 11.51 21.33
C GLY A 1 13.43 12.31 21.72
N SER A 2 12.71 11.85 22.74
CA SER A 2 11.51 12.52 23.20
C SER A 2 10.63 12.94 22.02
N SER A 3 10.51 12.06 21.03
CA SER A 3 9.71 12.33 19.85
C SER A 3 8.45 11.48 19.84
N GLY A 4 7.31 12.13 20.06
CA GLY A 4 6.04 11.41 20.07
C GLY A 4 5.46 11.25 18.68
N SER A 5 4.53 12.13 18.33
CA SER A 5 3.89 12.08 17.02
C SER A 5 4.63 12.95 16.01
N SER A 6 4.97 12.36 14.87
CA SER A 6 5.69 13.08 13.83
C SER A 6 5.18 12.69 12.44
N GLY A 7 4.60 13.66 11.73
CA GLY A 7 4.08 13.38 10.41
C GLY A 7 2.81 14.16 10.11
N MET A 8 2.24 13.93 8.94
CA MET A 8 1.01 14.62 8.54
C MET A 8 0.04 13.65 7.87
N MET A 9 -1.15 14.15 7.54
CA MET A 9 -2.17 13.33 6.89
C MET A 9 -2.46 13.85 5.49
N GLU A 10 -2.07 13.07 4.49
CA GLU A 10 -2.30 13.45 3.09
C GLU A 10 -3.00 12.33 2.33
N ASP A 11 -4.31 12.46 2.17
CA ASP A 11 -5.10 11.46 1.46
C ASP A 11 -6.35 12.09 0.84
N ASP A 12 -6.96 11.38 -0.10
CA ASP A 12 -8.15 11.86 -0.77
C ASP A 12 -9.41 11.41 -0.04
N GLY A 13 -9.55 10.10 0.12
CA GLY A 13 -10.72 9.56 0.79
C GLY A 13 -10.73 8.05 0.82
N GLN A 14 -10.61 7.44 -0.36
CA GLN A 14 -10.61 5.99 -0.47
C GLN A 14 -9.30 5.50 -1.08
N PRO A 15 -8.25 5.38 -0.26
CA PRO A 15 -6.93 4.93 -0.70
C PRO A 15 -6.93 3.44 -1.05
N ARG A 16 -6.32 3.11 -2.19
CA ARG A 16 -6.24 1.73 -2.63
C ARG A 16 -4.80 1.33 -2.91
N THR A 17 -3.87 1.97 -2.22
CA THR A 17 -2.45 1.68 -2.40
C THR A 17 -1.79 1.35 -1.06
N LEU A 18 -0.95 0.32 -1.05
CA LEU A 18 -0.25 -0.10 0.15
C LEU A 18 1.24 -0.28 -0.11
N TYR A 19 2.06 0.16 0.84
CA TYR A 19 3.50 0.04 0.71
C TYR A 19 4.02 -1.22 1.40
N VAL A 20 4.76 -2.04 0.65
CA VAL A 20 5.31 -3.27 1.18
C VAL A 20 6.83 -3.18 1.33
N GLY A 21 7.31 -3.36 2.55
CA GLY A 21 8.74 -3.30 2.79
C GLY A 21 9.27 -4.53 3.49
N ASN A 22 10.59 -4.63 3.59
CA ASN A 22 11.22 -5.79 4.23
C ASN A 22 10.95 -7.06 3.45
N LEU A 23 11.06 -6.98 2.13
CA LEU A 23 10.83 -8.13 1.26
C LEU A 23 12.13 -8.88 0.99
N SER A 24 12.03 -10.21 0.91
CA SER A 24 13.20 -11.04 0.67
C SER A 24 13.61 -10.97 -0.79
N ARG A 25 14.93 -10.92 -1.03
CA ARG A 25 15.45 -10.84 -2.40
C ARG A 25 14.77 -11.86 -3.30
N ASP A 26 14.23 -12.92 -2.70
CA ASP A 26 13.55 -13.97 -3.45
C ASP A 26 12.16 -13.50 -3.88
N VAL A 27 11.51 -12.72 -3.03
CA VAL A 27 10.18 -12.21 -3.33
C VAL A 27 10.13 -11.57 -4.71
N THR A 28 9.04 -11.82 -5.44
CA THR A 28 8.87 -11.27 -6.77
C THR A 28 7.53 -10.55 -6.91
N GLU A 29 7.38 -9.80 -7.99
CA GLU A 29 6.15 -9.06 -8.25
C GLU A 29 4.96 -10.00 -8.36
N VAL A 30 5.15 -11.09 -9.11
CA VAL A 30 4.09 -12.07 -9.31
C VAL A 30 3.73 -12.77 -8.00
N LEU A 31 4.76 -13.07 -7.20
CA LEU A 31 4.56 -13.73 -5.92
C LEU A 31 3.64 -12.91 -5.01
N ILE A 32 3.96 -11.63 -4.86
CA ILE A 32 3.16 -10.73 -4.03
C ILE A 32 1.72 -10.68 -4.51
N LEU A 33 1.55 -10.48 -5.81
CA LEU A 33 0.22 -10.41 -6.41
C LEU A 33 -0.57 -11.69 -6.14
N GLN A 34 0.14 -12.81 -6.09
CA GLN A 34 -0.49 -14.10 -5.84
C GLN A 34 -1.05 -14.17 -4.43
N LEU A 35 -0.24 -13.78 -3.45
CA LEU A 35 -0.65 -13.80 -2.05
C LEU A 35 -1.75 -12.76 -1.79
N PHE A 36 -1.55 -11.57 -2.33
CA PHE A 36 -2.53 -10.49 -2.15
C PHE A 36 -3.80 -10.78 -2.94
N SER A 37 -3.65 -11.43 -4.08
CA SER A 37 -4.80 -11.77 -4.92
C SER A 37 -5.79 -12.63 -4.17
N GLN A 38 -5.29 -13.50 -3.31
CA GLN A 38 -6.14 -14.39 -2.53
C GLN A 38 -7.11 -13.58 -1.66
N ILE A 39 -6.66 -12.40 -1.23
CA ILE A 39 -7.48 -11.54 -0.39
C ILE A 39 -8.44 -10.70 -1.23
N GLY A 40 -7.89 -10.04 -2.25
CA GLY A 40 -8.71 -9.21 -3.12
C GLY A 40 -8.06 -8.98 -4.47
N PRO A 41 -8.82 -8.37 -5.40
CA PRO A 41 -8.33 -8.07 -6.74
C PRO A 41 -7.27 -6.97 -6.75
N CYS A 42 -6.15 -7.24 -7.39
CA CYS A 42 -5.06 -6.27 -7.47
C CYS A 42 -5.04 -5.58 -8.84
N LYS A 43 -5.05 -4.26 -8.82
CA LYS A 43 -5.04 -3.47 -10.05
C LYS A 43 -3.66 -3.55 -10.72
N SER A 44 -2.61 -3.31 -9.93
CA SER A 44 -1.25 -3.35 -10.45
C SER A 44 -0.24 -3.35 -9.32
N CYS A 45 0.88 -4.04 -9.53
CA CYS A 45 1.92 -4.12 -8.51
C CYS A 45 3.28 -3.77 -9.10
N LYS A 46 4.00 -2.87 -8.44
CA LYS A 46 5.32 -2.44 -8.90
C LYS A 46 6.38 -2.70 -7.83
N MET A 47 7.34 -3.57 -8.14
CA MET A 47 8.40 -3.90 -7.20
C MET A 47 9.64 -3.05 -7.47
N ILE A 48 10.06 -2.29 -6.47
CA ILE A 48 11.24 -1.44 -6.61
C ILE A 48 12.38 -1.93 -5.73
N THR A 49 13.51 -2.25 -6.35
CA THR A 49 14.67 -2.74 -5.63
C THR A 49 15.92 -1.93 -5.98
N GLU A 50 15.72 -0.64 -6.24
CA GLU A 50 16.83 0.25 -6.58
C GLU A 50 17.77 0.44 -5.39
N HIS A 51 17.19 0.62 -4.21
CA HIS A 51 17.97 0.82 -3.00
C HIS A 51 18.15 -0.49 -2.24
N THR A 52 19.27 -1.17 -2.48
CA THR A 52 19.55 -2.43 -1.83
C THR A 52 20.39 -2.23 -0.57
N SER A 53 20.07 -1.17 0.17
CA SER A 53 20.80 -0.86 1.40
C SER A 53 20.37 -1.79 2.53
N ASN A 54 19.07 -1.84 2.78
CA ASN A 54 18.53 -2.69 3.84
C ASN A 54 17.65 -3.79 3.26
N ASP A 55 16.55 -3.38 2.62
CA ASP A 55 15.63 -4.33 2.03
C ASP A 55 14.77 -3.65 0.96
N PRO A 56 14.40 -4.43 -0.08
CA PRO A 56 13.58 -3.91 -1.18
C PRO A 56 12.14 -3.62 -0.75
N TYR A 57 11.37 -3.04 -1.67
CA TYR A 57 9.98 -2.70 -1.38
C TYR A 57 9.15 -2.68 -2.66
N CYS A 58 7.87 -3.02 -2.53
CA CYS A 58 6.97 -3.05 -3.68
C CYS A 58 5.64 -2.39 -3.34
N PHE A 59 4.94 -1.93 -4.37
CA PHE A 59 3.65 -1.27 -4.19
C PHE A 59 2.51 -2.15 -4.68
N VAL A 60 1.43 -2.21 -3.91
CA VAL A 60 0.26 -3.01 -4.28
C VAL A 60 -1.00 -2.16 -4.32
N GLU A 61 -1.58 -2.02 -5.51
CA GLU A 61 -2.79 -1.24 -5.68
C GLU A 61 -4.01 -2.14 -5.88
N PHE A 62 -5.06 -1.89 -5.10
CA PHE A 62 -6.28 -2.68 -5.19
C PHE A 62 -7.38 -1.92 -5.93
N TYR A 63 -8.41 -2.63 -6.34
CA TYR A 63 -9.52 -2.03 -7.05
C TYR A 63 -10.34 -1.13 -6.14
N GLU A 64 -10.58 -1.59 -4.92
CA GLU A 64 -11.36 -0.83 -3.95
C GLU A 64 -10.58 -0.66 -2.65
N HIS A 65 -11.09 0.20 -1.76
CA HIS A 65 -10.44 0.45 -0.49
C HIS A 65 -10.62 -0.73 0.46
N ARG A 66 -11.76 -1.40 0.35
CA ARG A 66 -12.05 -2.55 1.21
C ARG A 66 -11.00 -3.64 1.03
N ASP A 67 -10.59 -3.87 -0.22
CA ASP A 67 -9.59 -4.87 -0.53
C ASP A 67 -8.23 -4.48 0.02
N ALA A 68 -7.85 -3.23 -0.21
CA ALA A 68 -6.56 -2.72 0.26
C ALA A 68 -6.47 -2.81 1.78
N ALA A 69 -7.55 -2.45 2.46
CA ALA A 69 -7.59 -2.48 3.91
C ALA A 69 -7.54 -3.92 4.42
N ALA A 70 -8.28 -4.80 3.76
CA ALA A 70 -8.33 -6.20 4.15
C ALA A 70 -6.97 -6.87 3.95
N ALA A 71 -6.37 -6.64 2.79
CA ALA A 71 -5.07 -7.23 2.47
C ALA A 71 -3.96 -6.56 3.27
N LEU A 72 -4.11 -5.26 3.52
CA LEU A 72 -3.12 -4.51 4.28
C LEU A 72 -2.94 -5.10 5.67
N ALA A 73 -4.05 -5.30 6.38
CA ALA A 73 -4.00 -5.86 7.72
C ALA A 73 -3.57 -7.32 7.69
N ALA A 74 -4.06 -8.06 6.72
CA ALA A 74 -3.72 -9.48 6.58
C ALA A 74 -2.28 -9.64 6.13
N MET A 75 -1.75 -8.63 5.45
CA MET A 75 -0.38 -8.67 4.96
C MET A 75 0.53 -7.82 5.83
N ASN A 76 -0.07 -6.99 6.69
CA ASN A 76 0.69 -6.12 7.58
C ASN A 76 1.56 -6.94 8.52
N GLY A 77 2.84 -7.05 8.20
CA GLY A 77 3.75 -7.81 9.04
C GLY A 77 3.57 -9.31 8.89
N ARG A 78 3.20 -9.74 7.69
CA ARG A 78 3.00 -11.16 7.42
C ARG A 78 4.33 -11.87 7.20
N LYS A 79 4.33 -13.18 7.41
CA LYS A 79 5.54 -13.98 7.24
C LYS A 79 5.62 -14.55 5.82
N ILE A 80 6.64 -14.11 5.08
CA ILE A 80 6.82 -14.58 3.71
C ILE A 80 8.29 -14.93 3.45
N LEU A 81 8.53 -16.18 3.06
CA LEU A 81 9.88 -16.64 2.78
C LEU A 81 10.78 -16.48 4.00
N GLY A 82 10.22 -16.74 5.17
CA GLY A 82 10.98 -16.62 6.40
C GLY A 82 11.25 -15.17 6.78
N LYS A 83 10.85 -14.25 5.91
CA LYS A 83 11.04 -12.83 6.16
C LYS A 83 9.71 -12.12 6.34
N GLU A 84 9.52 -11.48 7.49
CA GLU A 84 8.29 -10.76 7.79
C GLU A 84 8.21 -9.48 6.98
N VAL A 85 7.17 -9.37 6.15
CA VAL A 85 6.96 -8.20 5.32
C VAL A 85 6.07 -7.17 6.02
N LYS A 86 6.48 -5.91 5.98
CA LYS A 86 5.72 -4.84 6.59
C LYS A 86 4.86 -4.11 5.57
N VAL A 87 3.57 -3.96 5.87
CA VAL A 87 2.65 -3.29 4.97
C VAL A 87 1.97 -2.12 5.68
N ASN A 88 1.84 -1.00 4.96
CA ASN A 88 1.21 0.19 5.52
C ASN A 88 0.57 1.03 4.42
N TRP A 89 -0.35 1.91 4.81
CA TRP A 89 -1.03 2.78 3.85
C TRP A 89 -0.05 3.72 3.17
N ALA A 90 0.05 3.60 1.85
CA ALA A 90 0.95 4.44 1.07
C ALA A 90 0.43 5.87 0.99
N THR A 91 0.94 6.73 1.87
CA THR A 91 0.52 8.13 1.89
C THR A 91 1.69 9.06 1.54
N THR A 92 1.46 9.96 0.60
CA THR A 92 2.49 10.90 0.18
C THR A 92 1.97 12.34 0.24
N PRO A 93 2.87 13.27 0.58
CA PRO A 93 2.53 14.70 0.67
C PRO A 93 2.25 15.32 -0.69
N SER A 94 1.55 16.46 -0.70
CA SER A 94 1.22 17.14 -1.94
C SER A 94 1.20 18.66 -1.73
N SER A 95 1.38 19.39 -2.81
CA SER A 95 1.38 20.85 -2.75
C SER A 95 -0.01 21.39 -2.47
N GLN A 96 -0.09 22.67 -2.10
CA GLN A 96 -1.36 23.30 -1.80
C GLN A 96 -1.78 24.25 -2.92
N LYS A 97 -0.86 25.11 -3.35
CA LYS A 97 -1.12 26.06 -4.41
C LYS A 97 0.06 26.15 -5.37
N SER A 98 -0.22 26.11 -6.67
CA SER A 98 0.82 26.18 -7.68
C SER A 98 1.00 27.62 -8.16
N GLY A 99 1.87 28.36 -7.48
CA GLY A 99 2.12 29.74 -7.86
C GLY A 99 2.06 30.68 -6.66
N PRO A 100 3.19 30.82 -5.95
CA PRO A 100 3.29 31.69 -4.77
C PRO A 100 3.23 33.17 -5.15
N SER A 101 3.07 33.45 -6.44
CA SER A 101 2.99 34.82 -6.92
C SER A 101 2.13 35.68 -5.99
N SER A 102 2.77 36.61 -5.30
CA SER A 102 2.07 37.49 -4.38
C SER A 102 2.38 38.95 -4.67
N GLY A 103 1.48 39.84 -4.25
CA GLY A 103 1.68 41.27 -4.48
C GLY A 103 1.08 42.12 -3.39
N GLY A 1 -35.66 18.73 -24.78
CA GLY A 1 -34.49 19.44 -24.29
C GLY A 1 -33.22 18.64 -24.45
N SER A 2 -32.24 19.21 -25.15
CA SER A 2 -30.97 18.54 -25.38
C SER A 2 -30.54 17.75 -24.15
N SER A 3 -29.69 16.75 -24.37
CA SER A 3 -29.20 15.90 -23.28
C SER A 3 -28.81 16.76 -22.08
N GLY A 4 -29.14 16.28 -20.88
CA GLY A 4 -28.81 17.01 -19.67
C GLY A 4 -27.42 17.60 -19.72
N SER A 5 -27.15 18.56 -18.83
CA SER A 5 -25.85 19.21 -18.77
C SER A 5 -24.93 18.50 -17.78
N SER A 6 -23.63 18.66 -17.98
CA SER A 6 -22.64 18.04 -17.10
C SER A 6 -22.76 18.58 -15.68
N GLY A 7 -23.23 17.75 -14.76
CA GLY A 7 -23.38 18.16 -13.38
C GLY A 7 -22.06 18.16 -12.63
N MET A 8 -22.14 18.14 -11.31
CA MET A 8 -20.95 18.13 -10.47
C MET A 8 -20.49 16.71 -10.18
N MET A 9 -19.35 16.58 -9.51
CA MET A 9 -18.81 15.27 -9.18
C MET A 9 -18.28 15.25 -7.74
N GLU A 10 -18.62 14.20 -7.01
CA GLU A 10 -18.18 14.06 -5.62
C GLU A 10 -17.34 12.80 -5.44
N ASP A 11 -16.24 12.93 -4.71
CA ASP A 11 -15.35 11.80 -4.45
C ASP A 11 -14.84 11.83 -3.02
N ASP A 12 -14.89 10.66 -2.36
CA ASP A 12 -14.45 10.54 -0.98
C ASP A 12 -12.93 10.70 -0.89
N GLY A 13 -12.20 9.89 -1.64
CA GLY A 13 -10.75 9.96 -1.63
C GLY A 13 -10.13 8.90 -0.74
N GLN A 14 -10.66 7.68 -0.82
CA GLN A 14 -10.15 6.58 -0.02
C GLN A 14 -8.91 5.96 -0.66
N PRO A 15 -7.91 5.61 0.17
CA PRO A 15 -6.66 5.01 -0.29
C PRO A 15 -6.86 3.59 -0.81
N ARG A 16 -6.16 3.25 -1.89
CA ARG A 16 -6.25 1.92 -2.48
C ARG A 16 -4.86 1.34 -2.74
N THR A 17 -3.83 2.11 -2.42
CA THR A 17 -2.45 1.68 -2.63
C THR A 17 -1.76 1.43 -1.29
N LEU A 18 -1.01 0.34 -1.22
CA LEU A 18 -0.28 -0.01 -0.01
C LEU A 18 1.20 -0.20 -0.30
N TYR A 19 2.04 0.15 0.68
CA TYR A 19 3.48 0.03 0.53
C TYR A 19 3.99 -1.22 1.24
N VAL A 20 4.69 -2.08 0.50
CA VAL A 20 5.23 -3.31 1.06
C VAL A 20 6.75 -3.23 1.21
N GLY A 21 7.22 -3.33 2.45
CA GLY A 21 8.65 -3.26 2.70
C GLY A 21 9.16 -4.47 3.43
N ASN A 22 10.48 -4.62 3.48
CA ASN A 22 11.11 -5.76 4.15
C ASN A 22 10.81 -7.07 3.42
N LEU A 23 11.00 -7.05 2.10
CA LEU A 23 10.75 -8.23 1.28
C LEU A 23 12.03 -9.02 1.07
N SER A 24 11.94 -10.35 1.18
CA SER A 24 13.09 -11.21 1.01
C SER A 24 13.63 -11.12 -0.43
N ARG A 25 14.95 -11.20 -0.56
CA ARG A 25 15.58 -11.13 -1.87
C ARG A 25 14.99 -12.14 -2.83
N ASP A 26 14.26 -13.12 -2.28
CA ASP A 26 13.64 -14.16 -3.09
C ASP A 26 12.26 -13.71 -3.57
N VAL A 27 11.64 -12.81 -2.82
CA VAL A 27 10.31 -12.31 -3.18
C VAL A 27 10.30 -11.76 -4.60
N THR A 28 9.15 -11.85 -5.25
CA THR A 28 9.00 -11.37 -6.62
C THR A 28 7.67 -10.66 -6.81
N GLU A 29 7.60 -9.81 -7.84
CA GLU A 29 6.38 -9.06 -8.13
C GLU A 29 5.18 -10.01 -8.28
N VAL A 30 5.39 -11.10 -9.00
CA VAL A 30 4.33 -12.08 -9.22
C VAL A 30 3.94 -12.76 -7.92
N LEU A 31 4.94 -13.06 -7.10
CA LEU A 31 4.71 -13.71 -5.81
C LEU A 31 3.79 -12.87 -4.92
N ILE A 32 4.15 -11.59 -4.77
CA ILE A 32 3.36 -10.68 -3.94
C ILE A 32 1.92 -10.59 -4.44
N LEU A 33 1.77 -10.40 -5.75
CA LEU A 33 0.44 -10.30 -6.35
C LEU A 33 -0.38 -11.56 -6.08
N GLN A 34 0.30 -12.69 -5.98
CA GLN A 34 -0.36 -13.96 -5.72
C GLN A 34 -0.93 -14.00 -4.31
N LEU A 35 -0.12 -13.62 -3.34
CA LEU A 35 -0.53 -13.61 -1.94
C LEU A 35 -1.64 -12.58 -1.72
N PHE A 36 -1.45 -11.38 -2.27
CA PHE A 36 -2.42 -10.31 -2.12
C PHE A 36 -3.67 -10.60 -2.95
N SER A 37 -3.48 -11.26 -4.09
CA SER A 37 -4.59 -11.60 -4.97
C SER A 37 -5.58 -12.52 -4.26
N GLN A 38 -5.06 -13.41 -3.43
CA GLN A 38 -5.90 -14.36 -2.69
C GLN A 38 -6.91 -13.62 -1.83
N ILE A 39 -6.54 -12.43 -1.38
CA ILE A 39 -7.43 -11.62 -0.54
C ILE A 39 -8.37 -10.78 -1.39
N GLY A 40 -7.82 -10.09 -2.39
CA GLY A 40 -8.64 -9.27 -3.25
C GLY A 40 -7.97 -8.99 -4.59
N PRO A 41 -8.73 -8.40 -5.52
CA PRO A 41 -8.23 -8.07 -6.86
C PRO A 41 -7.20 -6.94 -6.83
N CYS A 42 -6.02 -7.20 -7.39
CA CYS A 42 -4.96 -6.21 -7.43
C CYS A 42 -4.91 -5.52 -8.79
N LYS A 43 -5.02 -4.19 -8.78
CA LYS A 43 -4.99 -3.41 -10.01
C LYS A 43 -3.63 -3.52 -10.69
N SER A 44 -2.56 -3.26 -9.94
CA SER A 44 -1.21 -3.33 -10.47
C SER A 44 -0.18 -3.34 -9.34
N CYS A 45 0.93 -4.02 -9.58
CA CYS A 45 2.00 -4.11 -8.58
C CYS A 45 3.34 -3.72 -9.19
N LYS A 46 4.05 -2.82 -8.51
CA LYS A 46 5.36 -2.38 -8.98
C LYS A 46 6.42 -2.60 -7.92
N MET A 47 7.33 -3.54 -8.19
CA MET A 47 8.41 -3.85 -7.25
C MET A 47 9.60 -2.94 -7.48
N ILE A 48 9.93 -2.14 -6.47
CA ILE A 48 11.06 -1.21 -6.56
C ILE A 48 12.21 -1.66 -5.67
N THR A 49 13.30 -2.09 -6.28
CA THR A 49 14.48 -2.53 -5.54
C THR A 49 15.71 -1.73 -5.92
N GLU A 50 15.59 -0.92 -6.97
CA GLU A 50 16.70 -0.10 -7.44
C GLU A 50 16.66 1.28 -6.79
N HIS A 51 15.46 1.82 -6.61
CA HIS A 51 15.29 3.13 -6.00
C HIS A 51 15.33 3.03 -4.48
N THR A 52 16.33 2.32 -3.96
CA THR A 52 16.48 2.15 -2.53
C THR A 52 17.76 1.39 -2.20
N SER A 53 18.24 1.56 -0.97
CA SER A 53 19.46 0.89 -0.54
C SER A 53 19.14 -0.32 0.34
N ASN A 54 18.34 -0.08 1.39
CA ASN A 54 17.96 -1.15 2.30
C ASN A 54 17.02 -2.14 1.61
N ASP A 55 16.51 -3.10 2.38
CA ASP A 55 15.60 -4.11 1.85
C ASP A 55 14.71 -3.51 0.76
N PRO A 56 14.36 -4.33 -0.23
CA PRO A 56 13.51 -3.91 -1.35
C PRO A 56 12.07 -3.67 -0.91
N TYR A 57 11.28 -3.08 -1.81
CA TYR A 57 9.88 -2.79 -1.52
C TYR A 57 9.05 -2.78 -2.80
N CYS A 58 7.77 -3.09 -2.67
CA CYS A 58 6.87 -3.11 -3.81
C CYS A 58 5.52 -2.46 -3.47
N PHE A 59 4.89 -1.86 -4.46
CA PHE A 59 3.60 -1.20 -4.27
C PHE A 59 2.46 -2.07 -4.75
N VAL A 60 1.38 -2.11 -3.98
CA VAL A 60 0.21 -2.91 -4.34
C VAL A 60 -1.06 -2.06 -4.36
N GLU A 61 -1.66 -1.93 -5.52
CA GLU A 61 -2.87 -1.14 -5.68
C GLU A 61 -4.09 -2.05 -5.86
N PHE A 62 -5.16 -1.75 -5.13
CA PHE A 62 -6.38 -2.54 -5.20
C PHE A 62 -7.49 -1.76 -5.91
N TYR A 63 -8.54 -2.47 -6.30
CA TYR A 63 -9.67 -1.85 -6.99
C TYR A 63 -10.49 -1.00 -6.02
N GLU A 64 -10.66 -1.50 -4.81
CA GLU A 64 -11.43 -0.78 -3.79
C GLU A 64 -10.64 -0.65 -2.50
N HIS A 65 -11.11 0.22 -1.61
CA HIS A 65 -10.45 0.45 -0.33
C HIS A 65 -10.66 -0.74 0.61
N ARG A 66 -11.82 -1.37 0.50
CA ARG A 66 -12.14 -2.52 1.34
C ARG A 66 -11.13 -3.64 1.16
N ASP A 67 -10.69 -3.83 -0.08
CA ASP A 67 -9.71 -4.87 -0.40
C ASP A 67 -8.33 -4.50 0.14
N ALA A 68 -7.91 -3.26 -0.10
CA ALA A 68 -6.61 -2.79 0.37
C ALA A 68 -6.51 -2.89 1.89
N ALA A 69 -7.60 -2.56 2.58
CA ALA A 69 -7.62 -2.61 4.03
C ALA A 69 -7.56 -4.05 4.52
N ALA A 70 -8.28 -4.93 3.85
CA ALA A 70 -8.31 -6.34 4.22
C ALA A 70 -6.96 -7.00 3.98
N ALA A 71 -6.39 -6.77 2.80
CA ALA A 71 -5.09 -7.34 2.46
C ALA A 71 -3.97 -6.66 3.21
N LEU A 72 -4.13 -5.36 3.46
CA LEU A 72 -3.13 -4.57 4.18
C LEU A 72 -2.90 -5.14 5.58
N ALA A 73 -4.00 -5.34 6.32
CA ALA A 73 -3.91 -5.87 7.66
C ALA A 73 -3.46 -7.32 7.65
N ALA A 74 -3.98 -8.11 6.72
CA ALA A 74 -3.63 -9.52 6.59
C ALA A 74 -2.15 -9.67 6.22
N MET A 75 -1.66 -8.79 5.37
CA MET A 75 -0.27 -8.83 4.93
C MET A 75 0.61 -7.99 5.85
N ASN A 76 -0.02 -7.12 6.63
CA ASN A 76 0.72 -6.26 7.55
C ASN A 76 1.58 -7.08 8.49
N GLY A 77 2.90 -7.03 8.26
CA GLY A 77 3.82 -7.77 9.11
C GLY A 77 3.62 -9.27 8.98
N ARG A 78 3.23 -9.74 7.81
CA ARG A 78 3.00 -11.16 7.57
C ARG A 78 4.31 -11.88 7.31
N LYS A 79 4.31 -13.19 7.48
CA LYS A 79 5.50 -14.01 7.26
C LYS A 79 5.53 -14.55 5.84
N ILE A 80 6.52 -14.12 5.08
CA ILE A 80 6.66 -14.56 3.69
C ILE A 80 8.11 -14.97 3.40
N LEU A 81 8.29 -16.20 2.94
CA LEU A 81 9.61 -16.72 2.62
C LEU A 81 10.52 -16.68 3.85
N GLY A 82 9.93 -16.84 5.02
CA GLY A 82 10.71 -16.83 6.25
C GLY A 82 11.07 -15.43 6.68
N LYS A 83 10.60 -14.44 5.95
CA LYS A 83 10.87 -13.04 6.26
C LYS A 83 9.59 -12.25 6.45
N GLU A 84 9.46 -11.58 7.59
CA GLU A 84 8.28 -10.79 7.89
C GLU A 84 8.25 -9.51 7.06
N VAL A 85 7.21 -9.35 6.25
CA VAL A 85 7.07 -8.17 5.41
C VAL A 85 6.14 -7.15 6.05
N LYS A 86 6.50 -5.87 5.93
CA LYS A 86 5.69 -4.79 6.50
C LYS A 86 4.80 -4.17 5.42
N VAL A 87 3.55 -3.94 5.77
CA VAL A 87 2.59 -3.34 4.84
C VAL A 87 1.83 -2.19 5.51
N ASN A 88 1.79 -1.04 4.83
CA ASN A 88 1.10 0.12 5.35
C ASN A 88 0.45 0.91 4.22
N TRP A 89 -0.42 1.85 4.58
CA TRP A 89 -1.11 2.69 3.59
C TRP A 89 -0.13 3.63 2.90
N ALA A 90 -0.05 3.52 1.58
CA ALA A 90 0.84 4.37 0.80
C ALA A 90 0.22 5.73 0.53
N THR A 91 0.14 6.56 1.58
CA THR A 91 -0.44 7.89 1.45
C THR A 91 0.46 8.94 2.11
N THR A 92 0.97 8.60 3.29
CA THR A 92 1.84 9.52 4.02
C THR A 92 3.08 8.80 4.54
N PRO A 93 4.22 9.51 4.55
CA PRO A 93 5.50 8.96 5.01
C PRO A 93 5.51 8.74 6.53
N SER A 94 5.55 7.48 6.93
CA SER A 94 5.57 7.13 8.35
C SER A 94 6.50 8.07 9.12
N SER A 95 6.12 8.36 10.36
CA SER A 95 6.91 9.25 11.21
C SER A 95 7.49 8.49 12.40
N GLN A 96 6.61 7.91 13.21
CA GLN A 96 7.04 7.15 14.38
C GLN A 96 7.58 5.78 13.98
N LYS A 97 8.90 5.63 14.06
CA LYS A 97 9.55 4.37 13.71
C LYS A 97 8.93 3.21 14.48
N SER A 98 8.78 2.07 13.80
CA SER A 98 8.20 0.89 14.42
C SER A 98 9.26 0.09 15.17
N GLY A 99 8.95 -0.28 16.41
CA GLY A 99 9.88 -1.04 17.21
C GLY A 99 9.39 -1.24 18.63
N PRO A 100 10.12 -2.06 19.40
CA PRO A 100 9.76 -2.36 20.80
C PRO A 100 9.98 -1.16 21.71
N SER A 101 9.32 -1.18 22.87
CA SER A 101 9.44 -0.10 23.84
C SER A 101 10.56 -0.38 24.84
N SER A 102 11.56 0.49 24.84
CA SER A 102 12.69 0.34 25.76
C SER A 102 12.90 1.61 26.58
N GLY A 103 12.44 1.56 27.83
CA GLY A 103 12.58 2.71 28.72
C GLY A 103 11.39 2.87 29.65
N GLY A 1 -5.90 11.11 13.19
CA GLY A 1 -5.71 12.46 12.68
C GLY A 1 -5.14 12.48 11.28
N SER A 2 -5.51 13.48 10.50
CA SER A 2 -5.02 13.61 9.13
C SER A 2 -3.50 13.59 9.07
N SER A 3 -2.96 13.12 7.96
CA SER A 3 -1.51 13.05 7.79
C SER A 3 -0.97 14.36 7.24
N GLY A 4 -1.41 14.71 6.03
CA GLY A 4 -0.96 15.95 5.42
C GLY A 4 -1.28 16.00 3.94
N SER A 5 -2.52 16.36 3.61
CA SER A 5 -2.96 16.45 2.23
C SER A 5 -4.37 17.01 2.14
N SER A 6 -4.83 17.26 0.91
CA SER A 6 -6.17 17.80 0.69
C SER A 6 -7.23 16.87 1.26
N GLY A 7 -7.12 15.59 0.93
CA GLY A 7 -8.08 14.61 1.42
C GLY A 7 -8.32 14.74 2.92
N MET A 8 -9.53 15.11 3.30
CA MET A 8 -9.88 15.26 4.70
C MET A 8 -10.92 14.23 5.12
N MET A 9 -10.70 13.60 6.26
CA MET A 9 -11.62 12.59 6.77
C MET A 9 -11.90 11.52 5.71
N GLU A 10 -10.85 11.11 5.00
CA GLU A 10 -10.99 10.10 3.96
C GLU A 10 -12.34 10.24 3.24
N ASP A 11 -12.65 11.45 2.81
CA ASP A 11 -13.90 11.72 2.11
C ASP A 11 -13.67 11.85 0.61
N ASP A 12 -14.29 10.96 -0.15
CA ASP A 12 -14.16 10.98 -1.60
C ASP A 12 -12.69 10.85 -2.02
N GLY A 13 -12.01 9.86 -1.46
CA GLY A 13 -10.61 9.65 -1.77
C GLY A 13 -10.00 8.52 -0.97
N GLN A 14 -10.75 7.43 -0.82
CA GLN A 14 -10.28 6.28 -0.06
C GLN A 14 -8.98 5.72 -0.68
N PRO A 15 -8.02 5.38 0.19
CA PRO A 15 -6.73 4.84 -0.25
C PRO A 15 -6.86 3.43 -0.80
N ARG A 16 -6.23 3.19 -1.95
CA ARG A 16 -6.27 1.88 -2.60
C ARG A 16 -4.86 1.35 -2.86
N THR A 17 -3.87 2.07 -2.35
CA THR A 17 -2.47 1.67 -2.53
C THR A 17 -1.82 1.33 -1.20
N LEU A 18 -1.02 0.26 -1.19
CA LEU A 18 -0.35 -0.17 0.02
C LEU A 18 1.15 -0.34 -0.22
N TYR A 19 1.96 0.14 0.71
CA TYR A 19 3.41 0.04 0.59
C TYR A 19 3.94 -1.22 1.30
N VAL A 20 4.61 -2.08 0.54
CA VAL A 20 5.15 -3.31 1.10
C VAL A 20 6.67 -3.23 1.22
N GLY A 21 7.16 -3.32 2.46
CA GLY A 21 8.59 -3.25 2.69
C GLY A 21 9.12 -4.49 3.38
N ASN A 22 10.45 -4.57 3.52
CA ASN A 22 11.08 -5.71 4.16
C ASN A 22 10.83 -6.99 3.37
N LEU A 23 11.08 -6.93 2.07
CA LEU A 23 10.89 -8.08 1.19
C LEU A 23 12.21 -8.82 0.96
N SER A 24 12.12 -10.15 0.92
CA SER A 24 13.31 -10.98 0.70
C SER A 24 13.75 -10.94 -0.76
N ARG A 25 15.06 -10.83 -0.97
CA ARG A 25 15.61 -10.78 -2.32
C ARG A 25 15.01 -11.88 -3.19
N ASP A 26 14.46 -12.91 -2.55
CA ASP A 26 13.86 -14.02 -3.26
C ASP A 26 12.47 -13.66 -3.76
N VAL A 27 11.74 -12.87 -2.98
CA VAL A 27 10.40 -12.45 -3.34
C VAL A 27 10.36 -11.87 -4.76
N THR A 28 9.18 -11.86 -5.35
CA THR A 28 9.02 -11.34 -6.71
C THR A 28 7.70 -10.59 -6.86
N GLU A 29 7.57 -9.84 -7.94
CA GLU A 29 6.35 -9.08 -8.20
C GLU A 29 5.13 -10.01 -8.32
N VAL A 30 5.31 -11.11 -9.05
CA VAL A 30 4.24 -12.08 -9.25
C VAL A 30 3.88 -12.76 -7.93
N LEU A 31 4.89 -13.05 -7.12
CA LEU A 31 4.66 -13.70 -5.83
C LEU A 31 3.76 -12.87 -4.94
N ILE A 32 4.10 -11.59 -4.79
CA ILE A 32 3.32 -10.67 -3.97
C ILE A 32 1.88 -10.59 -4.46
N LEU A 33 1.71 -10.40 -5.77
CA LEU A 33 0.39 -10.31 -6.37
C LEU A 33 -0.41 -11.58 -6.13
N GLN A 34 0.29 -12.71 -6.05
CA GLN A 34 -0.36 -13.99 -5.81
C GLN A 34 -0.97 -14.05 -4.42
N LEU A 35 -0.18 -13.68 -3.42
CA LEU A 35 -0.64 -13.69 -2.04
C LEU A 35 -1.73 -12.65 -1.81
N PHE A 36 -1.48 -11.44 -2.30
CA PHE A 36 -2.43 -10.34 -2.16
C PHE A 36 -3.69 -10.61 -2.97
N SER A 37 -3.52 -11.27 -4.12
CA SER A 37 -4.64 -11.59 -5.00
C SER A 37 -5.64 -12.50 -4.29
N GLN A 38 -5.13 -13.35 -3.41
CA GLN A 38 -5.98 -14.28 -2.68
C GLN A 38 -7.05 -13.53 -1.89
N ILE A 39 -6.68 -12.36 -1.39
CA ILE A 39 -7.61 -11.54 -0.61
C ILE A 39 -8.52 -10.72 -1.53
N GLY A 40 -7.91 -10.04 -2.49
CA GLY A 40 -8.68 -9.23 -3.42
C GLY A 40 -7.92 -8.94 -4.69
N PRO A 41 -8.63 -8.37 -5.69
CA PRO A 41 -8.03 -8.03 -6.98
C PRO A 41 -7.05 -6.87 -6.88
N CYS A 42 -5.83 -7.08 -7.36
CA CYS A 42 -4.79 -6.05 -7.34
C CYS A 42 -4.74 -5.30 -8.66
N LYS A 43 -5.06 -4.01 -8.61
CA LYS A 43 -5.05 -3.18 -9.81
C LYS A 43 -3.69 -3.24 -10.49
N SER A 44 -2.63 -3.01 -9.73
CA SER A 44 -1.28 -3.04 -10.27
C SER A 44 -0.24 -3.13 -9.14
N CYS A 45 0.85 -3.84 -9.40
CA CYS A 45 1.90 -4.00 -8.41
C CYS A 45 3.27 -3.64 -9.02
N LYS A 46 4.01 -2.78 -8.32
CA LYS A 46 5.32 -2.37 -8.79
C LYS A 46 6.39 -2.68 -7.75
N MET A 47 7.26 -3.64 -8.05
CA MET A 47 8.33 -4.03 -7.14
C MET A 47 9.60 -3.21 -7.40
N ILE A 48 10.03 -2.47 -6.39
CA ILE A 48 11.22 -1.64 -6.52
C ILE A 48 12.37 -2.21 -5.68
N THR A 49 13.43 -2.63 -6.35
CA THR A 49 14.59 -3.20 -5.68
C THR A 49 15.88 -2.55 -6.16
N GLU A 50 15.79 -1.26 -6.51
CA GLU A 50 16.96 -0.53 -6.99
C GLU A 50 17.38 0.54 -5.98
N HIS A 51 17.53 0.13 -4.74
CA HIS A 51 17.93 1.06 -3.67
C HIS A 51 18.92 0.39 -2.72
N THR A 52 20.09 1.00 -2.57
CA THR A 52 21.12 0.47 -1.69
C THR A 52 20.62 0.37 -0.25
N SER A 53 19.50 1.02 0.02
CA SER A 53 18.92 1.00 1.36
C SER A 53 18.58 -0.42 1.79
N ASN A 54 17.96 -0.56 2.95
CA ASN A 54 17.57 -1.86 3.48
C ASN A 54 16.79 -2.65 2.44
N ASP A 55 16.30 -3.83 2.84
CA ASP A 55 15.53 -4.67 1.95
C ASP A 55 14.68 -3.84 1.00
N PRO A 56 14.38 -4.40 -0.19
CA PRO A 56 13.58 -3.72 -1.21
C PRO A 56 12.12 -3.60 -0.79
N TYR A 57 11.33 -2.92 -1.63
CA TYR A 57 9.90 -2.74 -1.35
C TYR A 57 9.10 -2.73 -2.65
N CYS A 58 7.81 -3.03 -2.52
CA CYS A 58 6.92 -3.07 -3.68
C CYS A 58 5.58 -2.43 -3.36
N PHE A 59 4.91 -1.92 -4.38
CA PHE A 59 3.61 -1.27 -4.21
C PHE A 59 2.48 -2.19 -4.67
N VAL A 60 1.35 -2.12 -3.96
CA VAL A 60 0.20 -2.95 -4.30
C VAL A 60 -1.08 -2.12 -4.28
N GLU A 61 -1.72 -2.00 -5.45
CA GLU A 61 -2.95 -1.24 -5.56
C GLU A 61 -4.15 -2.18 -5.76
N PHE A 62 -5.24 -1.88 -5.06
CA PHE A 62 -6.45 -2.69 -5.15
C PHE A 62 -7.57 -1.93 -5.86
N TYR A 63 -8.53 -2.67 -6.39
CA TYR A 63 -9.65 -2.06 -7.11
C TYR A 63 -10.57 -1.31 -6.14
N GLU A 64 -10.82 -1.91 -4.98
CA GLU A 64 -11.68 -1.29 -3.98
C GLU A 64 -10.88 -0.94 -2.73
N HIS A 65 -11.40 0.01 -1.95
CA HIS A 65 -10.74 0.44 -0.72
C HIS A 65 -10.86 -0.62 0.37
N ARG A 66 -12.00 -1.28 0.41
CA ARG A 66 -12.26 -2.31 1.40
C ARG A 66 -11.24 -3.44 1.28
N ASP A 67 -10.92 -3.82 0.04
CA ASP A 67 -9.96 -4.88 -0.21
C ASP A 67 -8.57 -4.48 0.24
N ALA A 68 -8.19 -3.24 -0.08
CA ALA A 68 -6.87 -2.73 0.30
C ALA A 68 -6.66 -2.80 1.80
N ALA A 69 -7.69 -2.45 2.55
CA ALA A 69 -7.63 -2.48 4.01
C ALA A 69 -7.55 -3.91 4.53
N ALA A 70 -8.28 -4.81 3.88
CA ALA A 70 -8.29 -6.21 4.28
C ALA A 70 -6.94 -6.87 4.03
N ALA A 71 -6.38 -6.62 2.84
CA ALA A 71 -5.07 -7.19 2.48
C ALA A 71 -3.95 -6.50 3.25
N LEU A 72 -4.11 -5.21 3.50
CA LEU A 72 -3.11 -4.43 4.22
C LEU A 72 -2.89 -5.01 5.62
N ALA A 73 -3.98 -5.19 6.35
CA ALA A 73 -3.90 -5.74 7.70
C ALA A 73 -3.46 -7.19 7.70
N ALA A 74 -3.99 -7.96 6.76
CA ALA A 74 -3.66 -9.37 6.63
C ALA A 74 -2.20 -9.56 6.21
N MET A 75 -1.71 -8.65 5.38
CA MET A 75 -0.33 -8.70 4.90
C MET A 75 0.58 -7.85 5.79
N ASN A 76 -0.03 -7.00 6.61
CA ASN A 76 0.73 -6.13 7.51
C ASN A 76 1.59 -6.96 8.47
N GLY A 77 2.87 -7.05 8.16
CA GLY A 77 3.79 -7.81 9.01
C GLY A 77 3.58 -9.30 8.89
N ARG A 78 3.25 -9.76 7.68
CA ARG A 78 3.02 -11.18 7.44
C ARG A 78 4.34 -11.91 7.15
N LYS A 79 4.42 -13.16 7.58
CA LYS A 79 5.61 -13.97 7.38
C LYS A 79 5.65 -14.54 5.97
N ILE A 80 6.62 -14.11 5.18
CA ILE A 80 6.77 -14.58 3.81
C ILE A 80 8.22 -14.94 3.50
N LEU A 81 8.43 -16.20 3.12
CA LEU A 81 9.78 -16.68 2.79
C LEU A 81 10.71 -16.54 3.99
N GLY A 82 10.18 -16.79 5.19
CA GLY A 82 10.98 -16.69 6.39
C GLY A 82 11.26 -15.26 6.78
N LYS A 83 10.88 -14.32 5.92
CA LYS A 83 11.09 -12.90 6.18
C LYS A 83 9.76 -12.17 6.34
N GLU A 84 9.57 -11.54 7.49
CA GLU A 84 8.35 -10.81 7.77
C GLU A 84 8.27 -9.53 6.92
N VAL A 85 7.18 -9.39 6.16
CA VAL A 85 7.00 -8.23 5.31
C VAL A 85 6.07 -7.21 5.96
N LYS A 86 6.43 -5.94 5.87
CA LYS A 86 5.62 -4.87 6.44
C LYS A 86 4.73 -4.23 5.39
N VAL A 87 3.48 -4.00 5.74
CA VAL A 87 2.52 -3.38 4.83
C VAL A 87 1.76 -2.25 5.49
N ASN A 88 1.82 -1.06 4.89
CA ASN A 88 1.14 0.10 5.44
C ASN A 88 0.54 0.95 4.33
N TRP A 89 -0.37 1.85 4.69
CA TRP A 89 -1.01 2.72 3.72
C TRP A 89 0.00 3.67 3.07
N ALA A 90 0.14 3.56 1.76
CA ALA A 90 1.07 4.39 1.01
C ALA A 90 0.59 5.83 0.95
N THR A 91 1.52 6.77 0.77
CA THR A 91 1.18 8.18 0.69
C THR A 91 1.95 8.87 -0.44
N THR A 92 1.23 9.63 -1.26
CA THR A 92 1.84 10.34 -2.38
C THR A 92 1.48 11.82 -2.35
N PRO A 93 2.42 12.67 -2.79
CA PRO A 93 2.22 14.11 -2.84
C PRO A 93 1.20 14.53 -3.90
N SER A 94 0.60 13.55 -4.57
CA SER A 94 -0.38 13.80 -5.60
C SER A 94 -1.23 15.03 -5.25
N SER A 95 -1.82 15.01 -4.07
CA SER A 95 -2.66 16.12 -3.62
C SER A 95 -1.80 17.30 -3.16
N GLN A 96 -2.36 18.49 -3.22
CA GLN A 96 -1.66 19.70 -2.81
C GLN A 96 -2.59 20.67 -2.10
N LYS A 97 -2.01 21.70 -1.50
CA LYS A 97 -2.80 22.72 -0.79
C LYS A 97 -2.90 23.99 -1.61
N SER A 98 -4.08 24.24 -2.17
CA SER A 98 -4.31 25.43 -2.98
C SER A 98 -5.64 26.08 -2.63
N GLY A 99 -5.73 27.39 -2.84
CA GLY A 99 -6.96 28.11 -2.54
C GLY A 99 -7.71 28.51 -3.79
N PRO A 100 -9.05 28.58 -3.69
CA PRO A 100 -9.92 28.95 -4.80
C PRO A 100 -9.77 30.42 -5.18
N SER A 101 -9.21 31.21 -4.27
CA SER A 101 -9.00 32.63 -4.51
C SER A 101 -8.66 32.90 -5.97
N SER A 102 -9.52 33.67 -6.64
CA SER A 102 -9.31 34.00 -8.06
C SER A 102 -9.23 35.51 -8.25
N GLY A 103 -8.28 35.94 -9.06
CA GLY A 103 -8.12 37.36 -9.33
C GLY A 103 -7.03 37.99 -8.48
N GLY A 1 -9.57 9.56 15.84
CA GLY A 1 -10.37 9.02 14.76
C GLY A 1 -11.85 9.30 14.94
N SER A 2 -12.68 8.65 14.13
CA SER A 2 -14.12 8.84 14.20
C SER A 2 -14.47 10.31 14.42
N SER A 3 -13.76 11.19 13.71
CA SER A 3 -13.99 12.63 13.84
C SER A 3 -15.36 13.00 13.30
N GLY A 4 -16.31 13.23 14.21
CA GLY A 4 -17.64 13.60 13.82
C GLY A 4 -18.59 13.71 15.01
N SER A 5 -19.47 14.72 14.97
CA SER A 5 -20.42 14.93 16.05
C SER A 5 -21.59 13.94 15.96
N SER A 6 -22.31 14.00 14.85
CA SER A 6 -23.45 13.11 14.64
C SER A 6 -23.08 11.96 13.72
N GLY A 7 -21.85 11.48 13.86
CA GLY A 7 -21.39 10.38 13.03
C GLY A 7 -21.54 10.65 11.55
N MET A 8 -20.76 11.59 11.04
CA MET A 8 -20.82 11.96 9.63
C MET A 8 -19.45 11.83 8.98
N MET A 9 -19.43 11.59 7.68
CA MET A 9 -18.18 11.45 6.93
C MET A 9 -18.42 11.67 5.44
N GLU A 10 -17.51 12.41 4.81
CA GLU A 10 -17.61 12.68 3.38
C GLU A 10 -16.65 11.80 2.58
N ASP A 11 -17.05 11.46 1.35
CA ASP A 11 -16.22 10.63 0.49
C ASP A 11 -15.34 11.48 -0.42
N ASP A 12 -14.07 11.60 -0.06
CA ASP A 12 -13.13 12.39 -0.84
C ASP A 12 -12.29 11.49 -1.76
N GLY A 13 -11.88 10.35 -1.23
CA GLY A 13 -11.07 9.41 -2.01
C GLY A 13 -10.31 8.44 -1.14
N GLN A 14 -10.96 7.36 -0.74
CA GLN A 14 -10.32 6.35 0.10
C GLN A 14 -9.07 5.80 -0.57
N PRO A 15 -8.04 5.53 0.25
CA PRO A 15 -6.77 4.99 -0.24
C PRO A 15 -6.88 3.55 -0.73
N ARG A 16 -6.31 3.28 -1.89
CA ARG A 16 -6.35 1.94 -2.47
C ARG A 16 -4.94 1.43 -2.76
N THR A 17 -3.94 2.12 -2.22
CA THR A 17 -2.56 1.74 -2.43
C THR A 17 -1.87 1.42 -1.11
N LEU A 18 -1.08 0.35 -1.10
CA LEU A 18 -0.36 -0.06 0.10
C LEU A 18 1.12 -0.25 -0.19
N TYR A 19 1.96 0.17 0.76
CA TYR A 19 3.41 0.05 0.60
C TYR A 19 3.93 -1.20 1.31
N VAL A 20 4.64 -2.05 0.56
CA VAL A 20 5.19 -3.27 1.13
C VAL A 20 6.70 -3.16 1.29
N GLY A 21 7.18 -3.42 2.50
CA GLY A 21 8.61 -3.35 2.76
C GLY A 21 9.13 -4.57 3.49
N ASN A 22 10.45 -4.67 3.63
CA ASN A 22 11.06 -5.80 4.31
C ASN A 22 10.84 -7.09 3.53
N LEU A 23 11.06 -7.04 2.22
CA LEU A 23 10.88 -8.20 1.37
C LEU A 23 12.21 -8.89 1.10
N SER A 24 12.19 -10.22 1.04
CA SER A 24 13.40 -11.00 0.79
C SER A 24 13.83 -10.87 -0.67
N ARG A 25 15.15 -10.90 -0.88
CA ARG A 25 15.70 -10.79 -2.23
C ARG A 25 15.03 -11.78 -3.18
N ASP A 26 14.42 -12.82 -2.61
CA ASP A 26 13.75 -13.84 -3.40
C ASP A 26 12.37 -13.35 -3.84
N VAL A 27 11.70 -12.60 -2.96
CA VAL A 27 10.38 -12.08 -3.26
C VAL A 27 10.31 -11.50 -4.67
N THR A 28 9.24 -11.83 -5.39
CA THR A 28 9.05 -11.36 -6.75
C THR A 28 7.71 -10.64 -6.91
N GLU A 29 7.63 -9.81 -7.94
CA GLU A 29 6.40 -9.06 -8.20
C GLU A 29 5.20 -10.00 -8.31
N VAL A 30 5.38 -11.11 -9.03
CA VAL A 30 4.31 -12.09 -9.20
C VAL A 30 3.96 -12.76 -7.87
N LEU A 31 4.97 -12.99 -7.05
CA LEU A 31 4.77 -13.62 -5.74
C LEU A 31 3.88 -12.76 -4.85
N ILE A 32 4.23 -11.48 -4.74
CA ILE A 32 3.47 -10.55 -3.91
C ILE A 32 2.01 -10.48 -4.37
N LEU A 33 1.82 -10.35 -5.68
CA LEU A 33 0.48 -10.26 -6.25
C LEU A 33 -0.31 -11.54 -5.97
N GLN A 34 0.39 -12.66 -5.89
CA GLN A 34 -0.24 -13.95 -5.62
C GLN A 34 -0.84 -13.98 -4.23
N LEU A 35 -0.03 -13.61 -3.24
CA LEU A 35 -0.48 -13.59 -1.85
C LEU A 35 -1.59 -12.57 -1.65
N PHE A 36 -1.41 -11.37 -2.19
CA PHE A 36 -2.40 -10.31 -2.07
C PHE A 36 -3.64 -10.64 -2.89
N SER A 37 -3.44 -11.33 -4.02
CA SER A 37 -4.55 -11.70 -4.89
C SER A 37 -5.53 -12.62 -4.16
N GLN A 38 -5.00 -13.49 -3.31
CA GLN A 38 -5.83 -14.42 -2.55
C GLN A 38 -6.91 -13.67 -1.78
N ILE A 39 -6.59 -12.46 -1.35
CA ILE A 39 -7.54 -11.65 -0.60
C ILE A 39 -8.45 -10.85 -1.54
N GLY A 40 -7.84 -10.15 -2.50
CA GLY A 40 -8.60 -9.36 -3.43
C GLY A 40 -7.84 -9.10 -4.72
N PRO A 41 -8.56 -8.62 -5.75
CA PRO A 41 -7.96 -8.32 -7.05
C PRO A 41 -7.05 -7.09 -7.00
N CYS A 42 -5.82 -7.26 -7.48
CA CYS A 42 -4.85 -6.17 -7.49
C CYS A 42 -4.85 -5.46 -8.84
N LYS A 43 -5.02 -4.14 -8.81
CA LYS A 43 -5.03 -3.34 -10.03
C LYS A 43 -3.66 -3.34 -10.70
N SER A 44 -2.61 -3.16 -9.90
CA SER A 44 -1.26 -3.14 -10.42
C SER A 44 -0.24 -3.18 -9.28
N CYS A 45 0.87 -3.87 -9.51
CA CYS A 45 1.92 -4.00 -8.50
C CYS A 45 3.28 -3.64 -9.08
N LYS A 46 4.00 -2.75 -8.40
CA LYS A 46 5.32 -2.33 -8.85
C LYS A 46 6.38 -2.62 -7.80
N MET A 47 7.25 -3.58 -8.10
CA MET A 47 8.31 -3.96 -7.17
C MET A 47 9.59 -3.16 -7.46
N ILE A 48 10.02 -2.36 -6.49
CA ILE A 48 11.23 -1.56 -6.63
C ILE A 48 12.37 -2.12 -5.80
N THR A 49 13.39 -2.64 -6.48
CA THR A 49 14.54 -3.21 -5.80
C THR A 49 15.85 -2.72 -6.42
N GLU A 50 15.86 -1.45 -6.82
CA GLU A 50 17.04 -0.86 -7.43
C GLU A 50 17.53 0.34 -6.62
N HIS A 51 17.75 0.12 -5.33
CA HIS A 51 18.23 1.18 -4.43
C HIS A 51 19.28 0.64 -3.47
N THR A 52 20.18 1.52 -3.05
CA THR A 52 21.25 1.14 -2.13
C THR A 52 20.79 1.27 -0.68
N SER A 53 19.69 0.61 -0.35
CA SER A 53 19.14 0.66 1.00
C SER A 53 18.75 -0.74 1.47
N ASN A 54 18.14 -0.81 2.66
CA ASN A 54 17.71 -2.08 3.23
C ASN A 54 16.87 -2.87 2.22
N ASP A 55 16.34 -4.00 2.67
CA ASP A 55 15.51 -4.84 1.82
C ASP A 55 14.68 -4.00 0.85
N PRO A 56 14.35 -4.58 -0.31
CA PRO A 56 13.56 -3.89 -1.34
C PRO A 56 12.11 -3.69 -0.92
N TYR A 57 11.34 -3.00 -1.75
CA TYR A 57 9.94 -2.74 -1.45
C TYR A 57 9.10 -2.76 -2.74
N CYS A 58 7.79 -2.88 -2.57
CA CYS A 58 6.88 -2.92 -3.71
C CYS A 58 5.55 -2.27 -3.37
N PHE A 59 4.85 -1.78 -4.38
CA PHE A 59 3.56 -1.13 -4.19
C PHE A 59 2.42 -2.02 -4.68
N VAL A 60 1.35 -2.08 -3.90
CA VAL A 60 0.19 -2.89 -4.26
C VAL A 60 -1.09 -2.05 -4.27
N GLU A 61 -1.68 -1.92 -5.45
CA GLU A 61 -2.91 -1.15 -5.60
C GLU A 61 -4.11 -2.06 -5.82
N PHE A 62 -5.18 -1.82 -5.07
CA PHE A 62 -6.39 -2.62 -5.18
C PHE A 62 -7.49 -1.85 -5.91
N TYR A 63 -8.46 -2.58 -6.44
CA TYR A 63 -9.57 -1.97 -7.17
C TYR A 63 -10.54 -1.29 -6.20
N GLU A 64 -10.63 -1.82 -4.98
CA GLU A 64 -11.52 -1.28 -3.97
C GLU A 64 -10.76 -0.97 -2.68
N HIS A 65 -11.31 -0.07 -1.88
CA HIS A 65 -10.67 0.32 -0.62
C HIS A 65 -10.82 -0.79 0.42
N ARG A 66 -11.97 -1.47 0.39
CA ARG A 66 -12.22 -2.55 1.33
C ARG A 66 -11.18 -3.66 1.20
N ASP A 67 -10.75 -3.91 -0.03
CA ASP A 67 -9.75 -4.95 -0.29
C ASP A 67 -8.37 -4.49 0.19
N ALA A 68 -8.02 -3.26 -0.12
CA ALA A 68 -6.73 -2.70 0.28
C ALA A 68 -6.55 -2.77 1.79
N ALA A 69 -7.59 -2.41 2.54
CA ALA A 69 -7.55 -2.43 3.99
C ALA A 69 -7.50 -3.86 4.51
N ALA A 70 -8.27 -4.74 3.88
CA ALA A 70 -8.32 -6.14 4.28
C ALA A 70 -6.96 -6.82 4.07
N ALA A 71 -6.36 -6.58 2.90
CA ALA A 71 -5.06 -7.16 2.59
C ALA A 71 -3.95 -6.50 3.39
N LEU A 72 -4.10 -5.21 3.64
CA LEU A 72 -3.10 -4.46 4.40
C LEU A 72 -2.91 -5.06 5.79
N ALA A 73 -4.02 -5.26 6.50
CA ALA A 73 -3.97 -5.83 7.85
C ALA A 73 -3.54 -7.28 7.81
N ALA A 74 -4.05 -8.02 6.83
CA ALA A 74 -3.71 -9.44 6.68
C ALA A 74 -2.25 -9.61 6.28
N MET A 75 -1.72 -8.65 5.54
CA MET A 75 -0.33 -8.70 5.09
C MET A 75 0.56 -7.86 6.01
N ASN A 76 -0.06 -6.98 6.78
CA ASN A 76 0.68 -6.12 7.71
C ASN A 76 1.55 -6.96 8.64
N GLY A 77 2.84 -7.04 8.32
CA GLY A 77 3.77 -7.80 9.14
C GLY A 77 3.57 -9.30 8.99
N ARG A 78 3.10 -9.71 7.81
CA ARG A 78 2.87 -11.13 7.54
C ARG A 78 4.19 -11.84 7.26
N LYS A 79 4.17 -13.18 7.36
CA LYS A 79 5.35 -13.98 7.11
C LYS A 79 5.40 -14.45 5.67
N ILE A 80 6.43 -14.03 4.94
CA ILE A 80 6.58 -14.41 3.54
C ILE A 80 8.02 -14.85 3.25
N LEU A 81 8.18 -16.09 2.83
CA LEU A 81 9.50 -16.62 2.51
C LEU A 81 10.42 -16.59 3.74
N GLY A 82 9.84 -16.86 4.91
CA GLY A 82 10.62 -16.85 6.13
C GLY A 82 10.95 -15.43 6.59
N LYS A 83 10.58 -14.45 5.79
CA LYS A 83 10.84 -13.05 6.13
C LYS A 83 9.53 -12.28 6.29
N GLU A 84 9.39 -11.62 7.43
CA GLU A 84 8.18 -10.84 7.70
C GLU A 84 8.16 -9.56 6.88
N VAL A 85 7.04 -9.32 6.20
CA VAL A 85 6.89 -8.14 5.38
C VAL A 85 6.02 -7.08 6.06
N LYS A 86 6.43 -5.83 5.96
CA LYS A 86 5.69 -4.72 6.57
C LYS A 86 4.82 -4.02 5.54
N VAL A 87 3.51 -4.04 5.76
CA VAL A 87 2.57 -3.40 4.85
C VAL A 87 1.84 -2.25 5.53
N ASN A 88 1.79 -1.10 4.88
CA ASN A 88 1.12 0.07 5.41
C ASN A 88 0.46 0.89 4.32
N TRP A 89 -0.38 1.83 4.71
CA TRP A 89 -1.09 2.68 3.75
C TRP A 89 -0.12 3.62 3.04
N ALA A 90 -0.14 3.57 1.71
CA ALA A 90 0.75 4.42 0.91
C ALA A 90 0.13 5.80 0.69
N THR A 91 -0.20 6.47 1.80
CA THR A 91 -0.79 7.80 1.73
C THR A 91 0.27 8.89 1.89
N THR A 92 0.84 9.32 0.76
CA THR A 92 1.86 10.36 0.78
C THR A 92 1.26 11.71 1.14
N PRO A 93 2.03 12.53 1.88
CA PRO A 93 1.61 13.86 2.31
C PRO A 93 1.53 14.84 1.14
N SER A 94 0.45 15.61 1.10
CA SER A 94 0.26 16.59 0.02
C SER A 94 0.47 18.01 0.54
N SER A 95 0.89 18.89 -0.34
CA SER A 95 1.14 20.29 0.03
C SER A 95 -0.09 20.90 0.68
N GLN A 96 0.06 21.33 1.93
CA GLN A 96 -1.04 21.94 2.66
C GLN A 96 -0.72 23.39 3.01
N LYS A 97 -0.19 24.12 2.03
CA LYS A 97 0.16 25.53 2.23
C LYS A 97 -0.85 26.43 1.53
N SER A 98 -0.94 27.68 2.00
CA SER A 98 -1.87 28.64 1.42
C SER A 98 -1.13 29.91 0.99
N GLY A 99 -1.60 30.51 -0.11
CA GLY A 99 -0.98 31.71 -0.61
C GLY A 99 -1.21 32.91 0.30
N PRO A 100 -0.22 33.81 0.37
CA PRO A 100 -0.30 35.02 1.20
C PRO A 100 -1.30 36.03 0.66
N SER A 101 -1.71 35.85 -0.60
CA SER A 101 -2.66 36.75 -1.23
C SER A 101 -4.07 36.50 -0.70
N SER A 102 -4.70 37.56 -0.20
CA SER A 102 -6.05 37.46 0.34
C SER A 102 -7.10 37.66 -0.76
N GLY A 103 -7.72 36.57 -1.17
CA GLY A 103 -8.73 36.64 -2.21
C GLY A 103 -8.70 35.45 -3.14
N GLY A 1 -7.87 17.56 7.38
CA GLY A 1 -7.91 18.08 8.73
C GLY A 1 -8.86 17.30 9.62
N SER A 2 -8.38 16.90 10.79
CA SER A 2 -9.20 16.14 11.74
C SER A 2 -9.90 17.07 12.73
N SER A 3 -9.12 17.96 13.34
CA SER A 3 -9.67 18.91 14.31
C SER A 3 -10.27 20.12 13.61
N GLY A 4 -11.35 20.64 14.17
CA GLY A 4 -12.01 21.80 13.59
C GLY A 4 -12.89 21.43 12.40
N SER A 5 -12.28 20.87 11.37
CA SER A 5 -13.02 20.48 10.17
C SER A 5 -14.02 19.38 10.49
N SER A 6 -15.21 19.49 9.90
CA SER A 6 -16.26 18.51 10.12
C SER A 6 -16.33 17.51 8.98
N GLY A 7 -15.16 17.07 8.52
CA GLY A 7 -15.10 16.11 7.42
C GLY A 7 -15.29 16.76 6.08
N MET A 8 -14.61 17.87 5.85
CA MET A 8 -14.73 18.60 4.59
C MET A 8 -14.92 17.63 3.42
N MET A 9 -14.12 16.57 3.39
CA MET A 9 -14.21 15.57 2.33
C MET A 9 -14.16 14.17 2.91
N GLU A 10 -15.26 13.44 2.76
CA GLU A 10 -15.34 12.06 3.27
C GLU A 10 -15.62 11.09 2.14
N ASP A 11 -15.13 9.85 2.31
CA ASP A 11 -15.33 8.81 1.30
C ASP A 11 -15.29 9.41 -0.11
N ASP A 12 -14.38 10.35 -0.32
CA ASP A 12 -14.24 11.00 -1.62
C ASP A 12 -13.29 10.20 -2.53
N GLY A 13 -12.14 9.84 -1.98
CA GLY A 13 -11.17 9.08 -2.76
C GLY A 13 -10.39 8.10 -1.90
N GLN A 14 -11.12 7.24 -1.19
CA GLN A 14 -10.48 6.25 -0.32
C GLN A 14 -9.20 5.71 -0.95
N PRO A 15 -8.16 5.53 -0.12
CA PRO A 15 -6.87 5.02 -0.58
C PRO A 15 -6.92 3.56 -0.98
N ARG A 16 -6.28 3.23 -2.10
CA ARG A 16 -6.27 1.85 -2.59
C ARG A 16 -4.84 1.39 -2.86
N THR A 17 -3.88 2.07 -2.24
CA THR A 17 -2.47 1.74 -2.42
C THR A 17 -1.81 1.39 -1.09
N LEU A 18 -0.98 0.36 -1.10
CA LEU A 18 -0.28 -0.06 0.12
C LEU A 18 1.22 -0.23 -0.14
N TYR A 19 2.03 0.21 0.80
CA TYR A 19 3.48 0.12 0.68
C TYR A 19 4.01 -1.13 1.39
N VAL A 20 4.76 -1.95 0.67
CA VAL A 20 5.32 -3.16 1.23
C VAL A 20 6.83 -3.05 1.38
N GLY A 21 7.33 -3.30 2.58
CA GLY A 21 8.76 -3.22 2.84
C GLY A 21 9.29 -4.43 3.56
N ASN A 22 10.61 -4.54 3.64
CA ASN A 22 11.24 -5.68 4.32
C ASN A 22 10.98 -6.97 3.55
N LEU A 23 11.06 -6.91 2.23
CA LEU A 23 10.83 -8.07 1.39
C LEU A 23 12.13 -8.83 1.14
N SER A 24 12.02 -10.13 0.92
CA SER A 24 13.18 -10.97 0.67
C SER A 24 13.60 -10.91 -0.79
N ARG A 25 14.90 -10.83 -1.04
CA ARG A 25 15.43 -10.76 -2.39
C ARG A 25 14.72 -11.76 -3.31
N ASP A 26 14.29 -12.87 -2.72
CA ASP A 26 13.59 -13.90 -3.48
C ASP A 26 12.20 -13.42 -3.91
N VAL A 27 11.54 -12.68 -3.02
CA VAL A 27 10.21 -12.17 -3.31
C VAL A 27 10.18 -11.42 -4.64
N THR A 28 9.13 -11.65 -5.41
CA THR A 28 8.98 -11.01 -6.71
C THR A 28 7.61 -10.34 -6.84
N GLU A 29 7.45 -9.54 -7.89
CA GLU A 29 6.19 -8.84 -8.13
C GLU A 29 5.04 -9.83 -8.30
N VAL A 30 5.31 -10.93 -9.01
CA VAL A 30 4.30 -11.95 -9.26
C VAL A 30 3.92 -12.65 -7.96
N LEU A 31 4.92 -12.97 -7.13
CA LEU A 31 4.67 -13.64 -5.86
C LEU A 31 3.74 -12.81 -4.98
N ILE A 32 4.06 -11.53 -4.83
CA ILE A 32 3.24 -10.64 -4.01
C ILE A 32 1.80 -10.59 -4.51
N LEU A 33 1.64 -10.41 -5.82
CA LEU A 33 0.31 -10.36 -6.41
C LEU A 33 -0.46 -11.65 -6.15
N GLN A 34 0.26 -12.76 -6.05
CA GLN A 34 -0.36 -14.06 -5.80
C GLN A 34 -0.95 -14.11 -4.40
N LEU A 35 -0.15 -13.71 -3.40
CA LEU A 35 -0.60 -13.71 -2.02
C LEU A 35 -1.70 -12.69 -1.79
N PHE A 36 -1.48 -11.47 -2.29
CA PHE A 36 -2.45 -10.40 -2.15
C PHE A 36 -3.71 -10.69 -2.96
N SER A 37 -3.54 -11.36 -4.10
CA SER A 37 -4.66 -11.70 -4.97
C SER A 37 -5.66 -12.58 -4.23
N GLN A 38 -5.15 -13.47 -3.39
CA GLN A 38 -5.99 -14.39 -2.64
C GLN A 38 -6.99 -13.61 -1.77
N ILE A 39 -6.54 -12.48 -1.24
CA ILE A 39 -7.39 -11.65 -0.40
C ILE A 39 -8.36 -10.82 -1.24
N GLY A 40 -7.81 -10.15 -2.26
CA GLY A 40 -8.64 -9.33 -3.13
C GLY A 40 -7.97 -9.03 -4.45
N PRO A 41 -8.72 -8.43 -5.38
CA PRO A 41 -8.21 -8.08 -6.71
C PRO A 41 -7.20 -6.94 -6.65
N CYS A 42 -6.03 -7.17 -7.27
CA CYS A 42 -4.98 -6.16 -7.29
C CYS A 42 -4.91 -5.47 -8.65
N LYS A 43 -5.03 -4.16 -8.64
CA LYS A 43 -4.98 -3.37 -9.87
C LYS A 43 -3.62 -3.51 -10.55
N SER A 44 -2.56 -3.29 -9.80
CA SER A 44 -1.20 -3.40 -10.33
C SER A 44 -0.17 -3.40 -9.21
N CYS A 45 0.93 -4.12 -9.42
CA CYS A 45 1.99 -4.21 -8.42
C CYS A 45 3.34 -3.84 -9.03
N LYS A 46 4.06 -2.94 -8.37
CA LYS A 46 5.36 -2.50 -8.84
C LYS A 46 6.44 -2.77 -7.79
N MET A 47 7.35 -3.68 -8.10
CA MET A 47 8.44 -4.02 -7.19
C MET A 47 9.67 -3.16 -7.46
N ILE A 48 10.07 -2.39 -6.46
CA ILE A 48 11.23 -1.51 -6.58
C ILE A 48 12.40 -2.03 -5.76
N THR A 49 13.46 -2.45 -6.44
CA THR A 49 14.64 -2.97 -5.77
C THR A 49 15.92 -2.37 -6.35
N GLU A 50 15.86 -1.08 -6.67
CA GLU A 50 17.00 -0.39 -7.24
C GLU A 50 18.11 -0.21 -6.20
N HIS A 51 17.72 -0.24 -4.93
CA HIS A 51 18.67 -0.09 -3.84
C HIS A 51 19.09 -1.45 -3.29
N THR A 52 20.27 -1.51 -2.69
CA THR A 52 20.79 -2.74 -2.12
C THR A 52 21.12 -2.58 -0.65
N SER A 53 21.34 -1.34 -0.23
CA SER A 53 21.67 -1.05 1.16
C SER A 53 20.58 -1.54 2.10
N ASN A 54 19.33 -1.23 1.75
CA ASN A 54 18.19 -1.66 2.56
C ASN A 54 17.32 -2.65 1.80
N ASP A 55 16.54 -3.42 2.54
CA ASP A 55 15.65 -4.42 1.94
C ASP A 55 14.79 -3.78 0.85
N PRO A 56 14.40 -4.59 -0.15
CA PRO A 56 13.58 -4.13 -1.26
C PRO A 56 12.14 -3.82 -0.83
N TYR A 57 11.39 -3.16 -1.71
CA TYR A 57 10.01 -2.81 -1.42
C TYR A 57 9.16 -2.82 -2.69
N CYS A 58 7.87 -3.11 -2.53
CA CYS A 58 6.96 -3.17 -3.66
C CYS A 58 5.65 -2.47 -3.32
N PHE A 59 4.97 -1.95 -4.35
CA PHE A 59 3.70 -1.26 -4.16
C PHE A 59 2.54 -2.11 -4.67
N VAL A 60 1.49 -2.21 -3.85
CA VAL A 60 0.32 -2.99 -4.22
C VAL A 60 -0.94 -2.14 -4.20
N GLU A 61 -1.58 -2.02 -5.36
CA GLU A 61 -2.79 -1.22 -5.49
C GLU A 61 -4.01 -2.12 -5.75
N PHE A 62 -5.11 -1.84 -5.04
CA PHE A 62 -6.33 -2.62 -5.20
C PHE A 62 -7.39 -1.82 -5.93
N TYR A 63 -8.44 -2.51 -6.36
CA TYR A 63 -9.53 -1.86 -7.08
C TYR A 63 -10.44 -1.09 -6.13
N GLU A 64 -10.69 -1.67 -4.95
CA GLU A 64 -11.53 -1.03 -3.95
C GLU A 64 -10.75 -0.76 -2.67
N HIS A 65 -11.31 0.09 -1.82
CA HIS A 65 -10.67 0.44 -0.56
C HIS A 65 -10.78 -0.70 0.45
N ARG A 66 -11.92 -1.38 0.44
CA ARG A 66 -12.16 -2.49 1.35
C ARG A 66 -11.12 -3.59 1.14
N ASP A 67 -10.80 -3.87 -0.11
CA ASP A 67 -9.82 -4.90 -0.45
C ASP A 67 -8.44 -4.52 0.06
N ALA A 68 -8.05 -3.27 -0.18
CA ALA A 68 -6.75 -2.77 0.25
C ALA A 68 -6.60 -2.86 1.77
N ALA A 69 -7.67 -2.50 2.48
CA ALA A 69 -7.67 -2.54 3.94
C ALA A 69 -7.63 -3.97 4.45
N ALA A 70 -8.38 -4.85 3.79
CA ALA A 70 -8.44 -6.24 4.19
C ALA A 70 -7.09 -6.93 3.96
N ALA A 71 -6.52 -6.71 2.78
CA ALA A 71 -5.23 -7.30 2.44
C ALA A 71 -4.09 -6.62 3.20
N LEU A 72 -4.23 -5.33 3.43
CA LEU A 72 -3.22 -4.55 4.15
C LEU A 72 -3.00 -5.12 5.55
N ALA A 73 -4.09 -5.30 6.29
CA ALA A 73 -4.02 -5.84 7.63
C ALA A 73 -3.58 -7.30 7.63
N ALA A 74 -4.14 -8.06 6.69
CA ALA A 74 -3.81 -9.48 6.58
C ALA A 74 -2.37 -9.67 6.14
N MET A 75 -1.80 -8.65 5.49
CA MET A 75 -0.43 -8.72 5.02
C MET A 75 0.49 -7.88 5.91
N ASN A 76 -0.11 -7.00 6.71
CA ASN A 76 0.66 -6.14 7.60
C ASN A 76 1.54 -6.97 8.53
N GLY A 77 2.82 -7.06 8.20
CA GLY A 77 3.75 -7.82 9.02
C GLY A 77 3.55 -9.32 8.86
N ARG A 78 3.22 -9.75 7.65
CA ARG A 78 3.01 -11.16 7.37
C ARG A 78 4.34 -11.88 7.17
N LYS A 79 4.32 -13.21 7.31
CA LYS A 79 5.52 -14.01 7.15
C LYS A 79 5.60 -14.59 5.74
N ILE A 80 6.62 -14.16 4.99
CA ILE A 80 6.80 -14.64 3.62
C ILE A 80 8.26 -14.99 3.37
N LEU A 81 8.51 -16.26 3.04
CA LEU A 81 9.86 -16.72 2.76
C LEU A 81 10.76 -16.54 3.98
N GLY A 82 10.22 -16.83 5.16
CA GLY A 82 10.98 -16.69 6.39
C GLY A 82 11.29 -15.24 6.72
N LYS A 83 10.74 -14.33 5.93
CA LYS A 83 10.97 -12.90 6.15
C LYS A 83 9.64 -12.17 6.34
N GLU A 84 9.52 -11.46 7.46
CA GLU A 84 8.30 -10.72 7.77
C GLU A 84 8.22 -9.45 6.94
N VAL A 85 7.16 -9.32 6.15
CA VAL A 85 6.96 -8.15 5.31
C VAL A 85 6.04 -7.13 5.98
N LYS A 86 6.43 -5.87 5.92
CA LYS A 86 5.64 -4.79 6.52
C LYS A 86 4.76 -4.10 5.48
N VAL A 87 3.49 -3.92 5.82
CA VAL A 87 2.55 -3.27 4.91
C VAL A 87 1.82 -2.12 5.59
N ASN A 88 1.76 -0.98 4.92
CA ASN A 88 1.10 0.20 5.47
C ASN A 88 0.46 1.02 4.35
N TRP A 89 -0.49 1.87 4.73
CA TRP A 89 -1.19 2.72 3.76
C TRP A 89 -0.22 3.69 3.11
N ALA A 90 -0.08 3.60 1.79
CA ALA A 90 0.81 4.47 1.04
C ALA A 90 0.23 5.89 0.95
N THR A 91 0.26 6.61 2.06
CA THR A 91 -0.26 7.97 2.10
C THR A 91 0.73 8.96 1.48
N THR A 92 0.19 9.96 0.79
CA THR A 92 1.03 10.97 0.14
C THR A 92 0.54 12.38 0.48
N PRO A 93 1.50 13.31 0.63
CA PRO A 93 1.20 14.71 0.95
C PRO A 93 0.53 15.43 -0.21
N SER A 94 -0.79 15.27 -0.31
CA SER A 94 -1.55 15.91 -1.38
C SER A 94 -1.23 17.40 -1.46
N SER A 95 -0.88 17.86 -2.65
CA SER A 95 -0.55 19.26 -2.87
C SER A 95 -1.63 19.98 -3.67
N GLN A 96 -2.87 19.50 -3.54
CA GLN A 96 -4.00 20.08 -4.26
C GLN A 96 -4.04 21.59 -4.06
N LYS A 97 -4.56 22.29 -5.06
CA LYS A 97 -4.66 23.74 -5.01
C LYS A 97 -5.95 24.18 -4.31
N SER A 98 -7.07 23.61 -4.75
CA SER A 98 -8.37 23.94 -4.17
C SER A 98 -8.24 24.20 -2.67
N GLY A 99 -8.51 25.45 -2.27
CA GLY A 99 -8.43 25.81 -0.86
C GLY A 99 -9.75 26.28 -0.31
N PRO A 100 -10.59 25.34 0.15
CA PRO A 100 -11.91 25.65 0.71
C PRO A 100 -11.80 26.35 2.07
N SER A 101 -10.57 26.62 2.50
CA SER A 101 -10.34 27.28 3.78
C SER A 101 -10.60 26.32 4.93
N SER A 102 -10.02 25.12 4.85
CA SER A 102 -10.20 24.11 5.89
C SER A 102 -9.14 24.28 6.98
N GLY A 103 -7.88 24.45 6.56
CA GLY A 103 -6.80 24.61 7.51
C GLY A 103 -5.54 25.14 6.86
N GLY A 1 -0.97 14.92 -15.05
CA GLY A 1 -0.04 14.68 -16.13
C GLY A 1 -0.42 15.44 -17.40
N SER A 2 0.48 16.29 -17.87
CA SER A 2 0.24 17.08 -19.07
C SER A 2 -0.58 16.28 -20.09
N SER A 3 -0.22 15.02 -20.27
CA SER A 3 -0.91 14.15 -21.20
C SER A 3 -0.81 12.69 -20.77
N GLY A 4 -1.62 11.84 -21.39
CA GLY A 4 -1.61 10.43 -21.06
C GLY A 4 -2.94 9.75 -21.36
N SER A 5 -3.09 8.53 -20.86
CA SER A 5 -4.33 7.78 -21.08
C SER A 5 -5.09 7.60 -19.77
N SER A 6 -6.35 8.01 -19.77
CA SER A 6 -7.20 7.90 -18.58
C SER A 6 -8.53 7.25 -18.91
N GLY A 7 -8.98 6.35 -18.05
CA GLY A 7 -10.24 5.68 -18.26
C GLY A 7 -11.37 6.25 -17.43
N MET A 8 -12.57 5.72 -17.62
CA MET A 8 -13.74 6.19 -16.87
C MET A 8 -13.82 5.52 -15.51
N MET A 9 -13.09 6.07 -14.54
CA MET A 9 -13.08 5.53 -13.19
C MET A 9 -13.56 6.56 -12.18
N GLU A 10 -14.81 6.43 -11.75
CA GLU A 10 -15.39 7.36 -10.78
C GLU A 10 -14.98 6.99 -9.36
N ASP A 11 -13.81 7.45 -8.94
CA ASP A 11 -13.30 7.17 -7.60
C ASP A 11 -13.82 8.19 -6.60
N ASP A 12 -13.81 7.81 -5.32
CA ASP A 12 -14.28 8.70 -4.26
C ASP A 12 -13.11 9.44 -3.61
N GLY A 13 -12.08 8.70 -3.25
CA GLY A 13 -10.91 9.29 -2.62
C GLY A 13 -10.15 8.30 -1.76
N GLN A 14 -10.87 7.47 -1.03
CA GLN A 14 -10.25 6.48 -0.16
C GLN A 14 -8.98 5.92 -0.79
N PRO A 15 -7.98 5.62 0.05
CA PRO A 15 -6.70 5.07 -0.42
C PRO A 15 -6.84 3.64 -0.93
N ARG A 16 -6.13 3.34 -2.02
CA ARG A 16 -6.17 2.01 -2.62
C ARG A 16 -4.76 1.51 -2.94
N THR A 17 -3.77 2.13 -2.30
CA THR A 17 -2.39 1.75 -2.52
C THR A 17 -1.68 1.44 -1.20
N LEU A 18 -0.88 0.38 -1.20
CA LEU A 18 -0.15 -0.02 0.01
C LEU A 18 1.34 -0.23 -0.30
N TYR A 19 2.18 0.10 0.67
CA TYR A 19 3.62 -0.05 0.51
C TYR A 19 4.13 -1.29 1.24
N VAL A 20 4.81 -2.16 0.50
CA VAL A 20 5.35 -3.39 1.07
C VAL A 20 6.86 -3.29 1.26
N GLY A 21 7.30 -3.46 2.51
CA GLY A 21 8.72 -3.38 2.80
C GLY A 21 9.22 -4.61 3.54
N ASN A 22 10.54 -4.77 3.60
CA ASN A 22 11.15 -5.90 4.27
C ASN A 22 10.91 -7.19 3.50
N LEU A 23 11.10 -7.14 2.18
CA LEU A 23 10.90 -8.30 1.33
C LEU A 23 12.24 -8.98 1.03
N SER A 24 12.22 -10.31 0.97
CA SER A 24 13.42 -11.08 0.70
C SER A 24 13.81 -10.98 -0.78
N ARG A 25 15.11 -10.99 -1.04
CA ARG A 25 15.62 -10.89 -2.41
C ARG A 25 14.88 -11.87 -3.33
N ASP A 26 14.25 -12.88 -2.73
CA ASP A 26 13.51 -13.87 -3.50
C ASP A 26 12.13 -13.34 -3.89
N VAL A 27 11.51 -12.58 -2.98
CA VAL A 27 10.19 -12.01 -3.23
C VAL A 27 10.15 -11.30 -4.58
N THR A 28 9.12 -11.62 -5.37
CA THR A 28 8.96 -11.01 -6.68
C THR A 28 7.58 -10.35 -6.82
N GLU A 29 7.38 -9.64 -7.92
CA GLU A 29 6.12 -8.97 -8.17
C GLU A 29 4.97 -9.98 -8.29
N VAL A 30 5.24 -11.08 -8.97
CA VAL A 30 4.24 -12.13 -9.15
C VAL A 30 3.87 -12.77 -7.81
N LEU A 31 4.88 -13.01 -6.98
CA LEU A 31 4.67 -13.63 -5.68
C LEU A 31 3.75 -12.77 -4.81
N ILE A 32 4.08 -11.48 -4.71
CA ILE A 32 3.29 -10.55 -3.92
C ILE A 32 1.84 -10.51 -4.40
N LEU A 33 1.66 -10.39 -5.71
CA LEU A 33 0.33 -10.33 -6.30
C LEU A 33 -0.44 -11.63 -6.04
N GLN A 34 0.30 -12.73 -5.95
CA GLN A 34 -0.30 -14.03 -5.69
C GLN A 34 -0.92 -14.09 -4.30
N LEU A 35 -0.13 -13.69 -3.30
CA LEU A 35 -0.59 -13.70 -1.92
C LEU A 35 -1.69 -12.65 -1.70
N PHE A 36 -1.44 -11.44 -2.21
CA PHE A 36 -2.40 -10.35 -2.07
C PHE A 36 -3.68 -10.65 -2.87
N SER A 37 -3.51 -11.33 -4.00
CA SER A 37 -4.64 -11.67 -4.86
C SER A 37 -5.63 -12.56 -4.11
N GLN A 38 -5.13 -13.46 -3.28
CA GLN A 38 -5.96 -14.37 -2.51
C GLN A 38 -6.96 -13.58 -1.65
N ILE A 39 -6.54 -12.43 -1.17
CA ILE A 39 -7.39 -11.58 -0.34
C ILE A 39 -8.36 -10.78 -1.19
N GLY A 40 -7.83 -10.08 -2.20
CA GLY A 40 -8.68 -9.29 -3.06
C GLY A 40 -8.03 -9.04 -4.42
N PRO A 41 -8.79 -8.40 -5.33
CA PRO A 41 -8.31 -8.09 -6.68
C PRO A 41 -7.22 -7.02 -6.68
N CYS A 42 -6.09 -7.34 -7.30
CA CYS A 42 -4.97 -6.40 -7.37
C CYS A 42 -4.91 -5.73 -8.74
N LYS A 43 -5.00 -4.41 -8.74
CA LYS A 43 -4.96 -3.64 -9.99
C LYS A 43 -3.58 -3.74 -10.64
N SER A 44 -2.53 -3.48 -9.86
CA SER A 44 -1.18 -3.54 -10.36
C SER A 44 -0.17 -3.51 -9.21
N CYS A 45 0.94 -4.22 -9.39
CA CYS A 45 1.98 -4.27 -8.36
C CYS A 45 3.35 -3.94 -8.96
N LYS A 46 4.06 -3.04 -8.31
CA LYS A 46 5.39 -2.63 -8.77
C LYS A 46 6.44 -2.92 -7.70
N MET A 47 7.51 -3.61 -8.10
CA MET A 47 8.59 -3.94 -7.19
C MET A 47 9.82 -3.08 -7.46
N ILE A 48 10.20 -2.28 -6.47
CA ILE A 48 11.35 -1.40 -6.60
C ILE A 48 12.45 -1.79 -5.62
N THR A 49 13.60 -2.20 -6.14
CA THR A 49 14.73 -2.59 -5.31
C THR A 49 15.95 -1.73 -5.59
N GLU A 50 15.88 -0.94 -6.65
CA GLU A 50 16.98 -0.07 -7.03
C GLU A 50 17.25 0.97 -5.94
N HIS A 51 16.18 1.40 -5.26
CA HIS A 51 16.29 2.38 -4.19
C HIS A 51 17.15 1.85 -3.05
N THR A 52 18.44 2.20 -3.08
CA THR A 52 19.37 1.76 -2.05
C THR A 52 18.68 1.67 -0.69
N SER A 53 18.61 0.45 -0.15
CA SER A 53 17.98 0.23 1.14
C SER A 53 18.24 -1.19 1.64
N ASN A 54 18.29 -1.34 2.96
CA ASN A 54 18.53 -2.65 3.57
C ASN A 54 17.68 -3.73 2.90
N ASP A 55 16.44 -3.38 2.60
CA ASP A 55 15.52 -4.32 1.96
C ASP A 55 14.66 -3.62 0.91
N PRO A 56 14.31 -4.35 -0.15
CA PRO A 56 13.48 -3.82 -1.24
C PRO A 56 12.04 -3.57 -0.81
N TYR A 57 11.26 -2.99 -1.71
CA TYR A 57 9.86 -2.69 -1.43
C TYR A 57 9.04 -2.66 -2.71
N CYS A 58 7.74 -2.96 -2.58
CA CYS A 58 6.84 -2.96 -3.74
C CYS A 58 5.51 -2.32 -3.39
N PHE A 59 4.82 -1.80 -4.39
CA PHE A 59 3.53 -1.16 -4.19
C PHE A 59 2.38 -2.05 -4.66
N VAL A 60 1.32 -2.10 -3.88
CA VAL A 60 0.16 -2.92 -4.23
C VAL A 60 -1.11 -2.08 -4.29
N GLU A 61 -1.69 -1.98 -5.48
CA GLU A 61 -2.91 -1.20 -5.68
C GLU A 61 -4.12 -2.12 -5.86
N PHE A 62 -5.17 -1.86 -5.09
CA PHE A 62 -6.39 -2.66 -5.16
C PHE A 62 -7.50 -1.91 -5.88
N TYR A 63 -8.53 -2.63 -6.30
CA TYR A 63 -9.65 -2.02 -7.01
C TYR A 63 -10.46 -1.14 -6.07
N GLU A 64 -10.74 -1.63 -4.87
CA GLU A 64 -11.49 -0.88 -3.88
C GLU A 64 -10.71 -0.72 -2.58
N HIS A 65 -11.20 0.13 -1.70
CA HIS A 65 -10.55 0.38 -0.42
C HIS A 65 -10.75 -0.80 0.53
N ARG A 66 -11.90 -1.46 0.40
CA ARG A 66 -12.22 -2.60 1.25
C ARG A 66 -11.18 -3.70 1.09
N ASP A 67 -10.74 -3.92 -0.15
CA ASP A 67 -9.74 -4.94 -0.43
C ASP A 67 -8.37 -4.53 0.09
N ALA A 68 -7.99 -3.28 -0.21
CA ALA A 68 -6.69 -2.76 0.23
C ALA A 68 -6.55 -2.85 1.75
N ALA A 69 -7.60 -2.48 2.46
CA ALA A 69 -7.58 -2.52 3.92
C ALA A 69 -7.52 -3.95 4.42
N ALA A 70 -8.30 -4.83 3.79
CA ALA A 70 -8.32 -6.24 4.19
C ALA A 70 -6.97 -6.90 3.95
N ALA A 71 -6.41 -6.68 2.78
CA ALA A 71 -5.10 -7.25 2.43
C ALA A 71 -3.98 -6.57 3.21
N LEU A 72 -4.14 -5.28 3.45
CA LEU A 72 -3.13 -4.51 4.18
C LEU A 72 -2.93 -5.08 5.58
N ALA A 73 -4.02 -5.27 6.30
CA ALA A 73 -3.96 -5.81 7.66
C ALA A 73 -3.52 -7.27 7.65
N ALA A 74 -4.03 -8.03 6.68
CA ALA A 74 -3.68 -9.44 6.56
C ALA A 74 -2.22 -9.61 6.15
N MET A 75 -1.72 -8.66 5.37
CA MET A 75 -0.34 -8.72 4.91
C MET A 75 0.56 -7.86 5.79
N ASN A 76 -0.05 -6.99 6.59
CA ASN A 76 0.70 -6.11 7.49
C ASN A 76 1.55 -6.93 8.45
N GLY A 77 2.84 -7.05 8.14
CA GLY A 77 3.74 -7.81 8.99
C GLY A 77 3.53 -9.30 8.88
N ARG A 78 3.19 -9.76 7.68
CA ARG A 78 2.94 -11.18 7.43
C ARG A 78 4.25 -11.90 7.15
N LYS A 79 4.25 -13.22 7.38
CA LYS A 79 5.44 -14.04 7.14
C LYS A 79 5.47 -14.54 5.70
N ILE A 80 6.48 -14.10 4.94
CA ILE A 80 6.62 -14.52 3.56
C ILE A 80 8.06 -14.93 3.25
N LEU A 81 8.24 -16.19 2.88
CA LEU A 81 9.55 -16.72 2.56
C LEU A 81 10.48 -16.65 3.77
N GLY A 82 9.90 -16.80 4.96
CA GLY A 82 10.67 -16.76 6.18
C GLY A 82 11.00 -15.34 6.61
N LYS A 83 10.56 -14.37 5.82
CA LYS A 83 10.82 -12.96 6.12
C LYS A 83 9.51 -12.21 6.30
N GLU A 84 9.37 -11.55 7.46
CA GLU A 84 8.17 -10.78 7.75
C GLU A 84 8.11 -9.49 6.93
N VAL A 85 7.08 -9.36 6.13
CA VAL A 85 6.91 -8.17 5.29
C VAL A 85 6.00 -7.14 5.96
N LYS A 86 6.40 -5.88 5.91
CA LYS A 86 5.63 -4.80 6.51
C LYS A 86 4.79 -4.08 5.46
N VAL A 87 3.48 -4.03 5.69
CA VAL A 87 2.57 -3.38 4.76
C VAL A 87 1.85 -2.21 5.42
N ASN A 88 1.90 -1.05 4.79
CA ASN A 88 1.25 0.14 5.32
C ASN A 88 0.58 0.94 4.21
N TRP A 89 -0.29 1.87 4.59
CA TRP A 89 -0.99 2.70 3.63
C TRP A 89 -0.03 3.63 2.90
N ALA A 90 0.04 3.48 1.58
CA ALA A 90 0.92 4.30 0.77
C ALA A 90 0.36 5.71 0.60
N THR A 91 -0.93 5.80 0.29
CA THR A 91 -1.59 7.08 0.10
C THR A 91 -1.93 7.73 1.44
N THR A 92 -1.22 8.80 1.77
CA THR A 92 -1.45 9.51 3.02
C THR A 92 -2.32 10.75 2.80
N PRO A 93 -3.18 11.05 3.78
CA PRO A 93 -4.08 12.21 3.72
C PRO A 93 -3.34 13.53 3.84
N SER A 94 -2.06 13.45 4.20
CA SER A 94 -1.24 14.65 4.35
C SER A 94 -1.05 15.35 3.00
N SER A 95 -1.72 16.48 2.83
CA SER A 95 -1.63 17.25 1.60
C SER A 95 -0.63 18.39 1.74
N GLN A 96 -0.36 19.06 0.63
CA GLN A 96 0.58 20.18 0.63
C GLN A 96 0.14 21.27 1.61
N LYS A 97 1.07 22.13 1.98
CA LYS A 97 0.78 23.22 2.91
C LYS A 97 1.35 24.54 2.40
N SER A 98 0.72 25.64 2.81
CA SER A 98 1.17 26.96 2.39
C SER A 98 2.28 27.47 3.29
N GLY A 99 3.06 28.43 2.79
CA GLY A 99 4.16 28.99 3.56
C GLY A 99 4.28 30.50 3.39
N PRO A 100 4.61 31.19 4.49
CA PRO A 100 4.77 32.65 4.49
C PRO A 100 6.00 33.10 3.70
N SER A 101 5.79 33.49 2.45
CA SER A 101 6.89 33.94 1.60
C SER A 101 6.97 35.46 1.57
N SER A 102 7.54 36.03 2.62
CA SER A 102 7.68 37.48 2.73
C SER A 102 8.73 38.00 1.75
N GLY A 103 8.38 39.08 1.04
CA GLY A 103 9.31 39.65 0.08
C GLY A 103 8.69 40.79 -0.71
N GLY A 1 -2.26 20.07 9.64
CA GLY A 1 -1.98 18.65 9.77
C GLY A 1 -2.49 17.85 8.59
N SER A 2 -3.82 17.76 8.47
CA SER A 2 -4.44 17.01 7.37
C SER A 2 -5.23 17.94 6.46
N SER A 3 -4.97 17.86 5.17
CA SER A 3 -5.66 18.70 4.19
C SER A 3 -5.85 17.95 2.88
N GLY A 4 -7.04 18.08 2.30
CA GLY A 4 -7.33 17.41 1.04
C GLY A 4 -7.34 18.37 -0.14
N SER A 5 -6.46 18.11 -1.10
CA SER A 5 -6.36 18.96 -2.29
C SER A 5 -5.99 18.13 -3.52
N SER A 6 -6.70 18.35 -4.61
CA SER A 6 -6.45 17.62 -5.85
C SER A 6 -6.88 18.44 -7.06
N GLY A 7 -5.93 18.70 -7.96
CA GLY A 7 -6.24 19.47 -9.15
C GLY A 7 -7.00 18.67 -10.19
N MET A 8 -6.28 17.88 -10.97
CA MET A 8 -6.89 17.06 -12.00
C MET A 8 -6.46 15.60 -11.87
N MET A 9 -7.18 14.85 -11.03
CA MET A 9 -6.87 13.44 -10.80
C MET A 9 -8.12 12.59 -10.95
N GLU A 10 -7.93 11.32 -11.30
CA GLU A 10 -9.04 10.40 -11.47
C GLU A 10 -9.13 9.43 -10.30
N ASP A 11 -9.85 9.84 -9.26
CA ASP A 11 -10.02 9.01 -8.06
C ASP A 11 -11.18 9.50 -7.22
N ASP A 12 -11.63 8.67 -6.29
CA ASP A 12 -12.74 9.03 -5.41
C ASP A 12 -12.23 9.76 -4.17
N GLY A 13 -11.32 9.12 -3.43
CA GLY A 13 -10.78 9.72 -2.23
C GLY A 13 -10.07 8.71 -1.35
N GLN A 14 -10.75 7.61 -1.05
CA GLN A 14 -10.16 6.57 -0.20
C GLN A 14 -8.92 5.97 -0.85
N PRO A 15 -7.91 5.66 -0.03
CA PRO A 15 -6.65 5.08 -0.50
C PRO A 15 -6.83 3.65 -0.98
N ARG A 16 -6.11 3.29 -2.04
CA ARG A 16 -6.19 1.95 -2.60
C ARG A 16 -4.80 1.39 -2.88
N THR A 17 -3.77 2.12 -2.43
CA THR A 17 -2.39 1.71 -2.64
C THR A 17 -1.70 1.42 -1.31
N LEU A 18 -0.96 0.33 -1.26
CA LEU A 18 -0.24 -0.07 -0.05
C LEU A 18 1.23 -0.27 -0.33
N TYR A 19 2.07 0.09 0.64
CA TYR A 19 3.52 -0.04 0.50
C TYR A 19 4.01 -1.30 1.21
N VAL A 20 4.72 -2.15 0.45
CA VAL A 20 5.26 -3.39 1.00
C VAL A 20 6.77 -3.30 1.17
N GLY A 21 7.24 -3.44 2.41
CA GLY A 21 8.66 -3.38 2.68
C GLY A 21 9.16 -4.59 3.44
N ASN A 22 10.47 -4.79 3.44
CA ASN A 22 11.07 -5.92 4.13
C ASN A 22 10.78 -7.22 3.40
N LEU A 23 11.12 -7.26 2.12
CA LEU A 23 10.89 -8.46 1.31
C LEU A 23 12.20 -9.18 1.02
N SER A 24 12.19 -10.50 1.17
CA SER A 24 13.37 -11.30 0.92
C SER A 24 13.85 -11.16 -0.52
N ARG A 25 15.16 -11.28 -0.71
CA ARG A 25 15.75 -11.16 -2.05
C ARG A 25 15.06 -12.08 -3.03
N ASP A 26 14.31 -13.05 -2.51
CA ASP A 26 13.60 -14.02 -3.33
C ASP A 26 12.24 -13.47 -3.75
N VAL A 27 11.61 -12.72 -2.85
CA VAL A 27 10.31 -12.13 -3.12
C VAL A 27 10.26 -11.48 -4.49
N THR A 28 9.19 -11.74 -5.24
CA THR A 28 9.03 -11.18 -6.57
C THR A 28 7.66 -10.50 -6.72
N GLU A 29 7.52 -9.71 -7.78
CA GLU A 29 6.28 -9.01 -8.04
C GLU A 29 5.11 -9.99 -8.19
N VAL A 30 5.35 -11.06 -8.94
CA VAL A 30 4.33 -12.08 -9.16
C VAL A 30 3.94 -12.76 -7.86
N LEU A 31 4.94 -12.99 -7.00
CA LEU A 31 4.71 -13.65 -5.72
C LEU A 31 3.79 -12.81 -4.84
N ILE A 32 4.13 -11.53 -4.69
CA ILE A 32 3.33 -10.62 -3.87
C ILE A 32 1.89 -10.54 -4.38
N LEU A 33 1.75 -10.36 -5.69
CA LEU A 33 0.43 -10.26 -6.29
C LEU A 33 -0.38 -11.53 -6.03
N GLN A 34 0.29 -12.66 -5.98
CA GLN A 34 -0.36 -13.94 -5.72
C GLN A 34 -0.94 -13.99 -4.31
N LEU A 35 -0.12 -13.61 -3.33
CA LEU A 35 -0.55 -13.61 -1.94
C LEU A 35 -1.66 -12.58 -1.71
N PHE A 36 -1.46 -11.38 -2.23
CA PHE A 36 -2.45 -10.31 -2.08
C PHE A 36 -3.68 -10.60 -2.92
N SER A 37 -3.49 -11.25 -4.06
CA SER A 37 -4.59 -11.58 -4.95
C SER A 37 -5.58 -12.52 -4.26
N GLN A 38 -5.07 -13.39 -3.41
CA GLN A 38 -5.90 -14.35 -2.69
C GLN A 38 -6.99 -13.62 -1.89
N ILE A 39 -6.63 -12.47 -1.34
CA ILE A 39 -7.57 -11.68 -0.56
C ILE A 39 -8.51 -10.88 -1.45
N GLY A 40 -7.92 -10.14 -2.38
CA GLY A 40 -8.73 -9.34 -3.30
C GLY A 40 -8.01 -9.06 -4.61
N PRO A 41 -8.74 -8.51 -5.58
CA PRO A 41 -8.19 -8.18 -6.90
C PRO A 41 -7.19 -7.03 -6.85
N CYS A 42 -6.00 -7.26 -7.38
CA CYS A 42 -4.96 -6.23 -7.40
C CYS A 42 -4.93 -5.51 -8.74
N LYS A 43 -5.09 -4.19 -8.70
CA LYS A 43 -5.08 -3.38 -9.91
C LYS A 43 -3.71 -3.43 -10.59
N SER A 44 -2.65 -3.18 -9.81
CA SER A 44 -1.30 -3.19 -10.34
C SER A 44 -0.28 -3.20 -9.22
N CYS A 45 0.82 -3.92 -9.43
CA CYS A 45 1.88 -4.03 -8.43
C CYS A 45 3.24 -3.70 -9.03
N LYS A 46 3.97 -2.80 -8.38
CA LYS A 46 5.29 -2.41 -8.86
C LYS A 46 6.36 -2.66 -7.79
N MET A 47 7.25 -3.59 -8.07
CA MET A 47 8.33 -3.93 -7.14
C MET A 47 9.58 -3.11 -7.43
N ILE A 48 9.99 -2.30 -6.46
CA ILE A 48 11.18 -1.47 -6.62
C ILE A 48 12.33 -2.00 -5.77
N THR A 49 13.44 -2.33 -6.42
CA THR A 49 14.62 -2.83 -5.73
C THR A 49 15.87 -2.08 -6.15
N GLU A 50 15.73 -0.78 -6.38
CA GLU A 50 16.86 0.05 -6.80
C GLU A 50 17.15 1.12 -5.74
N HIS A 51 16.95 0.76 -4.48
CA HIS A 51 17.21 1.69 -3.37
C HIS A 51 18.32 1.18 -2.47
N THR A 52 18.68 1.98 -1.47
CA THR A 52 19.74 1.61 -0.55
C THR A 52 19.75 0.10 -0.29
N SER A 53 20.92 -0.43 0.02
CA SER A 53 21.06 -1.86 0.30
C SER A 53 19.85 -2.38 1.08
N ASN A 54 19.25 -1.52 1.88
CA ASN A 54 18.09 -1.89 2.68
C ASN A 54 17.14 -2.76 1.87
N ASP A 55 16.50 -3.72 2.55
CA ASP A 55 15.56 -4.62 1.88
C ASP A 55 14.71 -3.87 0.86
N PRO A 56 14.34 -4.56 -0.22
CA PRO A 56 13.52 -3.98 -1.29
C PRO A 56 12.08 -3.73 -0.84
N TYR A 57 11.30 -3.10 -1.71
CA TYR A 57 9.91 -2.79 -1.40
C TYR A 57 9.07 -2.72 -2.67
N CYS A 58 7.82 -3.17 -2.58
CA CYS A 58 6.92 -3.16 -3.72
C CYS A 58 5.60 -2.48 -3.36
N PHE A 59 4.90 -2.00 -4.39
CA PHE A 59 3.62 -1.32 -4.18
C PHE A 59 2.46 -2.20 -4.65
N VAL A 60 1.37 -2.19 -3.90
CA VAL A 60 0.20 -2.98 -4.24
C VAL A 60 -1.07 -2.12 -4.25
N GLU A 61 -1.70 -2.02 -5.41
CA GLU A 61 -2.92 -1.24 -5.55
C GLU A 61 -4.13 -2.13 -5.78
N PHE A 62 -5.22 -1.84 -5.08
CA PHE A 62 -6.45 -2.63 -5.20
C PHE A 62 -7.52 -1.83 -5.93
N TYR A 63 -8.57 -2.53 -6.36
CA TYR A 63 -9.67 -1.89 -7.07
C TYR A 63 -10.63 -1.20 -6.10
N GLU A 64 -10.76 -1.77 -4.91
CA GLU A 64 -11.63 -1.22 -3.89
C GLU A 64 -10.86 -0.88 -2.62
N HIS A 65 -11.40 0.05 -1.84
CA HIS A 65 -10.75 0.46 -0.59
C HIS A 65 -10.89 -0.62 0.48
N ARG A 66 -12.03 -1.29 0.50
CA ARG A 66 -12.29 -2.34 1.47
C ARG A 66 -11.28 -3.47 1.32
N ASP A 67 -10.97 -3.82 0.08
CA ASP A 67 -10.02 -4.90 -0.20
C ASP A 67 -8.62 -4.50 0.23
N ALA A 68 -8.21 -3.28 -0.11
CA ALA A 68 -6.89 -2.78 0.25
C ALA A 68 -6.67 -2.83 1.76
N ALA A 69 -7.68 -2.42 2.51
CA ALA A 69 -7.60 -2.42 3.97
C ALA A 69 -7.57 -3.84 4.51
N ALA A 70 -8.33 -4.73 3.88
CA ALA A 70 -8.40 -6.12 4.31
C ALA A 70 -7.06 -6.83 4.06
N ALA A 71 -6.51 -6.63 2.88
CA ALA A 71 -5.24 -7.25 2.52
C ALA A 71 -4.07 -6.57 3.25
N LEU A 72 -4.18 -5.26 3.43
CA LEU A 72 -3.15 -4.50 4.12
C LEU A 72 -2.91 -5.03 5.52
N ALA A 73 -3.99 -5.18 6.28
CA ALA A 73 -3.90 -5.69 7.65
C ALA A 73 -3.49 -7.16 7.66
N ALA A 74 -4.07 -7.93 6.75
CA ALA A 74 -3.75 -9.36 6.65
C ALA A 74 -2.32 -9.58 6.18
N MET A 75 -1.78 -8.59 5.48
CA MET A 75 -0.41 -8.68 4.97
C MET A 75 0.55 -7.87 5.84
N ASN A 76 0.00 -6.96 6.64
CA ASN A 76 0.80 -6.13 7.51
C ASN A 76 1.64 -6.98 8.46
N GLY A 77 2.92 -7.12 8.14
CA GLY A 77 3.81 -7.92 8.97
C GLY A 77 3.59 -9.40 8.78
N ARG A 78 3.27 -9.81 7.56
CA ARG A 78 3.03 -11.22 7.25
C ARG A 78 4.34 -11.94 6.98
N LYS A 79 4.38 -13.23 7.31
CA LYS A 79 5.58 -14.04 7.11
C LYS A 79 5.66 -14.52 5.66
N ILE A 80 6.68 -14.07 4.95
CA ILE A 80 6.88 -14.46 3.56
C ILE A 80 8.33 -14.83 3.28
N LEU A 81 8.56 -16.07 2.87
CA LEU A 81 9.91 -16.54 2.57
C LEU A 81 10.79 -16.46 3.81
N GLY A 82 10.21 -16.76 4.96
CA GLY A 82 10.97 -16.73 6.20
C GLY A 82 11.29 -15.31 6.64
N LYS A 83 10.77 -14.33 5.90
CA LYS A 83 11.00 -12.92 6.22
C LYS A 83 9.68 -12.17 6.39
N GLU A 84 9.51 -11.55 7.55
CA GLU A 84 8.29 -10.79 7.84
C GLU A 84 8.25 -9.51 7.02
N VAL A 85 7.21 -9.38 6.19
CA VAL A 85 7.05 -8.19 5.36
C VAL A 85 6.08 -7.20 6.00
N LYS A 86 6.44 -5.91 5.94
CA LYS A 86 5.61 -4.86 6.52
C LYS A 86 4.78 -4.19 5.44
N VAL A 87 3.48 -4.01 5.71
CA VAL A 87 2.58 -3.37 4.77
C VAL A 87 1.83 -2.21 5.43
N ASN A 88 1.95 -1.02 4.83
CA ASN A 88 1.28 0.16 5.36
C ASN A 88 0.62 0.96 4.24
N TRP A 89 -0.26 1.87 4.61
CA TRP A 89 -0.96 2.71 3.64
C TRP A 89 0.01 3.65 2.93
N ALA A 90 0.10 3.52 1.61
CA ALA A 90 1.00 4.35 0.82
C ALA A 90 0.42 5.76 0.65
N THR A 91 0.99 6.72 1.39
CA THR A 91 0.53 8.10 1.33
C THR A 91 1.24 8.86 0.20
N THR A 92 0.46 9.45 -0.69
CA THR A 92 0.99 10.21 -1.81
C THR A 92 1.76 11.43 -1.31
N PRO A 93 2.84 11.79 -2.04
CA PRO A 93 3.67 12.94 -1.70
C PRO A 93 2.95 14.27 -1.93
N SER A 94 3.20 15.24 -1.05
CA SER A 94 2.57 16.55 -1.16
C SER A 94 3.20 17.53 -0.18
N SER A 95 3.78 18.60 -0.71
CA SER A 95 4.42 19.62 0.12
C SER A 95 3.48 20.80 0.36
N GLN A 96 3.74 21.54 1.43
CA GLN A 96 2.91 22.69 1.78
C GLN A 96 3.67 24.00 1.54
N LYS A 97 4.54 23.99 0.54
CA LYS A 97 5.32 25.17 0.20
C LYS A 97 4.45 26.23 -0.46
N SER A 98 3.51 25.79 -1.30
CA SER A 98 2.62 26.70 -2.00
C SER A 98 1.47 27.14 -1.09
N GLY A 99 0.86 26.16 -0.42
CA GLY A 99 -0.24 26.46 0.47
C GLY A 99 -1.58 26.03 -0.09
N PRO A 100 -2.67 26.38 0.61
CA PRO A 100 -4.02 26.03 0.19
C PRO A 100 -4.46 26.80 -1.06
N SER A 101 -3.56 27.60 -1.60
CA SER A 101 -3.85 28.39 -2.79
C SER A 101 -4.96 29.41 -2.51
N SER A 102 -4.75 30.21 -1.48
CA SER A 102 -5.72 31.23 -1.09
C SER A 102 -5.03 32.50 -0.62
N GLY A 103 -5.79 33.60 -0.57
CA GLY A 103 -5.23 34.86 -0.14
C GLY A 103 -5.47 35.13 1.33
N GLY A 1 -7.73 26.18 -6.73
CA GLY A 1 -9.03 26.73 -6.39
C GLY A 1 -9.58 27.65 -7.46
N SER A 2 -10.23 27.05 -8.46
CA SER A 2 -10.80 27.82 -9.56
C SER A 2 -11.75 28.90 -9.04
N SER A 3 -12.26 29.73 -9.95
CA SER A 3 -13.17 30.80 -9.59
C SER A 3 -14.61 30.32 -9.58
N GLY A 4 -15.07 29.87 -8.42
CA GLY A 4 -16.44 29.39 -8.30
C GLY A 4 -16.70 28.72 -6.96
N SER A 5 -17.92 28.89 -6.46
CA SER A 5 -18.30 28.31 -5.17
C SER A 5 -18.14 26.80 -5.19
N SER A 6 -17.43 26.27 -4.20
CA SER A 6 -17.20 24.83 -4.11
C SER A 6 -18.38 24.13 -3.42
N GLY A 7 -18.76 22.98 -3.96
CA GLY A 7 -19.87 22.24 -3.39
C GLY A 7 -20.09 20.90 -4.08
N MET A 8 -19.13 19.99 -3.91
CA MET A 8 -19.22 18.66 -4.52
C MET A 8 -18.90 17.58 -3.51
N MET A 9 -19.50 16.40 -3.70
CA MET A 9 -19.28 15.28 -2.80
C MET A 9 -17.82 15.17 -2.41
N GLU A 10 -17.54 15.25 -1.11
CA GLU A 10 -16.17 15.17 -0.61
C GLU A 10 -15.96 13.88 0.18
N ASP A 11 -15.13 12.99 -0.35
CA ASP A 11 -14.85 11.72 0.31
C ASP A 11 -13.49 11.75 0.99
N ASP A 12 -13.24 10.78 1.86
CA ASP A 12 -11.98 10.70 2.58
C ASP A 12 -10.88 10.09 1.70
N GLY A 13 -10.81 10.55 0.46
CA GLY A 13 -9.81 10.04 -0.46
C GLY A 13 -9.55 8.56 -0.27
N GLN A 14 -10.61 7.78 -0.13
CA GLN A 14 -10.48 6.34 0.06
C GLN A 14 -9.27 5.80 -0.67
N PRO A 15 -8.14 5.65 0.05
CA PRO A 15 -6.89 5.14 -0.51
C PRO A 15 -6.98 3.65 -0.85
N ARG A 16 -6.34 3.27 -1.96
CA ARG A 16 -6.34 1.89 -2.40
C ARG A 16 -4.92 1.41 -2.71
N THR A 17 -3.94 2.10 -2.13
CA THR A 17 -2.53 1.74 -2.34
C THR A 17 -1.85 1.37 -1.03
N LEU A 18 -1.05 0.31 -1.07
CA LEU A 18 -0.34 -0.15 0.12
C LEU A 18 1.15 -0.34 -0.18
N TYR A 19 1.99 0.07 0.76
CA TYR A 19 3.43 -0.06 0.60
C TYR A 19 3.95 -1.32 1.30
N VAL A 20 4.63 -2.17 0.54
CA VAL A 20 5.18 -3.41 1.09
C VAL A 20 6.69 -3.33 1.20
N GLY A 21 7.20 -3.50 2.42
CA GLY A 21 8.63 -3.44 2.65
C GLY A 21 9.14 -4.63 3.43
N ASN A 22 10.46 -4.74 3.55
CA ASN A 22 11.07 -5.84 4.29
C ASN A 22 10.84 -7.16 3.56
N LEU A 23 11.07 -7.17 2.25
CA LEU A 23 10.89 -8.36 1.44
C LEU A 23 12.23 -9.07 1.20
N SER A 24 12.16 -10.35 0.84
CA SER A 24 13.36 -11.13 0.58
C SER A 24 13.78 -11.02 -0.87
N ARG A 25 15.09 -11.07 -1.12
CA ARG A 25 15.62 -10.96 -2.47
C ARG A 25 14.92 -11.95 -3.40
N ASP A 26 14.28 -12.95 -2.82
CA ASP A 26 13.57 -13.97 -3.59
C ASP A 26 12.19 -13.47 -4.01
N VAL A 27 11.54 -12.70 -3.13
CA VAL A 27 10.22 -12.17 -3.40
C VAL A 27 10.16 -11.55 -4.79
N THR A 28 9.06 -11.81 -5.50
CA THR A 28 8.88 -11.29 -6.85
C THR A 28 7.53 -10.59 -6.98
N GLU A 29 7.38 -9.79 -8.03
CA GLU A 29 6.14 -9.07 -8.29
C GLU A 29 4.96 -10.03 -8.38
N VAL A 30 5.15 -11.11 -9.13
CA VAL A 30 4.10 -12.11 -9.31
C VAL A 30 3.77 -12.80 -7.99
N LEU A 31 4.79 -13.02 -7.17
CA LEU A 31 4.61 -13.68 -5.88
C LEU A 31 3.69 -12.86 -4.97
N ILE A 32 4.00 -11.57 -4.84
CA ILE A 32 3.21 -10.68 -4.01
C ILE A 32 1.76 -10.65 -4.47
N LEU A 33 1.57 -10.47 -5.77
CA LEU A 33 0.23 -10.42 -6.35
C LEU A 33 -0.54 -11.71 -6.07
N GLN A 34 0.20 -12.82 -6.00
CA GLN A 34 -0.41 -14.11 -5.74
C GLN A 34 -0.99 -14.17 -4.32
N LEU A 35 -0.19 -13.77 -3.35
CA LEU A 35 -0.61 -13.77 -1.96
C LEU A 35 -1.71 -12.74 -1.72
N PHE A 36 -1.51 -11.54 -2.26
CA PHE A 36 -2.49 -10.47 -2.11
C PHE A 36 -3.76 -10.77 -2.89
N SER A 37 -3.59 -11.42 -4.05
CA SER A 37 -4.73 -11.77 -4.89
C SER A 37 -5.75 -12.61 -4.13
N GLN A 38 -5.25 -13.54 -3.31
CA GLN A 38 -6.12 -14.41 -2.53
C GLN A 38 -7.09 -13.59 -1.69
N ILE A 39 -6.66 -12.42 -1.26
CA ILE A 39 -7.49 -11.54 -0.46
C ILE A 39 -8.42 -10.70 -1.34
N GLY A 40 -7.85 -10.10 -2.38
CA GLY A 40 -8.64 -9.28 -3.29
C GLY A 40 -7.93 -9.03 -4.60
N PRO A 41 -8.66 -8.42 -5.55
CA PRO A 41 -8.12 -8.11 -6.88
C PRO A 41 -7.07 -7.01 -6.84
N CYS A 42 -5.90 -7.28 -7.42
CA CYS A 42 -4.82 -6.30 -7.45
C CYS A 42 -4.78 -5.57 -8.79
N LYS A 43 -4.92 -4.25 -8.74
CA LYS A 43 -4.89 -3.44 -9.95
C LYS A 43 -3.53 -3.51 -10.63
N SER A 44 -2.48 -3.23 -9.86
CA SER A 44 -1.11 -3.26 -10.39
C SER A 44 -0.10 -3.31 -9.25
N CYS A 45 1.01 -4.00 -9.49
CA CYS A 45 2.06 -4.12 -8.49
C CYS A 45 3.42 -3.73 -9.07
N LYS A 46 4.13 -2.87 -8.36
CA LYS A 46 5.44 -2.40 -8.82
C LYS A 46 6.50 -2.69 -7.76
N MET A 47 7.39 -3.63 -8.06
CA MET A 47 8.46 -4.00 -7.14
C MET A 47 9.72 -3.18 -7.42
N ILE A 48 10.13 -2.40 -6.43
CA ILE A 48 11.32 -1.57 -6.55
C ILE A 48 12.47 -2.10 -5.70
N THR A 49 13.59 -2.40 -6.36
CA THR A 49 14.76 -2.92 -5.66
C THR A 49 15.99 -2.08 -5.95
N GLU A 50 15.81 -0.76 -6.03
CA GLU A 50 16.90 0.15 -6.30
C GLU A 50 17.87 0.21 -5.12
N HIS A 51 17.34 0.45 -3.93
CA HIS A 51 18.16 0.54 -2.73
C HIS A 51 18.65 -0.85 -2.32
N THR A 52 19.77 -1.27 -2.91
CA THR A 52 20.34 -2.57 -2.60
C THR A 52 20.89 -2.62 -1.18
N SER A 53 21.09 -1.44 -0.59
CA SER A 53 21.61 -1.35 0.78
C SER A 53 20.62 -1.95 1.77
N ASN A 54 19.36 -1.53 1.67
CA ASN A 54 18.32 -2.03 2.57
C ASN A 54 17.34 -2.92 1.83
N ASP A 55 16.56 -3.70 2.57
CA ASP A 55 15.57 -4.58 1.98
C ASP A 55 14.73 -3.86 0.94
N PRO A 56 14.37 -4.57 -0.14
CA PRO A 56 13.56 -4.01 -1.23
C PRO A 56 12.12 -3.75 -0.80
N TYR A 57 11.34 -3.16 -1.70
CA TYR A 57 9.94 -2.85 -1.41
C TYR A 57 9.13 -2.81 -2.70
N CYS A 58 7.82 -3.08 -2.56
CA CYS A 58 6.93 -3.08 -3.72
C CYS A 58 5.58 -2.44 -3.36
N PHE A 59 4.91 -1.92 -4.37
CA PHE A 59 3.61 -1.27 -4.16
C PHE A 59 2.47 -2.16 -4.66
N VAL A 60 1.39 -2.21 -3.90
CA VAL A 60 0.23 -3.02 -4.27
C VAL A 60 -1.04 -2.19 -4.25
N GLU A 61 -1.64 -2.01 -5.42
CA GLU A 61 -2.88 -1.23 -5.54
C GLU A 61 -4.07 -2.14 -5.77
N PHE A 62 -5.16 -1.87 -5.07
CA PHE A 62 -6.38 -2.67 -5.20
C PHE A 62 -7.46 -1.90 -5.94
N TYR A 63 -8.49 -2.61 -6.40
CA TYR A 63 -9.58 -1.99 -7.12
C TYR A 63 -10.49 -1.20 -6.18
N GLU A 64 -10.73 -1.77 -5.00
CA GLU A 64 -11.57 -1.12 -4.00
C GLU A 64 -10.79 -0.81 -2.72
N HIS A 65 -11.32 0.08 -1.91
CA HIS A 65 -10.67 0.45 -0.65
C HIS A 65 -10.81 -0.67 0.38
N ARG A 66 -11.94 -1.35 0.37
CA ARG A 66 -12.19 -2.43 1.30
C ARG A 66 -11.15 -3.53 1.16
N ASP A 67 -10.78 -3.84 -0.07
CA ASP A 67 -9.79 -4.87 -0.35
C ASP A 67 -8.41 -4.44 0.14
N ALA A 68 -8.04 -3.20 -0.16
CA ALA A 68 -6.75 -2.66 0.25
C ALA A 68 -6.58 -2.73 1.76
N ALA A 69 -7.63 -2.36 2.49
CA ALA A 69 -7.60 -2.37 3.95
C ALA A 69 -7.55 -3.80 4.47
N ALA A 70 -8.33 -4.69 3.86
CA ALA A 70 -8.36 -6.09 4.27
C ALA A 70 -7.01 -6.77 4.04
N ALA A 71 -6.43 -6.52 2.87
CA ALA A 71 -5.14 -7.10 2.53
C ALA A 71 -4.01 -6.45 3.33
N LEU A 72 -4.15 -5.16 3.60
CA LEU A 72 -3.15 -4.42 4.36
C LEU A 72 -2.97 -5.03 5.75
N ALA A 73 -4.07 -5.22 6.46
CA ALA A 73 -4.03 -5.80 7.80
C ALA A 73 -3.60 -7.26 7.75
N ALA A 74 -4.13 -8.00 6.78
CA ALA A 74 -3.80 -9.41 6.63
C ALA A 74 -2.35 -9.60 6.21
N MET A 75 -1.84 -8.64 5.44
CA MET A 75 -0.46 -8.69 4.97
C MET A 75 0.45 -7.87 5.87
N ASN A 76 -0.14 -7.04 6.71
CA ASN A 76 0.61 -6.19 7.62
C ASN A 76 1.53 -7.03 8.52
N GLY A 77 2.83 -6.99 8.23
CA GLY A 77 3.78 -7.75 9.02
C GLY A 77 3.60 -9.25 8.86
N ARG A 78 3.29 -9.68 7.65
CA ARG A 78 3.09 -11.09 7.35
C ARG A 78 4.42 -11.81 7.15
N LYS A 79 4.43 -13.12 7.32
CA LYS A 79 5.63 -13.92 7.15
C LYS A 79 5.70 -14.51 5.74
N ILE A 80 6.68 -14.06 4.97
CA ILE A 80 6.86 -14.55 3.61
C ILE A 80 8.32 -14.87 3.32
N LEU A 81 8.60 -16.13 3.01
CA LEU A 81 9.96 -16.56 2.71
C LEU A 81 10.88 -16.36 3.92
N GLY A 82 10.34 -16.63 5.10
CA GLY A 82 11.11 -16.49 6.33
C GLY A 82 11.38 -15.03 6.66
N LYS A 83 10.88 -14.13 5.84
CA LYS A 83 11.07 -12.70 6.05
C LYS A 83 9.73 -12.00 6.27
N GLU A 84 9.61 -11.30 7.39
CA GLU A 84 8.39 -10.58 7.71
C GLU A 84 8.27 -9.30 6.88
N VAL A 85 7.20 -9.22 6.09
CA VAL A 85 6.97 -8.04 5.25
C VAL A 85 6.06 -7.03 5.95
N LYS A 86 6.45 -5.76 5.88
CA LYS A 86 5.68 -4.70 6.50
C LYS A 86 4.79 -4.00 5.48
N VAL A 87 3.48 -3.99 5.74
CA VAL A 87 2.53 -3.36 4.85
C VAL A 87 1.81 -2.21 5.54
N ASN A 88 1.80 -1.05 4.88
CA ASN A 88 1.15 0.14 5.44
C ASN A 88 0.48 0.96 4.33
N TRP A 89 -0.38 1.88 4.74
CA TRP A 89 -1.08 2.73 3.78
C TRP A 89 -0.11 3.66 3.06
N ALA A 90 -0.06 3.54 1.73
CA ALA A 90 0.82 4.36 0.93
C ALA A 90 0.24 5.76 0.73
N THR A 91 -1.00 5.82 0.27
CA THR A 91 -1.68 7.09 0.04
C THR A 91 -2.39 7.57 1.29
N THR A 92 -1.72 8.41 2.07
CA THR A 92 -2.30 8.94 3.30
C THR A 92 -3.39 9.96 3.00
N PRO A 93 -4.37 10.07 3.91
CA PRO A 93 -5.48 11.01 3.76
C PRO A 93 -5.04 12.47 3.93
N SER A 94 -6.00 13.38 3.86
CA SER A 94 -5.72 14.80 4.00
C SER A 94 -6.43 15.39 5.22
N SER A 95 -5.76 16.31 5.89
CA SER A 95 -6.32 16.95 7.07
C SER A 95 -6.58 18.44 6.82
N GLN A 96 -7.68 18.94 7.35
CA GLN A 96 -8.05 20.34 7.18
C GLN A 96 -7.63 21.16 8.40
N LYS A 97 -6.68 22.07 8.19
CA LYS A 97 -6.19 22.92 9.28
C LYS A 97 -7.34 23.48 10.10
N SER A 98 -8.35 24.00 9.40
CA SER A 98 -9.53 24.57 10.06
C SER A 98 -10.48 23.47 10.53
N GLY A 99 -10.87 22.61 9.60
CA GLY A 99 -11.77 21.53 9.92
C GLY A 99 -12.62 21.10 8.74
N PRO A 100 -13.55 20.15 8.97
CA PRO A 100 -14.44 19.64 7.94
C PRO A 100 -15.47 20.66 7.50
N SER A 101 -15.40 21.86 8.08
CA SER A 101 -16.33 22.93 7.76
C SER A 101 -16.74 22.87 6.29
N SER A 102 -15.75 22.78 5.41
CA SER A 102 -16.00 22.73 3.98
C SER A 102 -16.43 21.31 3.56
N GLY A 103 -17.52 21.24 2.80
CA GLY A 103 -18.02 19.95 2.35
C GLY A 103 -18.55 19.11 3.49
N GLY A 1 1.91 21.99 21.34
CA GLY A 1 1.73 21.13 22.50
C GLY A 1 1.08 19.81 22.14
N SER A 2 1.81 18.97 21.40
CA SER A 2 1.30 17.67 20.99
C SER A 2 0.01 17.83 20.17
N SER A 3 -0.01 18.83 19.30
CA SER A 3 -1.17 19.09 18.46
C SER A 3 -0.76 19.34 17.02
N GLY A 4 -1.61 18.93 16.08
CA GLY A 4 -1.32 19.12 14.67
C GLY A 4 -2.26 20.10 14.01
N SER A 5 -1.86 21.38 14.00
CA SER A 5 -2.69 22.42 13.40
C SER A 5 -3.05 22.06 11.95
N SER A 6 -2.07 21.59 11.20
CA SER A 6 -2.29 21.21 9.81
C SER A 6 -1.65 19.86 9.50
N GLY A 7 -2.08 19.25 8.41
CA GLY A 7 -1.53 17.95 8.02
C GLY A 7 -2.62 16.94 7.70
N MET A 8 -3.51 17.31 6.78
CA MET A 8 -4.60 16.43 6.38
C MET A 8 -4.23 15.65 5.12
N MET A 9 -5.03 14.62 4.82
CA MET A 9 -4.78 13.80 3.64
C MET A 9 -5.48 14.38 2.41
N GLU A 10 -4.74 14.47 1.30
CA GLU A 10 -5.28 15.01 0.07
C GLU A 10 -5.47 13.91 -0.97
N ASP A 11 -6.61 13.25 -0.91
CA ASP A 11 -6.92 12.17 -1.85
C ASP A 11 -8.33 12.33 -2.43
N ASP A 12 -8.64 11.54 -3.45
CA ASP A 12 -9.94 11.60 -4.09
C ASP A 12 -11.04 11.24 -3.09
N GLY A 13 -10.99 10.02 -2.56
CA GLY A 13 -11.99 9.58 -1.61
C GLY A 13 -11.45 8.56 -0.63
N GLN A 14 -10.84 7.51 -1.16
CA GLN A 14 -10.27 6.46 -0.32
C GLN A 14 -9.00 5.90 -0.93
N PRO A 15 -8.01 5.59 -0.07
CA PRO A 15 -6.72 5.05 -0.51
C PRO A 15 -6.83 3.62 -1.03
N ARG A 16 -6.15 3.34 -2.13
CA ARG A 16 -6.18 2.01 -2.73
C ARG A 16 -4.77 1.49 -2.98
N THR A 17 -3.79 2.19 -2.43
CA THR A 17 -2.38 1.81 -2.59
C THR A 17 -1.75 1.46 -1.24
N LEU A 18 -1.01 0.37 -1.21
CA LEU A 18 -0.34 -0.07 0.02
C LEU A 18 1.16 -0.25 -0.21
N TYR A 19 1.95 0.25 0.72
CA TYR A 19 3.40 0.14 0.63
C TYR A 19 3.90 -1.12 1.31
N VAL A 20 4.66 -1.93 0.57
CA VAL A 20 5.20 -3.18 1.10
C VAL A 20 6.71 -3.11 1.23
N GLY A 21 7.21 -3.24 2.46
CA GLY A 21 8.64 -3.19 2.69
C GLY A 21 9.16 -4.42 3.39
N ASN A 22 10.48 -4.55 3.48
CA ASN A 22 11.10 -5.70 4.13
C ASN A 22 10.81 -6.98 3.37
N LEU A 23 11.08 -6.96 2.07
CA LEU A 23 10.85 -8.13 1.23
C LEU A 23 12.15 -8.88 0.96
N SER A 24 12.12 -10.20 1.16
CA SER A 24 13.30 -11.03 0.94
C SER A 24 13.78 -10.92 -0.50
N ARG A 25 15.06 -11.21 -0.72
CA ARG A 25 15.64 -11.14 -2.04
C ARG A 25 15.01 -12.18 -2.97
N ASP A 26 14.19 -13.05 -2.39
CA ASP A 26 13.50 -14.09 -3.16
C ASP A 26 12.12 -13.63 -3.59
N VAL A 27 11.59 -12.63 -2.89
CA VAL A 27 10.27 -12.10 -3.20
C VAL A 27 10.25 -11.45 -4.58
N THR A 28 9.18 -11.71 -5.34
CA THR A 28 9.04 -11.15 -6.67
C THR A 28 7.71 -10.44 -6.84
N GLU A 29 7.57 -9.69 -7.92
CA GLU A 29 6.34 -8.96 -8.19
C GLU A 29 5.16 -9.92 -8.33
N VAL A 30 5.36 -11.00 -9.06
CA VAL A 30 4.31 -12.00 -9.26
C VAL A 30 3.93 -12.67 -7.95
N LEU A 31 4.94 -12.98 -7.14
CA LEU A 31 4.72 -13.64 -5.86
C LEU A 31 3.80 -12.80 -4.97
N ILE A 32 4.12 -11.52 -4.83
CA ILE A 32 3.33 -10.61 -4.02
C ILE A 32 1.89 -10.55 -4.51
N LEU A 33 1.73 -10.41 -5.83
CA LEU A 33 0.40 -10.35 -6.42
C LEU A 33 -0.39 -11.61 -6.15
N GLN A 34 0.31 -12.74 -6.05
CA GLN A 34 -0.32 -14.03 -5.79
C GLN A 34 -0.89 -14.07 -4.37
N LEU A 35 -0.08 -13.66 -3.40
CA LEU A 35 -0.50 -13.65 -2.00
C LEU A 35 -1.61 -12.63 -1.78
N PHE A 36 -1.42 -11.43 -2.31
CA PHE A 36 -2.42 -10.37 -2.18
C PHE A 36 -3.67 -10.69 -2.97
N SER A 37 -3.50 -11.34 -4.11
CA SER A 37 -4.61 -11.70 -4.98
C SER A 37 -5.58 -12.64 -4.26
N GLN A 38 -5.03 -13.47 -3.39
CA GLN A 38 -5.84 -14.42 -2.63
C GLN A 38 -6.86 -13.69 -1.76
N ILE A 39 -6.49 -12.51 -1.30
CA ILE A 39 -7.38 -11.71 -0.45
C ILE A 39 -8.31 -10.85 -1.28
N GLY A 40 -7.75 -10.18 -2.30
CA GLY A 40 -8.55 -9.33 -3.16
C GLY A 40 -7.85 -9.03 -4.48
N PRO A 41 -8.60 -8.45 -5.42
CA PRO A 41 -8.07 -8.10 -6.75
C PRO A 41 -7.07 -6.96 -6.69
N CYS A 42 -5.90 -7.18 -7.28
CA CYS A 42 -4.86 -6.17 -7.29
C CYS A 42 -4.81 -5.45 -8.64
N LYS A 43 -5.07 -4.14 -8.62
CA LYS A 43 -5.07 -3.34 -9.83
C LYS A 43 -3.71 -3.42 -10.53
N SER A 44 -2.65 -3.23 -9.75
CA SER A 44 -1.29 -3.28 -10.30
C SER A 44 -0.26 -3.33 -9.18
N CYS A 45 0.86 -3.98 -9.44
CA CYS A 45 1.93 -4.11 -8.45
C CYS A 45 3.27 -3.68 -9.04
N LYS A 46 3.97 -2.81 -8.31
CA LYS A 46 5.27 -2.31 -8.76
C LYS A 46 6.35 -2.64 -7.74
N MET A 47 7.25 -3.55 -8.11
CA MET A 47 8.34 -3.94 -7.23
C MET A 47 9.60 -3.13 -7.52
N ILE A 48 10.08 -2.40 -6.51
CA ILE A 48 11.28 -1.59 -6.66
C ILE A 48 12.42 -2.13 -5.81
N THR A 49 13.50 -2.54 -6.47
CA THR A 49 14.67 -3.07 -5.79
C THR A 49 15.91 -2.23 -6.07
N GLU A 50 15.69 -0.95 -6.32
CA GLU A 50 16.81 -0.03 -6.61
C GLU A 50 17.82 -0.04 -5.46
N HIS A 51 17.31 -0.09 -4.24
CA HIS A 51 18.18 -0.10 -3.06
C HIS A 51 18.91 -1.43 -2.93
N THR A 52 20.17 -1.36 -2.49
CA THR A 52 20.98 -2.57 -2.33
C THR A 52 21.26 -2.84 -0.87
N SER A 53 21.63 -1.80 -0.13
CA SER A 53 21.93 -1.93 1.29
C SER A 53 20.69 -2.32 2.08
N ASN A 54 19.61 -1.57 1.87
CA ASN A 54 18.35 -1.86 2.57
C ASN A 54 17.49 -2.84 1.78
N ASP A 55 16.57 -3.50 2.46
CA ASP A 55 15.69 -4.46 1.82
C ASP A 55 14.81 -3.79 0.77
N PRO A 56 14.42 -4.55 -0.25
CA PRO A 56 13.57 -4.06 -1.34
C PRO A 56 12.14 -3.77 -0.87
N TYR A 57 11.34 -3.20 -1.77
CA TYR A 57 9.95 -2.88 -1.46
C TYR A 57 9.10 -2.83 -2.73
N CYS A 58 7.81 -3.08 -2.57
CA CYS A 58 6.89 -3.07 -3.71
C CYS A 58 5.56 -2.44 -3.31
N PHE A 59 4.82 -1.96 -4.31
CA PHE A 59 3.53 -1.33 -4.07
C PHE A 59 2.39 -2.20 -4.61
N VAL A 60 1.31 -2.31 -3.83
CA VAL A 60 0.16 -3.11 -4.23
C VAL A 60 -1.11 -2.27 -4.23
N GLU A 61 -1.69 -2.10 -5.41
CA GLU A 61 -2.91 -1.32 -5.56
C GLU A 61 -4.12 -2.23 -5.75
N PHE A 62 -5.21 -1.92 -5.04
CA PHE A 62 -6.43 -2.72 -5.13
C PHE A 62 -7.53 -1.94 -5.85
N TYR A 63 -8.53 -2.67 -6.33
CA TYR A 63 -9.64 -2.06 -7.04
C TYR A 63 -10.55 -1.29 -6.07
N GLU A 64 -10.77 -1.87 -4.90
CA GLU A 64 -11.62 -1.24 -3.89
C GLU A 64 -10.82 -0.95 -2.62
N HIS A 65 -11.34 -0.03 -1.81
CA HIS A 65 -10.68 0.34 -0.56
C HIS A 65 -10.82 -0.78 0.48
N ARG A 66 -11.93 -1.50 0.43
CA ARG A 66 -12.18 -2.59 1.36
C ARG A 66 -11.13 -3.68 1.21
N ASP A 67 -10.75 -3.98 -0.03
CA ASP A 67 -9.74 -4.99 -0.30
C ASP A 67 -8.36 -4.55 0.18
N ALA A 68 -8.02 -3.30 -0.12
CA ALA A 68 -6.74 -2.75 0.28
C ALA A 68 -6.55 -2.82 1.79
N ALA A 69 -7.60 -2.48 2.52
CA ALA A 69 -7.55 -2.51 3.99
C ALA A 69 -7.45 -3.93 4.51
N ALA A 70 -8.19 -4.84 3.89
CA ALA A 70 -8.19 -6.24 4.29
C ALA A 70 -6.83 -6.87 4.04
N ALA A 71 -6.28 -6.65 2.84
CA ALA A 71 -4.98 -7.19 2.48
C ALA A 71 -3.86 -6.52 3.26
N LEU A 72 -4.04 -5.22 3.54
CA LEU A 72 -3.05 -4.46 4.28
C LEU A 72 -2.83 -5.04 5.68
N ALA A 73 -3.93 -5.24 6.39
CA ALA A 73 -3.87 -5.79 7.74
C ALA A 73 -3.42 -7.25 7.72
N ALA A 74 -3.96 -8.01 6.76
CA ALA A 74 -3.61 -9.42 6.63
C ALA A 74 -2.14 -9.59 6.26
N MET A 75 -1.64 -8.72 5.40
CA MET A 75 -0.25 -8.77 4.97
C MET A 75 0.64 -7.95 5.89
N ASN A 76 0.03 -7.00 6.60
CA ASN A 76 0.77 -6.14 7.52
C ASN A 76 1.65 -6.97 8.45
N GLY A 77 2.96 -6.93 8.21
CA GLY A 77 3.88 -7.68 9.04
C GLY A 77 3.66 -9.18 8.94
N ARG A 78 3.21 -9.64 7.78
CA ARG A 78 2.95 -11.06 7.57
C ARG A 78 4.23 -11.79 7.17
N LYS A 79 4.30 -13.07 7.51
CA LYS A 79 5.47 -13.88 7.18
C LYS A 79 5.42 -14.33 5.72
N ILE A 80 6.43 -13.91 4.96
CA ILE A 80 6.51 -14.27 3.55
C ILE A 80 7.92 -14.72 3.17
N LEU A 81 8.05 -15.96 2.70
CA LEU A 81 9.34 -16.49 2.31
C LEU A 81 10.31 -16.51 3.49
N GLY A 82 9.77 -16.73 4.69
CA GLY A 82 10.60 -16.77 5.87
C GLY A 82 10.97 -15.38 6.37
N LYS A 83 10.47 -14.35 5.68
CA LYS A 83 10.75 -12.97 6.05
C LYS A 83 9.45 -12.19 6.25
N GLU A 84 9.33 -11.56 7.41
CA GLU A 84 8.14 -10.77 7.72
C GLU A 84 8.12 -9.47 6.91
N VAL A 85 7.07 -9.29 6.11
CA VAL A 85 6.94 -8.09 5.29
C VAL A 85 6.05 -7.06 5.97
N LYS A 86 6.46 -5.80 5.93
CA LYS A 86 5.71 -4.71 6.53
C LYS A 86 4.85 -3.99 5.49
N VAL A 87 3.54 -4.00 5.71
CA VAL A 87 2.62 -3.35 4.79
C VAL A 87 1.85 -2.22 5.49
N ASN A 88 1.85 -1.04 4.87
CA ASN A 88 1.17 0.12 5.42
C ASN A 88 0.48 0.92 4.32
N TRP A 89 -0.39 1.84 4.73
CA TRP A 89 -1.11 2.68 3.79
C TRP A 89 -0.16 3.66 3.09
N ALA A 90 -0.07 3.55 1.77
CA ALA A 90 0.80 4.42 1.00
C ALA A 90 0.23 5.83 0.91
N THR A 91 0.65 6.69 1.83
CA THR A 91 0.17 8.06 1.87
C THR A 91 1.25 9.02 1.36
N THR A 92 0.93 9.74 0.27
CA THR A 92 1.87 10.68 -0.31
C THR A 92 1.96 11.96 0.54
N PRO A 93 3.17 12.54 0.58
CA PRO A 93 3.42 13.77 1.35
C PRO A 93 2.74 14.98 0.74
N SER A 94 2.25 14.83 -0.49
CA SER A 94 1.58 15.92 -1.19
C SER A 94 0.48 16.53 -0.32
N SER A 95 0.56 17.84 -0.12
CA SER A 95 -0.43 18.53 0.70
C SER A 95 -0.83 19.86 0.04
N GLN A 96 -1.95 20.42 0.50
CA GLN A 96 -2.45 21.67 -0.05
C GLN A 96 -1.50 22.82 0.29
N LYS A 97 -1.06 22.87 1.53
CA LYS A 97 -0.15 23.92 1.98
C LYS A 97 1.15 23.32 2.49
N SER A 98 2.22 23.49 1.70
CA SER A 98 3.53 22.96 2.07
C SER A 98 4.28 23.96 2.94
N GLY A 99 4.54 23.57 4.19
CA GLY A 99 5.25 24.44 5.11
C GLY A 99 4.34 25.42 5.81
N PRO A 100 3.36 24.89 6.57
CA PRO A 100 2.40 25.70 7.31
C PRO A 100 3.05 26.45 8.48
N SER A 101 3.09 27.77 8.38
CA SER A 101 3.69 28.58 9.43
C SER A 101 2.72 28.77 10.60
N SER A 102 1.44 28.91 10.27
CA SER A 102 0.41 29.09 11.29
C SER A 102 -0.92 28.50 10.84
N GLY A 103 -1.36 27.46 11.54
CA GLY A 103 -2.61 26.80 11.19
C GLY A 103 -3.76 27.26 12.06
N GLY A 1 -14.83 23.24 -10.64
CA GLY A 1 -15.85 23.24 -11.67
C GLY A 1 -17.08 22.46 -11.26
N SER A 2 -16.87 21.30 -10.65
CA SER A 2 -17.98 20.46 -10.21
C SER A 2 -18.88 21.21 -9.23
N SER A 3 -20.17 21.28 -9.55
CA SER A 3 -21.13 21.97 -8.71
C SER A 3 -22.25 21.04 -8.27
N GLY A 4 -22.33 20.78 -6.97
CA GLY A 4 -23.36 19.90 -6.46
C GLY A 4 -23.93 20.39 -5.14
N SER A 5 -25.15 20.94 -5.19
CA SER A 5 -25.80 21.46 -3.99
C SER A 5 -26.34 20.30 -3.14
N SER A 6 -27.29 19.56 -3.69
CA SER A 6 -27.90 18.44 -2.99
C SER A 6 -27.07 17.17 -3.16
N GLY A 7 -26.36 16.79 -2.10
CA GLY A 7 -25.54 15.60 -2.16
C GLY A 7 -24.28 15.73 -1.32
N MET A 8 -23.84 14.62 -0.73
CA MET A 8 -22.65 14.62 0.11
C MET A 8 -21.49 13.94 -0.61
N MET A 9 -21.07 14.51 -1.73
CA MET A 9 -19.97 13.96 -2.51
C MET A 9 -18.66 14.65 -2.16
N GLU A 10 -18.36 14.72 -0.87
CA GLU A 10 -17.13 15.36 -0.41
C GLU A 10 -16.09 14.32 -0.04
N ASP A 11 -15.99 13.27 -0.85
CA ASP A 11 -15.03 12.20 -0.61
C ASP A 11 -13.60 12.69 -0.84
N ASP A 12 -12.74 12.49 0.17
CA ASP A 12 -11.35 12.92 0.07
C ASP A 12 -10.61 12.11 -0.99
N GLY A 13 -10.67 10.79 -0.85
CA GLY A 13 -9.99 9.92 -1.81
C GLY A 13 -9.51 8.63 -1.17
N GLN A 14 -10.44 7.80 -0.74
CA GLN A 14 -10.09 6.53 -0.10
C GLN A 14 -8.83 5.93 -0.73
N PRO A 15 -7.84 5.60 0.12
CA PRO A 15 -6.58 5.02 -0.33
C PRO A 15 -6.75 3.60 -0.85
N ARG A 16 -6.11 3.30 -1.98
CA ARG A 16 -6.19 1.98 -2.58
C ARG A 16 -4.79 1.43 -2.87
N THR A 17 -3.78 2.12 -2.38
CA THR A 17 -2.39 1.70 -2.58
C THR A 17 -1.71 1.39 -1.25
N LEU A 18 -0.94 0.31 -1.23
CA LEU A 18 -0.23 -0.10 -0.02
C LEU A 18 1.25 -0.29 -0.31
N TYR A 19 2.10 0.06 0.66
CA TYR A 19 3.54 -0.08 0.51
C TYR A 19 4.04 -1.32 1.25
N VAL A 20 4.70 -2.21 0.52
CA VAL A 20 5.24 -3.43 1.09
C VAL A 20 6.75 -3.36 1.24
N GLY A 21 7.23 -3.46 2.47
CA GLY A 21 8.66 -3.40 2.73
C GLY A 21 9.16 -4.60 3.49
N ASN A 22 10.48 -4.76 3.56
CA ASN A 22 11.09 -5.88 4.27
C ASN A 22 10.88 -7.18 3.51
N LEU A 23 10.99 -7.11 2.20
CA LEU A 23 10.82 -8.28 1.35
C LEU A 23 12.17 -8.95 1.05
N SER A 24 12.18 -10.28 1.04
CA SER A 24 13.39 -11.03 0.77
C SER A 24 13.81 -10.89 -0.69
N ARG A 25 15.12 -10.89 -0.93
CA ARG A 25 15.65 -10.75 -2.27
C ARG A 25 14.99 -11.75 -3.23
N ASP A 26 14.41 -12.80 -2.66
CA ASP A 26 13.74 -13.83 -3.44
C ASP A 26 12.35 -13.37 -3.87
N VAL A 27 11.67 -12.65 -2.98
CA VAL A 27 10.33 -12.15 -3.26
C VAL A 27 10.27 -11.48 -4.64
N THR A 28 9.20 -11.76 -5.37
CA THR A 28 9.03 -11.19 -6.71
C THR A 28 7.68 -10.49 -6.82
N GLU A 29 7.53 -9.68 -7.86
CA GLU A 29 6.29 -8.94 -8.10
C GLU A 29 5.11 -9.90 -8.23
N VAL A 30 5.30 -10.96 -9.00
CA VAL A 30 4.25 -11.95 -9.21
C VAL A 30 3.89 -12.65 -7.91
N LEU A 31 4.88 -12.90 -7.07
CA LEU A 31 4.66 -13.57 -5.80
C LEU A 31 3.73 -12.75 -4.92
N ILE A 32 4.04 -11.48 -4.75
CA ILE A 32 3.22 -10.59 -3.93
C ILE A 32 1.78 -10.54 -4.44
N LEU A 33 1.62 -10.36 -5.75
CA LEU A 33 0.30 -10.31 -6.36
C LEU A 33 -0.47 -11.59 -6.11
N GLN A 34 0.26 -12.70 -6.01
CA GLN A 34 -0.36 -14.01 -5.76
C GLN A 34 -0.96 -14.07 -4.36
N LEU A 35 -0.15 -13.70 -3.36
CA LEU A 35 -0.60 -13.73 -1.98
C LEU A 35 -1.70 -12.70 -1.75
N PHE A 36 -1.48 -11.48 -2.24
CA PHE A 36 -2.46 -10.41 -2.09
C PHE A 36 -3.72 -10.71 -2.89
N SER A 37 -3.55 -11.37 -4.02
CA SER A 37 -4.68 -11.71 -4.88
C SER A 37 -5.68 -12.59 -4.14
N GLN A 38 -5.16 -13.53 -3.35
CA GLN A 38 -6.02 -14.44 -2.59
C GLN A 38 -7.02 -13.66 -1.75
N ILE A 39 -6.66 -12.44 -1.38
CA ILE A 39 -7.54 -11.59 -0.58
C ILE A 39 -8.47 -10.79 -1.45
N GLY A 40 -7.92 -10.10 -2.44
CA GLY A 40 -8.72 -9.29 -3.34
C GLY A 40 -8.03 -9.04 -4.67
N PRO A 41 -8.79 -8.47 -5.63
CA PRO A 41 -8.26 -8.16 -6.97
C PRO A 41 -7.25 -7.02 -6.94
N CYS A 42 -6.05 -7.29 -7.43
CA CYS A 42 -4.99 -6.29 -7.47
C CYS A 42 -4.93 -5.60 -8.83
N LYS A 43 -5.04 -4.28 -8.82
CA LYS A 43 -4.99 -3.50 -10.05
C LYS A 43 -3.62 -3.59 -10.71
N SER A 44 -2.58 -3.26 -9.95
CA SER A 44 -1.22 -3.30 -10.46
C SER A 44 -0.21 -3.30 -9.32
N CYS A 45 0.91 -4.00 -9.52
CA CYS A 45 1.94 -4.09 -8.50
C CYS A 45 3.30 -3.70 -9.08
N LYS A 46 4.00 -2.80 -8.39
CA LYS A 46 5.31 -2.35 -8.84
C LYS A 46 6.37 -2.60 -7.76
N MET A 47 7.27 -3.54 -8.03
CA MET A 47 8.32 -3.88 -7.09
C MET A 47 9.58 -3.05 -7.36
N ILE A 48 9.98 -2.26 -6.37
CA ILE A 48 11.16 -1.41 -6.51
C ILE A 48 12.32 -1.94 -5.66
N THR A 49 13.39 -2.34 -6.32
CA THR A 49 14.57 -2.86 -5.63
C THR A 49 15.84 -2.17 -6.10
N GLU A 50 15.69 -1.02 -6.75
CA GLU A 50 16.83 -0.27 -7.26
C GLU A 50 17.25 0.81 -6.27
N HIS A 51 16.28 1.32 -5.52
CA HIS A 51 16.56 2.36 -4.52
C HIS A 51 16.41 1.82 -3.11
N THR A 52 16.85 0.57 -2.90
CA THR A 52 16.75 -0.06 -1.60
C THR A 52 18.10 -0.05 -0.89
N SER A 53 18.15 0.62 0.27
CA SER A 53 19.38 0.71 1.04
C SER A 53 19.66 -0.60 1.78
N ASN A 54 18.59 -1.23 2.28
CA ASN A 54 18.73 -2.48 3.01
C ASN A 54 17.83 -3.56 2.39
N ASP A 55 16.52 -3.40 2.55
CA ASP A 55 15.56 -4.35 2.00
C ASP A 55 14.70 -3.70 0.93
N PRO A 56 14.34 -4.48 -0.10
CA PRO A 56 13.51 -4.00 -1.21
C PRO A 56 12.08 -3.74 -0.79
N TYR A 57 11.29 -3.17 -1.69
CA TYR A 57 9.89 -2.85 -1.41
C TYR A 57 9.07 -2.85 -2.69
N CYS A 58 7.78 -3.13 -2.55
CA CYS A 58 6.88 -3.16 -3.70
C CYS A 58 5.54 -2.50 -3.37
N PHE A 59 4.87 -1.98 -4.39
CA PHE A 59 3.58 -1.32 -4.20
C PHE A 59 2.43 -2.22 -4.67
N VAL A 60 1.35 -2.24 -3.90
CA VAL A 60 0.19 -3.05 -4.24
C VAL A 60 -1.08 -2.20 -4.27
N GLU A 61 -1.67 -2.08 -5.46
CA GLU A 61 -2.89 -1.30 -5.64
C GLU A 61 -4.10 -2.21 -5.78
N PHE A 62 -5.18 -1.86 -5.09
CA PHE A 62 -6.41 -2.65 -5.14
C PHE A 62 -7.52 -1.87 -5.86
N TYR A 63 -8.53 -2.60 -6.33
CA TYR A 63 -9.65 -1.99 -7.03
C TYR A 63 -10.45 -1.09 -6.09
N GLU A 64 -10.71 -1.59 -4.88
CA GLU A 64 -11.47 -0.83 -3.89
C GLU A 64 -10.67 -0.68 -2.60
N HIS A 65 -11.14 0.20 -1.72
CA HIS A 65 -10.48 0.43 -0.44
C HIS A 65 -10.71 -0.73 0.51
N ARG A 66 -11.87 -1.38 0.38
CA ARG A 66 -12.21 -2.51 1.24
C ARG A 66 -11.19 -3.63 1.09
N ASP A 67 -10.74 -3.85 -0.14
CA ASP A 67 -9.76 -4.91 -0.41
C ASP A 67 -8.37 -4.50 0.09
N ALA A 68 -7.98 -3.27 -0.21
CA ALA A 68 -6.68 -2.76 0.20
C ALA A 68 -6.54 -2.80 1.73
N ALA A 69 -7.59 -2.41 2.43
CA ALA A 69 -7.58 -2.41 3.89
C ALA A 69 -7.56 -3.83 4.44
N ALA A 70 -8.34 -4.71 3.83
CA ALA A 70 -8.40 -6.10 4.25
C ALA A 70 -7.06 -6.80 4.04
N ALA A 71 -6.46 -6.58 2.88
CA ALA A 71 -5.17 -7.19 2.54
C ALA A 71 -4.05 -6.53 3.33
N LEU A 72 -4.17 -5.22 3.57
CA LEU A 72 -3.15 -4.48 4.30
C LEU A 72 -2.96 -5.06 5.70
N ALA A 73 -4.07 -5.23 6.42
CA ALA A 73 -4.02 -5.79 7.77
C ALA A 73 -3.62 -7.25 7.75
N ALA A 74 -4.16 -8.00 6.80
CA ALA A 74 -3.86 -9.42 6.67
C ALA A 74 -2.39 -9.63 6.26
N MET A 75 -1.85 -8.68 5.52
CA MET A 75 -0.47 -8.76 5.07
C MET A 75 0.45 -7.95 5.97
N ASN A 76 -0.15 -7.08 6.79
CA ASN A 76 0.62 -6.25 7.71
C ASN A 76 1.51 -7.10 8.61
N GLY A 77 2.80 -7.10 8.31
CA GLY A 77 3.74 -7.88 9.11
C GLY A 77 3.58 -9.37 8.91
N ARG A 78 3.19 -9.76 7.70
CA ARG A 78 2.99 -11.17 7.37
C ARG A 78 4.32 -11.88 7.19
N LYS A 79 4.30 -13.20 7.27
CA LYS A 79 5.51 -13.99 7.10
C LYS A 79 5.61 -14.55 5.68
N ILE A 80 6.62 -14.10 4.94
CA ILE A 80 6.83 -14.55 3.57
C ILE A 80 8.29 -14.93 3.32
N LEU A 81 8.53 -16.18 3.00
CA LEU A 81 9.88 -16.66 2.74
C LEU A 81 10.76 -16.52 3.98
N GLY A 82 10.18 -16.79 5.14
CA GLY A 82 10.93 -16.68 6.38
C GLY A 82 11.24 -15.25 6.75
N LYS A 83 10.76 -14.32 5.93
CA LYS A 83 11.00 -12.90 6.19
C LYS A 83 9.67 -12.17 6.36
N GLU A 84 9.52 -11.49 7.51
CA GLU A 84 8.31 -10.74 7.79
C GLU A 84 8.24 -9.47 6.96
N VAL A 85 7.14 -9.31 6.21
CA VAL A 85 6.95 -8.15 5.37
C VAL A 85 6.04 -7.12 6.05
N LYS A 86 6.44 -5.86 5.99
CA LYS A 86 5.67 -4.78 6.60
C LYS A 86 4.82 -4.07 5.54
N VAL A 87 3.52 -4.03 5.78
CA VAL A 87 2.60 -3.37 4.86
C VAL A 87 1.91 -2.19 5.53
N ASN A 88 1.96 -1.03 4.88
CA ASN A 88 1.34 0.18 5.40
C ASN A 88 0.67 0.98 4.28
N TRP A 89 -0.25 1.86 4.66
CA TRP A 89 -0.96 2.69 3.70
C TRP A 89 0.01 3.60 2.95
N ALA A 90 0.07 3.43 1.62
CA ALA A 90 0.95 4.23 0.78
C ALA A 90 0.46 5.67 0.69
N THR A 91 1.36 6.58 0.34
CA THR A 91 1.03 8.00 0.22
C THR A 91 0.41 8.30 -1.13
N THR A 92 -0.23 9.46 -1.24
CA THR A 92 -0.86 9.87 -2.49
C THR A 92 -0.22 11.14 -3.04
N PRO A 93 -0.15 11.22 -4.38
CA PRO A 93 0.44 12.38 -5.06
C PRO A 93 -0.42 13.64 -4.93
N SER A 94 -1.58 13.49 -4.29
CA SER A 94 -2.49 14.61 -4.09
C SER A 94 -2.53 15.03 -2.63
N SER A 95 -1.75 16.04 -2.28
CA SER A 95 -1.69 16.54 -0.91
C SER A 95 -2.35 17.90 -0.80
N GLN A 96 -2.61 18.33 0.44
CA GLN A 96 -3.24 19.62 0.68
C GLN A 96 -2.79 20.21 2.01
N LYS A 97 -3.08 21.49 2.21
CA LYS A 97 -2.70 22.17 3.45
C LYS A 97 -3.48 23.48 3.61
N SER A 98 -4.08 23.67 4.78
CA SER A 98 -4.85 24.87 5.05
C SER A 98 -4.03 26.12 4.75
N GLY A 99 -2.77 26.11 5.17
CA GLY A 99 -1.89 27.24 4.94
C GLY A 99 -1.26 27.76 6.21
N PRO A 100 -1.89 28.78 6.82
CA PRO A 100 -1.41 29.39 8.06
C PRO A 100 -1.55 28.45 9.26
N SER A 101 -0.54 27.62 9.49
CA SER A 101 -0.57 26.68 10.60
C SER A 101 0.84 26.48 11.17
N SER A 102 0.99 26.70 12.47
CA SER A 102 2.28 26.55 13.13
C SER A 102 3.29 27.55 12.58
N GLY A 103 2.85 28.78 12.38
CA GLY A 103 3.73 29.81 11.86
C GLY A 103 4.49 30.53 12.96
#